data_2ACY
# 
_entry.id   2ACY 
# 
_audit_conform.dict_name       mmcif_pdbx.dic 
_audit_conform.dict_version    5.387 
_audit_conform.dict_location   http://mmcif.pdb.org/dictionaries/ascii/mmcif_pdbx.dic 
# 
loop_
_database_2.database_id 
_database_2.database_code 
_database_2.pdbx_database_accession 
_database_2.pdbx_DOI 
PDB   2ACY         pdb_00002acy 10.2210/pdb2acy/pdb 
WWPDB D_1000177741 ?            ?                   
# 
loop_
_pdbx_audit_revision_history.ordinal 
_pdbx_audit_revision_history.data_content_type 
_pdbx_audit_revision_history.major_revision 
_pdbx_audit_revision_history.minor_revision 
_pdbx_audit_revision_history.revision_date 
1 'Structure model' 1 0 1997-11-12 
2 'Structure model' 1 1 2008-03-24 
3 'Structure model' 1 2 2011-07-13 
4 'Structure model' 1 3 2018-03-07 
5 'Structure model' 1 4 2024-02-14 
# 
_pdbx_audit_revision_details.ordinal             1 
_pdbx_audit_revision_details.revision_ordinal    1 
_pdbx_audit_revision_details.data_content_type   'Structure model' 
_pdbx_audit_revision_details.provider            repository 
_pdbx_audit_revision_details.type                'Initial release' 
_pdbx_audit_revision_details.description         ? 
_pdbx_audit_revision_details.details             ? 
# 
loop_
_pdbx_audit_revision_group.ordinal 
_pdbx_audit_revision_group.revision_ordinal 
_pdbx_audit_revision_group.data_content_type 
_pdbx_audit_revision_group.group 
1 2 'Structure model' 'Version format compliance' 
2 3 'Structure model' 'Version format compliance' 
3 4 'Structure model' 'Data collection'           
4 5 'Structure model' 'Data collection'           
5 5 'Structure model' 'Database references'       
6 5 'Structure model' 'Derived calculations'      
# 
loop_
_pdbx_audit_revision_category.ordinal 
_pdbx_audit_revision_category.revision_ordinal 
_pdbx_audit_revision_category.data_content_type 
_pdbx_audit_revision_category.category 
1 4 'Structure model' diffrn_source  
2 5 'Structure model' chem_comp_atom 
3 5 'Structure model' chem_comp_bond 
4 5 'Structure model' database_2     
5 5 'Structure model' struct_site    
# 
loop_
_pdbx_audit_revision_item.ordinal 
_pdbx_audit_revision_item.revision_ordinal 
_pdbx_audit_revision_item.data_content_type 
_pdbx_audit_revision_item.item 
1 4 'Structure model' '_diffrn_source.source'               
2 5 'Structure model' '_database_2.pdbx_DOI'                
3 5 'Structure model' '_database_2.pdbx_database_accession' 
4 5 'Structure model' '_struct_site.pdbx_auth_asym_id'      
5 5 'Structure model' '_struct_site.pdbx_auth_comp_id'      
6 5 'Structure model' '_struct_site.pdbx_auth_seq_id'       
# 
_pdbx_database_status.status_code                     REL 
_pdbx_database_status.entry_id                        2ACY 
_pdbx_database_status.recvd_initial_deposition_date   1996-11-08 
_pdbx_database_status.deposit_site                    ? 
_pdbx_database_status.process_site                    BNL 
_pdbx_database_status.SG_entry                        . 
_pdbx_database_status.pdb_format_compatible           Y 
_pdbx_database_status.status_code_mr                  ? 
_pdbx_database_status.status_code_sf                  ? 
_pdbx_database_status.status_code_cs                  ? 
_pdbx_database_status.methods_development_category    ? 
_pdbx_database_status.status_code_nmr_data            ? 
# 
loop_
_audit_author.name 
_audit_author.pdbx_ordinal 
'Thunnissen, M.M.G.M.' 1 
'Nordlund, P.'         2 
# 
_citation.id                        primary 
_citation.title                     'Crystal structure of common type acylphosphatase from bovine testis.' 
_citation.journal_abbrev            Structure 
_citation.journal_volume            5 
_citation.page_first                69 
_citation.page_last                 79 
_citation.year                      1997 
_citation.journal_id_ASTM           STRUE6 
_citation.country                   UK 
_citation.journal_id_ISSN           0969-2126 
_citation.journal_id_CSD            2005 
_citation.book_publisher            ? 
_citation.pdbx_database_id_PubMed   9016712 
_citation.pdbx_database_id_DOI      '10.1016/S0969-2126(97)00167-6' 
# 
loop_
_citation_author.citation_id 
_citation_author.name 
_citation_author.ordinal 
_citation_author.identifier_ORCID 
primary 'Thunnissen, M.M.' 1 ? 
primary 'Taddei, N.'       2 ? 
primary 'Liguri, G.'       3 ? 
primary 'Ramponi, G.'      4 ? 
primary 'Nordlund, P.'     5 ? 
# 
loop_
_entity.id 
_entity.type 
_entity.src_method 
_entity.pdbx_description 
_entity.formula_weight 
_entity.pdbx_number_of_molecules 
_entity.pdbx_ec 
_entity.pdbx_mutation 
_entity.pdbx_fragment 
_entity.details 
1 polymer     nat ACYLPHOSPHATASE 11098.529 1  3.6.1.7 ? ? ? 
2 non-polymer syn 'SULFATE ION'   96.063    2  ?       ? ? ? 
3 non-polymer syn 'CHLORIDE ION'  35.453    1  ?       ? ? ? 
4 water       nat water           18.015    75 ?       ? ? ? 
# 
_entity_name_com.entity_id   1 
_entity_name_com.name        ACP 
# 
_entity_poly.entity_id                      1 
_entity_poly.type                           'polypeptide(L)' 
_entity_poly.nstd_linkage                   no 
_entity_poly.nstd_monomer                   no 
_entity_poly.pdbx_seq_one_letter_code       
;AEGDTLISVDYEIFGKVQGVFFRKYTQAEGKKLGLVGWVQNTDQGTVQGQLQGPASKVRHMQEWLETKGSPKSHIDRASF
HNEKVIVKLDYTDFQIVK
;
_entity_poly.pdbx_seq_one_letter_code_can   
;AEGDTLISVDYEIFGKVQGVFFRKYTQAEGKKLGLVGWVQNTDQGTVQGQLQGPASKVRHMQEWLETKGSPKSHIDRASF
HNEKVIVKLDYTDFQIVK
;
_entity_poly.pdbx_strand_id                 A 
_entity_poly.pdbx_target_identifier         ? 
# 
loop_
_pdbx_entity_nonpoly.entity_id 
_pdbx_entity_nonpoly.name 
_pdbx_entity_nonpoly.comp_id 
2 'SULFATE ION'  SO4 
3 'CHLORIDE ION' CL  
4 water          HOH 
# 
loop_
_entity_poly_seq.entity_id 
_entity_poly_seq.num 
_entity_poly_seq.mon_id 
_entity_poly_seq.hetero 
1 1  ALA n 
1 2  GLU n 
1 3  GLY n 
1 4  ASP n 
1 5  THR n 
1 6  LEU n 
1 7  ILE n 
1 8  SER n 
1 9  VAL n 
1 10 ASP n 
1 11 TYR n 
1 12 GLU n 
1 13 ILE n 
1 14 PHE n 
1 15 GLY n 
1 16 LYS n 
1 17 VAL n 
1 18 GLN n 
1 19 GLY n 
1 20 VAL n 
1 21 PHE n 
1 22 PHE n 
1 23 ARG n 
1 24 LYS n 
1 25 TYR n 
1 26 THR n 
1 27 GLN n 
1 28 ALA n 
1 29 GLU n 
1 30 GLY n 
1 31 LYS n 
1 32 LYS n 
1 33 LEU n 
1 34 GLY n 
1 35 LEU n 
1 36 VAL n 
1 37 GLY n 
1 38 TRP n 
1 39 VAL n 
1 40 GLN n 
1 41 ASN n 
1 42 THR n 
1 43 ASP n 
1 44 GLN n 
1 45 GLY n 
1 46 THR n 
1 47 VAL n 
1 48 GLN n 
1 49 GLY n 
1 50 GLN n 
1 51 LEU n 
1 52 GLN n 
1 53 GLY n 
1 54 PRO n 
1 55 ALA n 
1 56 SER n 
1 57 LYS n 
1 58 VAL n 
1 59 ARG n 
1 60 HIS n 
1 61 MET n 
1 62 GLN n 
1 63 GLU n 
1 64 TRP n 
1 65 LEU n 
1 66 GLU n 
1 67 THR n 
1 68 LYS n 
1 69 GLY n 
1 70 SER n 
1 71 PRO n 
1 72 LYS n 
1 73 SER n 
1 74 HIS n 
1 75 ILE n 
1 76 ASP n 
1 77 ARG n 
1 78 ALA n 
1 79 SER n 
1 80 PHE n 
1 81 HIS n 
1 82 ASN n 
1 83 GLU n 
1 84 LYS n 
1 85 VAL n 
1 86 ILE n 
1 87 VAL n 
1 88 LYS n 
1 89 LEU n 
1 90 ASP n 
1 91 TYR n 
1 92 THR n 
1 93 ASP n 
1 94 PHE n 
1 95 GLN n 
1 96 ILE n 
1 97 VAL n 
1 98 LYS n 
# 
_entity_src_nat.entity_id                  1 
_entity_src_nat.pdbx_src_id                1 
_entity_src_nat.pdbx_alt_source_flag       sample 
_entity_src_nat.pdbx_beg_seq_num           ? 
_entity_src_nat.pdbx_end_seq_num           ? 
_entity_src_nat.common_name                cattle 
_entity_src_nat.pdbx_organism_scientific   'Bos taurus' 
_entity_src_nat.pdbx_ncbi_taxonomy_id      9913 
_entity_src_nat.genus                      Bos 
_entity_src_nat.species                    ? 
_entity_src_nat.strain                     ? 
_entity_src_nat.tissue                     ? 
_entity_src_nat.tissue_fraction            ? 
_entity_src_nat.pdbx_secretion             ? 
_entity_src_nat.pdbx_fragment              ? 
_entity_src_nat.pdbx_variant               ? 
_entity_src_nat.pdbx_cell_line             ? 
_entity_src_nat.pdbx_atcc                  ? 
_entity_src_nat.pdbx_cellular_location     CYTOPLASM 
_entity_src_nat.pdbx_organ                 TESTIS 
_entity_src_nat.pdbx_organelle             ? 
_entity_src_nat.pdbx_cell                  ? 
_entity_src_nat.pdbx_plasmid_name          ? 
_entity_src_nat.pdbx_plasmid_details       ? 
_entity_src_nat.details                    ? 
# 
loop_
_chem_comp.id 
_chem_comp.type 
_chem_comp.mon_nstd_flag 
_chem_comp.name 
_chem_comp.pdbx_synonyms 
_chem_comp.formula 
_chem_comp.formula_weight 
ALA 'L-peptide linking' y ALANINE         ? 'C3 H7 N O2'     89.093  
ARG 'L-peptide linking' y ARGININE        ? 'C6 H15 N4 O2 1' 175.209 
ASN 'L-peptide linking' y ASPARAGINE      ? 'C4 H8 N2 O3'    132.118 
ASP 'L-peptide linking' y 'ASPARTIC ACID' ? 'C4 H7 N O4'     133.103 
CL  non-polymer         . 'CHLORIDE ION'  ? 'Cl -1'          35.453  
GLN 'L-peptide linking' y GLUTAMINE       ? 'C5 H10 N2 O3'   146.144 
GLU 'L-peptide linking' y 'GLUTAMIC ACID' ? 'C5 H9 N O4'     147.129 
GLY 'peptide linking'   y GLYCINE         ? 'C2 H5 N O2'     75.067  
HIS 'L-peptide linking' y HISTIDINE       ? 'C6 H10 N3 O2 1' 156.162 
HOH non-polymer         . WATER           ? 'H2 O'           18.015  
ILE 'L-peptide linking' y ISOLEUCINE      ? 'C6 H13 N O2'    131.173 
LEU 'L-peptide linking' y LEUCINE         ? 'C6 H13 N O2'    131.173 
LYS 'L-peptide linking' y LYSINE          ? 'C6 H15 N2 O2 1' 147.195 
MET 'L-peptide linking' y METHIONINE      ? 'C5 H11 N O2 S'  149.211 
PHE 'L-peptide linking' y PHENYLALANINE   ? 'C9 H11 N O2'    165.189 
PRO 'L-peptide linking' y PROLINE         ? 'C5 H9 N O2'     115.130 
SER 'L-peptide linking' y SERINE          ? 'C3 H7 N O3'     105.093 
SO4 non-polymer         . 'SULFATE ION'   ? 'O4 S -2'        96.063  
THR 'L-peptide linking' y THREONINE       ? 'C4 H9 N O3'     119.119 
TRP 'L-peptide linking' y TRYPTOPHAN      ? 'C11 H12 N2 O2'  204.225 
TYR 'L-peptide linking' y TYROSINE        ? 'C9 H11 N O3'    181.189 
VAL 'L-peptide linking' y VALINE          ? 'C5 H11 N O2'    117.146 
# 
loop_
_pdbx_poly_seq_scheme.asym_id 
_pdbx_poly_seq_scheme.entity_id 
_pdbx_poly_seq_scheme.seq_id 
_pdbx_poly_seq_scheme.mon_id 
_pdbx_poly_seq_scheme.ndb_seq_num 
_pdbx_poly_seq_scheme.pdb_seq_num 
_pdbx_poly_seq_scheme.auth_seq_num 
_pdbx_poly_seq_scheme.pdb_mon_id 
_pdbx_poly_seq_scheme.auth_mon_id 
_pdbx_poly_seq_scheme.pdb_strand_id 
_pdbx_poly_seq_scheme.pdb_ins_code 
_pdbx_poly_seq_scheme.hetero 
A 1 1  ALA 1  1  1  ALA ALA A . n 
A 1 2  GLU 2  2  2  GLU GLU A . n 
A 1 3  GLY 3  3  3  GLY GLY A . n 
A 1 4  ASP 4  4  4  ASP ASP A . n 
A 1 5  THR 5  5  5  THR THR A . n 
A 1 6  LEU 6  6  6  LEU LEU A . n 
A 1 7  ILE 7  7  7  ILE ILE A . n 
A 1 8  SER 8  8  8  SER SER A . n 
A 1 9  VAL 9  9  9  VAL VAL A . n 
A 1 10 ASP 10 10 10 ASP ASP A . n 
A 1 11 TYR 11 11 11 TYR TYR A . n 
A 1 12 GLU 12 12 12 GLU GLU A . n 
A 1 13 ILE 13 13 13 ILE ILE A . n 
A 1 14 PHE 14 14 14 PHE PHE A . n 
A 1 15 GLY 15 15 15 GLY GLY A . n 
A 1 16 LYS 16 16 16 LYS LYS A . n 
A 1 17 VAL 17 17 17 VAL VAL A . n 
A 1 18 GLN 18 18 18 GLN GLN A . n 
A 1 19 GLY 19 19 19 GLY GLY A . n 
A 1 20 VAL 20 20 20 VAL VAL A . n 
A 1 21 PHE 21 21 21 PHE PHE A . n 
A 1 22 PHE 22 22 22 PHE PHE A . n 
A 1 23 ARG 23 23 23 ARG ARG A . n 
A 1 24 LYS 24 24 24 LYS LYS A . n 
A 1 25 TYR 25 25 25 TYR TYR A . n 
A 1 26 THR 26 26 26 THR THR A . n 
A 1 27 GLN 27 27 27 GLN GLN A . n 
A 1 28 ALA 28 28 28 ALA ALA A . n 
A 1 29 GLU 29 29 29 GLU GLU A . n 
A 1 30 GLY 30 30 30 GLY GLY A . n 
A 1 31 LYS 31 31 31 LYS LYS A . n 
A 1 32 LYS 32 32 32 LYS LYS A . n 
A 1 33 LEU 33 33 33 LEU LEU A . n 
A 1 34 GLY 34 34 34 GLY GLY A . n 
A 1 35 LEU 35 35 35 LEU LEU A . n 
A 1 36 VAL 36 36 36 VAL VAL A . n 
A 1 37 GLY 37 37 37 GLY GLY A . n 
A 1 38 TRP 38 38 38 TRP TRP A . n 
A 1 39 VAL 39 39 39 VAL VAL A . n 
A 1 40 GLN 40 40 40 GLN GLN A . n 
A 1 41 ASN 41 41 41 ASN ASN A . n 
A 1 42 THR 42 42 42 THR THR A . n 
A 1 43 ASP 43 43 43 ASP ASP A . n 
A 1 44 GLN 44 44 44 GLN GLN A . n 
A 1 45 GLY 45 45 45 GLY GLY A . n 
A 1 46 THR 46 46 46 THR THR A . n 
A 1 47 VAL 47 47 47 VAL VAL A . n 
A 1 48 GLN 48 48 48 GLN GLN A . n 
A 1 49 GLY 49 49 49 GLY GLY A . n 
A 1 50 GLN 50 50 50 GLN GLN A . n 
A 1 51 LEU 51 51 51 LEU LEU A . n 
A 1 52 GLN 52 52 52 GLN GLN A . n 
A 1 53 GLY 53 53 53 GLY GLY A . n 
A 1 54 PRO 54 54 54 PRO PRO A . n 
A 1 55 ALA 55 55 55 ALA ALA A . n 
A 1 56 SER 56 56 56 SER SER A . n 
A 1 57 LYS 57 57 57 LYS LYS A . n 
A 1 58 VAL 58 58 58 VAL VAL A . n 
A 1 59 ARG 59 59 59 ARG ARG A . n 
A 1 60 HIS 60 60 60 HIS HIS A . n 
A 1 61 MET 61 61 61 MET MET A . n 
A 1 62 GLN 62 62 62 GLN GLN A . n 
A 1 63 GLU 63 63 63 GLU GLU A . n 
A 1 64 TRP 64 64 64 TRP TRP A . n 
A 1 65 LEU 65 65 65 LEU LEU A . n 
A 1 66 GLU 66 66 66 GLU GLU A . n 
A 1 67 THR 67 67 67 THR THR A . n 
A 1 68 LYS 68 68 68 LYS LYS A . n 
A 1 69 GLY 69 69 69 GLY GLY A . n 
A 1 70 SER 70 70 70 SER SER A . n 
A 1 71 PRO 71 71 71 PRO PRO A . n 
A 1 72 LYS 72 72 72 LYS LYS A . n 
A 1 73 SER 73 73 73 SER SER A . n 
A 1 74 HIS 74 74 74 HIS HIS A . n 
A 1 75 ILE 75 75 75 ILE ILE A . n 
A 1 76 ASP 76 76 76 ASP ASP A . n 
A 1 77 ARG 77 77 77 ARG ARG A . n 
A 1 78 ALA 78 78 78 ALA ALA A . n 
A 1 79 SER 79 79 79 SER SER A . n 
A 1 80 PHE 80 80 80 PHE PHE A . n 
A 1 81 HIS 81 81 81 HIS HIS A . n 
A 1 82 ASN 82 82 82 ASN ASN A . n 
A 1 83 GLU 83 83 83 GLU GLU A . n 
A 1 84 LYS 84 84 84 LYS LYS A . n 
A 1 85 VAL 85 85 85 VAL VAL A . n 
A 1 86 ILE 86 86 86 ILE ILE A . n 
A 1 87 VAL 87 87 87 VAL VAL A . n 
A 1 88 LYS 88 88 88 LYS LYS A . n 
A 1 89 LEU 89 89 89 LEU LEU A . n 
A 1 90 ASP 90 90 90 ASP ASP A . n 
A 1 91 TYR 91 91 91 TYR TYR A . n 
A 1 92 THR 92 92 92 THR THR A . n 
A 1 93 ASP 93 93 93 ASP ASP A . n 
A 1 94 PHE 94 94 94 PHE PHE A . n 
A 1 95 GLN 95 95 95 GLN GLN A . n 
A 1 96 ILE 96 96 96 ILE ILE A . n 
A 1 97 VAL 97 97 97 VAL VAL A . n 
A 1 98 LYS 98 98 98 LYS LYS A . n 
# 
loop_
_pdbx_nonpoly_scheme.asym_id 
_pdbx_nonpoly_scheme.entity_id 
_pdbx_nonpoly_scheme.mon_id 
_pdbx_nonpoly_scheme.ndb_seq_num 
_pdbx_nonpoly_scheme.pdb_seq_num 
_pdbx_nonpoly_scheme.auth_seq_num 
_pdbx_nonpoly_scheme.pdb_mon_id 
_pdbx_nonpoly_scheme.auth_mon_id 
_pdbx_nonpoly_scheme.pdb_strand_id 
_pdbx_nonpoly_scheme.pdb_ins_code 
B 2 SO4 1  100 100 SO4 SO4 A . 
C 2 SO4 1  101 101 SO4 SO4 A . 
D 3 CL  1  102 102 CL  CL  A . 
E 4 HOH 1  103 103 HOH HOH A . 
E 4 HOH 2  104 104 HOH HOH A . 
E 4 HOH 3  105 105 HOH HOH A . 
E 4 HOH 4  106 106 HOH HOH A . 
E 4 HOH 5  107 107 HOH HOH A . 
E 4 HOH 6  108 108 HOH HOH A . 
E 4 HOH 7  109 109 HOH HOH A . 
E 4 HOH 8  110 110 HOH HOH A . 
E 4 HOH 9  111 111 HOH HOH A . 
E 4 HOH 10 112 112 HOH HOH A . 
E 4 HOH 11 113 113 HOH HOH A . 
E 4 HOH 12 114 114 HOH HOH A . 
E 4 HOH 13 115 115 HOH HOH A . 
E 4 HOH 14 116 116 HOH HOH A . 
E 4 HOH 15 117 117 HOH HOH A . 
E 4 HOH 16 118 118 HOH HOH A . 
E 4 HOH 17 119 119 HOH HOH A . 
E 4 HOH 18 120 120 HOH HOH A . 
E 4 HOH 19 121 121 HOH HOH A . 
E 4 HOH 20 122 122 HOH HOH A . 
E 4 HOH 21 123 123 HOH HOH A . 
E 4 HOH 22 124 124 HOH HOH A . 
E 4 HOH 23 125 125 HOH HOH A . 
E 4 HOH 24 126 126 HOH HOH A . 
E 4 HOH 25 127 127 HOH HOH A . 
E 4 HOH 26 128 128 HOH HOH A . 
E 4 HOH 27 129 129 HOH HOH A . 
E 4 HOH 28 130 130 HOH HOH A . 
E 4 HOH 29 131 131 HOH HOH A . 
E 4 HOH 30 132 132 HOH HOH A . 
E 4 HOH 31 133 133 HOH HOH A . 
E 4 HOH 32 134 134 HOH HOH A . 
E 4 HOH 33 135 135 HOH HOH A . 
E 4 HOH 34 136 136 HOH HOH A . 
E 4 HOH 35 137 137 HOH HOH A . 
E 4 HOH 36 138 138 HOH HOH A . 
E 4 HOH 37 139 139 HOH HOH A . 
E 4 HOH 38 140 140 HOH HOH A . 
E 4 HOH 39 141 141 HOH HOH A . 
E 4 HOH 40 142 142 HOH HOH A . 
E 4 HOH 41 143 143 HOH HOH A . 
E 4 HOH 42 144 144 HOH HOH A . 
E 4 HOH 43 145 145 HOH HOH A . 
E 4 HOH 44 146 146 HOH HOH A . 
E 4 HOH 45 147 147 HOH HOH A . 
E 4 HOH 46 148 148 HOH HOH A . 
E 4 HOH 47 149 149 HOH HOH A . 
E 4 HOH 48 150 150 HOH HOH A . 
E 4 HOH 49 151 151 HOH HOH A . 
E 4 HOH 50 152 152 HOH HOH A . 
E 4 HOH 51 153 153 HOH HOH A . 
E 4 HOH 52 154 154 HOH HOH A . 
E 4 HOH 53 155 155 HOH HOH A . 
E 4 HOH 54 156 156 HOH HOH A . 
E 4 HOH 55 157 157 HOH HOH A . 
E 4 HOH 56 158 158 HOH HOH A . 
E 4 HOH 57 159 159 HOH HOH A . 
E 4 HOH 58 160 160 HOH HOH A . 
E 4 HOH 59 161 161 HOH HOH A . 
E 4 HOH 60 162 162 HOH HOH A . 
E 4 HOH 61 163 163 HOH HOH A . 
E 4 HOH 62 164 164 HOH HOH A . 
E 4 HOH 63 165 165 HOH HOH A . 
E 4 HOH 64 166 166 HOH HOH A . 
E 4 HOH 65 167 167 HOH HOH A . 
E 4 HOH 66 168 168 HOH HOH A . 
E 4 HOH 67 169 169 HOH HOH A . 
E 4 HOH 68 170 170 HOH HOH A . 
E 4 HOH 69 171 171 HOH HOH A . 
E 4 HOH 70 172 172 HOH HOH A . 
E 4 HOH 71 173 173 HOH HOH A . 
E 4 HOH 72 174 174 HOH HOH A . 
E 4 HOH 73 175 175 HOH HOH A . 
E 4 HOH 74 176 176 HOH HOH A . 
E 4 HOH 75 177 177 HOH HOH A . 
# 
loop_
_software.name 
_software.classification 
_software.version 
_software.citation_id 
_software.pdbx_ordinal 
DM       'model building' .  ? 1 
MLPHARE  phasing          .  ? 2 
TNT      refinement       5E ? 3 
MARXDS   'data reduction' .  ? 4 
MARSCALE 'data scaling'   .  ? 5 
DM       phasing          .  ? 6 
# 
_cell.entry_id           2ACY 
_cell.length_a           63.200 
_cell.length_b           36.200 
_cell.length_c           45.300 
_cell.angle_alpha        90.00 
_cell.angle_beta         104.10 
_cell.angle_gamma        90.00 
_cell.Z_PDB              4 
_cell.pdbx_unique_axis   ? 
# 
_symmetry.entry_id                         2ACY 
_symmetry.space_group_name_H-M             'C 1 2 1' 
_symmetry.pdbx_full_space_group_name_H-M   ? 
_symmetry.cell_setting                     ? 
_symmetry.Int_Tables_number                5 
# 
_exptl.entry_id          2ACY 
_exptl.method            'X-RAY DIFFRACTION' 
_exptl.crystals_number   1 
# 
_exptl_crystal.id                    1 
_exptl_crystal.density_meas          ? 
_exptl_crystal.density_Matthews      2.3 
_exptl_crystal.density_percent_sol   45. 
_exptl_crystal.description           ? 
# 
_exptl_crystal_grow.crystal_id      1 
_exptl_crystal_grow.method          ? 
_exptl_crystal_grow.temp            ? 
_exptl_crystal_grow.temp_details    ? 
_exptl_crystal_grow.pH              3.5 
_exptl_crystal_grow.pdbx_pH_range   ? 
_exptl_crystal_grow.pdbx_details    
'PROTEIN WAS CRYSTALLIZED FROM 30% PEG8000 OR 4000, 25 MM ACETATE BUFFER PH 3.5, 0.2 M AMMONIUM-SULFATE' 
# 
_diffrn.id                     1 
_diffrn.ambient_temp           277 
_diffrn.ambient_temp_details   ? 
_diffrn.crystal_id             1 
# 
_diffrn_detector.diffrn_id              1 
_diffrn_detector.detector               'IMAGE PLATE' 
_diffrn_detector.type                   MARRESEARCH 
_diffrn_detector.pdbx_collection_date   1995-08 
_diffrn_detector.details                ? 
# 
_diffrn_radiation.diffrn_id                        1 
_diffrn_radiation.wavelength_id                    1 
_diffrn_radiation.pdbx_monochromatic_or_laue_m_l   M 
_diffrn_radiation.monochromator                    'GRAPHITE(002)' 
_diffrn_radiation.pdbx_diffrn_protocol             ? 
_diffrn_radiation.pdbx_scattering_type             x-ray 
# 
_diffrn_radiation_wavelength.id           1 
_diffrn_radiation_wavelength.wavelength   1.5418 
_diffrn_radiation_wavelength.wt           1.0 
# 
_diffrn_source.diffrn_id                   1 
_diffrn_source.source                      'ROTATING ANODE' 
_diffrn_source.type                        SIEMENS 
_diffrn_source.pdbx_synchrotron_site       ? 
_diffrn_source.pdbx_synchrotron_beamline   ? 
_diffrn_source.pdbx_wavelength             1.5418 
_diffrn_source.pdbx_wavelength_list        ? 
# 
_reflns.entry_id                     2ACY 
_reflns.observed_criterion_sigma_I   ? 
_reflns.observed_criterion_sigma_F   ? 
_reflns.d_resolution_low             50.0 
_reflns.d_resolution_high            1.8 
_reflns.number_obs                   8949 
_reflns.number_all                   ? 
_reflns.percent_possible_obs         98.8 
_reflns.pdbx_Rmerge_I_obs            0.0590000 
_reflns.pdbx_Rsym_value              ? 
_reflns.pdbx_netI_over_sigmaI        36.98 
_reflns.B_iso_Wilson_estimate        ? 
_reflns.pdbx_redundancy              4.6 
_reflns.pdbx_diffrn_id               1 
_reflns.pdbx_ordinal                 1 
# 
_reflns_shell.d_res_high             1.80 
_reflns_shell.d_res_low              1.90 
_reflns_shell.percent_possible_all   92.4 
_reflns_shell.Rmerge_I_obs           0.2150000 
_reflns_shell.pdbx_Rsym_value        ? 
_reflns_shell.meanI_over_sigI_obs    10.52 
_reflns_shell.pdbx_redundancy        1.6 
_reflns_shell.pdbx_diffrn_id         ? 
_reflns_shell.pdbx_ordinal           1 
# 
_refine.entry_id                                 2ACY 
_refine.ls_number_reflns_obs                     9119 
_refine.ls_number_reflns_all                     9119 
_refine.pdbx_ls_sigma_I                          ? 
_refine.pdbx_ls_sigma_F                          0. 
_refine.pdbx_data_cutoff_high_absF               ? 
_refine.pdbx_data_cutoff_low_absF                ? 
_refine.pdbx_data_cutoff_high_rms_absF           ? 
_refine.ls_d_res_low                             15. 
_refine.ls_d_res_high                            1.8 
_refine.ls_percent_reflns_obs                    95. 
_refine.ls_R_factor_obs                          0.1700000 
_refine.ls_R_factor_all                          0.1700000 
_refine.ls_R_factor_R_work                       0.1790000 
_refine.ls_R_factor_R_free                       0.2300000 
_refine.ls_R_factor_R_free_error                 ? 
_refine.ls_R_factor_R_free_error_details         ? 
_refine.ls_percent_reflns_R_free                 10. 
_refine.ls_number_reflns_R_free                  905 
_refine.ls_number_parameters                     ? 
_refine.ls_number_restraints                     ? 
_refine.occupancy_min                            ? 
_refine.occupancy_max                            ? 
_refine.B_iso_mean                               ? 
_refine.aniso_B[1][1]                            ? 
_refine.aniso_B[2][2]                            ? 
_refine.aniso_B[3][3]                            ? 
_refine.aniso_B[1][2]                            ? 
_refine.aniso_B[1][3]                            ? 
_refine.aniso_B[2][3]                            ? 
_refine.solvent_model_details                    'BABINET SCALING' 
_refine.solvent_model_param_ksol                 0.697 
_refine.solvent_model_param_bsol                 158.1 
_refine.pdbx_ls_cross_valid_method               ? 
_refine.details                                  
'REFINED WITH FREE SET UNTIL CONVERGENCE OCCURRED, THEN REFINED WITH ALL DATA TO FINAL R-FACTOR.' 
_refine.pdbx_starting_model                      ? 
_refine.pdbx_method_to_determine_struct          MIR 
_refine.pdbx_isotropic_thermal_model             'TNT BCORREL' 
_refine.pdbx_stereochemistry_target_values       'TNT PROTGEO (ENGH & HUBER)' 
_refine.pdbx_stereochem_target_val_spec_case     ? 
_refine.pdbx_R_Free_selection_details            ? 
_refine.pdbx_overall_ESU_R                       ? 
_refine.pdbx_overall_ESU_R_Free                  ? 
_refine.overall_SU_ML                            ? 
_refine.overall_SU_B                             ? 
_refine.pdbx_refine_id                           'X-RAY DIFFRACTION' 
_refine.pdbx_diffrn_id                           1 
_refine.pdbx_TLS_residual_ADP_flag               ? 
_refine.correlation_coeff_Fo_to_Fc               ? 
_refine.correlation_coeff_Fo_to_Fc_free          ? 
_refine.pdbx_solvent_vdw_probe_radii             ? 
_refine.pdbx_solvent_ion_probe_radii             ? 
_refine.pdbx_solvent_shrinkage_radii             ? 
_refine.pdbx_overall_phase_error                 ? 
_refine.overall_SU_R_Cruickshank_DPI             ? 
_refine.pdbx_overall_SU_R_free_Cruickshank_DPI   ? 
_refine.pdbx_overall_SU_R_Blow_DPI               ? 
_refine.pdbx_overall_SU_R_free_Blow_DPI          ? 
# 
_refine_hist.pdbx_refine_id                   'X-RAY DIFFRACTION' 
_refine_hist.cycle_id                         LAST 
_refine_hist.pdbx_number_atoms_protein        784 
_refine_hist.pdbx_number_atoms_nucleic_acid   0 
_refine_hist.pdbx_number_atoms_ligand         11 
_refine_hist.number_atoms_solvent             75 
_refine_hist.number_atoms_total               870 
_refine_hist.d_res_high                       1.8 
_refine_hist.d_res_low                        15. 
# 
loop_
_refine_ls_restr.type 
_refine_ls_restr.dev_ideal 
_refine_ls_restr.dev_ideal_target 
_refine_ls_restr.weight 
_refine_ls_restr.number 
_refine_ls_restr.pdbx_refine_id 
_refine_ls_restr.pdbx_restraint_function 
t_bond_d           0.010 ? 1.2 816  'X-RAY DIFFRACTION' ? 
t_angle_deg        1.7   ? 0.9 1098 'X-RAY DIFFRACTION' ? 
t_dihedral_angle_d 16.9  ? 0   479  'X-RAY DIFFRACTION' ? 
t_incorr_chiral_ct 0     ? ?   ?    'X-RAY DIFFRACTION' ? 
t_pseud_angle      ?     ? ?   ?    'X-RAY DIFFRACTION' ? 
t_trig_c_planes    0.009 ? 3.0 24   'X-RAY DIFFRACTION' ? 
t_gen_planes       0.010 ? 10  113  'X-RAY DIFFRACTION' ? 
t_it               5.4   ? 5   800  'X-RAY DIFFRACTION' ? 
t_nbd              0.032 ? 18  18   'X-RAY DIFFRACTION' ? 
# 
_pdbx_refine.entry_id                                    2ACY 
_pdbx_refine.R_factor_all_no_cutoff                      0.1700000 
_pdbx_refine.R_factor_obs_no_cutoff                      0.1790000 
_pdbx_refine.free_R_factor_no_cutoff                     0.2350000 
_pdbx_refine.free_R_val_test_set_size_perc_no_cutoff     10. 
_pdbx_refine.free_R_val_test_set_ct_no_cutoff            905 
_pdbx_refine.R_factor_all_4sig_cutoff                    ? 
_pdbx_refine.R_factor_obs_4sig_cutoff                    ? 
_pdbx_refine.free_R_factor_4sig_cutoff                   ? 
_pdbx_refine.free_R_val_test_set_size_perc_4sig_cutoff   ? 
_pdbx_refine.free_R_val_test_set_ct_4sig_cutoff          ? 
_pdbx_refine.number_reflns_obs_4sig_cutoff               ? 
_pdbx_refine.pdbx_refine_id                              'X-RAY DIFFRACTION' 
_pdbx_refine.free_R_error_no_cutoff                      ? 
# 
_struct.entry_id                  2ACY 
_struct.title                     'ACYL-PHOSPHATASE (COMMON TYPE) FROM BOVINE TESTIS' 
_struct.pdbx_model_details        ? 
_struct.pdbx_CASP_flag            ? 
_struct.pdbx_model_type_details   ? 
# 
_struct_keywords.entry_id        2ACY 
_struct_keywords.pdbx_keywords   ACYLPHOSPHATASE 
_struct_keywords.text            'ACYLPHOSPHATASE, PHOSPHORIC MONOESTER HYDROLASE' 
# 
loop_
_struct_asym.id 
_struct_asym.pdbx_blank_PDB_chainid_flag 
_struct_asym.pdbx_modified 
_struct_asym.entity_id 
_struct_asym.details 
A N N 1 ? 
B N N 2 ? 
C N N 2 ? 
D N N 3 ? 
E N N 4 ? 
# 
_struct_ref.id                         1 
_struct_ref.db_name                    UNP 
_struct_ref.db_code                    ACYP1_BOVIN 
_struct_ref.entity_id                  1 
_struct_ref.pdbx_db_accession          P41500 
_struct_ref.pdbx_align_begin           1 
_struct_ref.pdbx_seq_one_letter_code   
;SMAEGDTLISVDYEIFGKVQGVFFRKYTQAEGKKLGLVGWVQNTDQGTVQGQLQGPASKVRHMQEWLETKGSPKSHIDRA
SFHNEKVIVKLDYTDFQIVK
;
_struct_ref.pdbx_db_isoform            ? 
# 
_struct_ref_seq.align_id                      1 
_struct_ref_seq.ref_id                        1 
_struct_ref_seq.pdbx_PDB_id_code              2ACY 
_struct_ref_seq.pdbx_strand_id                A 
_struct_ref_seq.seq_align_beg                 1 
_struct_ref_seq.pdbx_seq_align_beg_ins_code   ? 
_struct_ref_seq.seq_align_end                 98 
_struct_ref_seq.pdbx_seq_align_end_ins_code   ? 
_struct_ref_seq.pdbx_db_accession             P41500 
_struct_ref_seq.db_align_beg                  3 
_struct_ref_seq.pdbx_db_align_beg_ins_code    ? 
_struct_ref_seq.db_align_end                  100 
_struct_ref_seq.pdbx_db_align_end_ins_code    ? 
_struct_ref_seq.pdbx_auth_seq_align_beg       1 
_struct_ref_seq.pdbx_auth_seq_align_end       98 
# 
_pdbx_struct_assembly.id                   1 
_pdbx_struct_assembly.details              author_defined_assembly 
_pdbx_struct_assembly.method_details       ? 
_pdbx_struct_assembly.oligomeric_details   monomeric 
_pdbx_struct_assembly.oligomeric_count     1 
# 
_pdbx_struct_assembly_gen.assembly_id       1 
_pdbx_struct_assembly_gen.oper_expression   1 
_pdbx_struct_assembly_gen.asym_id_list      A,B,C,D,E 
# 
_pdbx_struct_oper_list.id                   1 
_pdbx_struct_oper_list.type                 'identity operation' 
_pdbx_struct_oper_list.name                 1_555 
_pdbx_struct_oper_list.symmetry_operation   x,y,z 
_pdbx_struct_oper_list.matrix[1][1]         1.0000000000 
_pdbx_struct_oper_list.matrix[1][2]         0.0000000000 
_pdbx_struct_oper_list.matrix[1][3]         0.0000000000 
_pdbx_struct_oper_list.vector[1]            0.0000000000 
_pdbx_struct_oper_list.matrix[2][1]         0.0000000000 
_pdbx_struct_oper_list.matrix[2][2]         1.0000000000 
_pdbx_struct_oper_list.matrix[2][3]         0.0000000000 
_pdbx_struct_oper_list.vector[2]            0.0000000000 
_pdbx_struct_oper_list.matrix[3][1]         0.0000000000 
_pdbx_struct_oper_list.matrix[3][2]         0.0000000000 
_pdbx_struct_oper_list.matrix[3][3]         1.0000000000 
_pdbx_struct_oper_list.vector[3]            0.0000000000 
# 
_struct_biol.id   1 
# 
loop_
_struct_conf.conf_type_id 
_struct_conf.id 
_struct_conf.pdbx_PDB_helix_id 
_struct_conf.beg_label_comp_id 
_struct_conf.beg_label_asym_id 
_struct_conf.beg_label_seq_id 
_struct_conf.pdbx_beg_PDB_ins_code 
_struct_conf.end_label_comp_id 
_struct_conf.end_label_asym_id 
_struct_conf.end_label_seq_id 
_struct_conf.pdbx_end_PDB_ins_code 
_struct_conf.beg_auth_comp_id 
_struct_conf.beg_auth_asym_id 
_struct_conf.beg_auth_seq_id 
_struct_conf.end_auth_comp_id 
_struct_conf.end_auth_asym_id 
_struct_conf.end_auth_seq_id 
_struct_conf.pdbx_PDB_helix_class 
_struct_conf.details 
_struct_conf.pdbx_PDB_helix_length 
HELX_P HELX_P1 H1 PHE A 22 ? LYS A 32 ? PHE A 22 LYS A 32 1 ? 11 
HELX_P HELX_P2 H2 ALA A 55 ? THR A 67 ? ALA A 55 THR A 67 1 ? 13 
# 
_struct_conf_type.id          HELX_P 
_struct_conf_type.criteria    ? 
_struct_conf_type.reference   ? 
# 
_struct_sheet.id               S1 
_struct_sheet.type             ? 
_struct_sheet.number_strands   5 
_struct_sheet.details          ? 
# 
loop_
_struct_sheet_order.sheet_id 
_struct_sheet_order.range_id_1 
_struct_sheet_order.range_id_2 
_struct_sheet_order.offset 
_struct_sheet_order.sense 
S1 1 2 ? anti-parallel 
S1 2 3 ? anti-parallel 
S1 3 4 ? anti-parallel 
S1 4 5 ? parallel      
# 
loop_
_struct_sheet_range.sheet_id 
_struct_sheet_range.id 
_struct_sheet_range.beg_label_comp_id 
_struct_sheet_range.beg_label_asym_id 
_struct_sheet_range.beg_label_seq_id 
_struct_sheet_range.pdbx_beg_PDB_ins_code 
_struct_sheet_range.end_label_comp_id 
_struct_sheet_range.end_label_asym_id 
_struct_sheet_range.end_label_seq_id 
_struct_sheet_range.pdbx_end_PDB_ins_code 
_struct_sheet_range.beg_auth_comp_id 
_struct_sheet_range.beg_auth_asym_id 
_struct_sheet_range.beg_auth_seq_id 
_struct_sheet_range.end_auth_comp_id 
_struct_sheet_range.end_auth_asym_id 
_struct_sheet_range.end_auth_seq_id 
S1 1 HIS A 74 ? VAL A 85 ? HIS A 74 VAL A 85 
S1 2 LEU A 6  ? LYS A 16 ? LEU A 6  LYS A 16 
S1 3 VAL A 47 ? PRO A 54 ? VAL A 47 PRO A 54 
S1 4 VAL A 36 ? ASN A 41 ? VAL A 36 ASN A 41 
S1 5 PHE A 94 ? VAL A 97 ? PHE A 94 VAL A 97 
# 
loop_
_pdbx_struct_sheet_hbond.sheet_id 
_pdbx_struct_sheet_hbond.range_id_1 
_pdbx_struct_sheet_hbond.range_id_2 
_pdbx_struct_sheet_hbond.range_1_label_atom_id 
_pdbx_struct_sheet_hbond.range_1_label_comp_id 
_pdbx_struct_sheet_hbond.range_1_label_asym_id 
_pdbx_struct_sheet_hbond.range_1_label_seq_id 
_pdbx_struct_sheet_hbond.range_1_PDB_ins_code 
_pdbx_struct_sheet_hbond.range_1_auth_atom_id 
_pdbx_struct_sheet_hbond.range_1_auth_comp_id 
_pdbx_struct_sheet_hbond.range_1_auth_asym_id 
_pdbx_struct_sheet_hbond.range_1_auth_seq_id 
_pdbx_struct_sheet_hbond.range_2_label_atom_id 
_pdbx_struct_sheet_hbond.range_2_label_comp_id 
_pdbx_struct_sheet_hbond.range_2_label_asym_id 
_pdbx_struct_sheet_hbond.range_2_label_seq_id 
_pdbx_struct_sheet_hbond.range_2_PDB_ins_code 
_pdbx_struct_sheet_hbond.range_2_auth_atom_id 
_pdbx_struct_sheet_hbond.range_2_auth_comp_id 
_pdbx_struct_sheet_hbond.range_2_auth_asym_id 
_pdbx_struct_sheet_hbond.range_2_auth_seq_id 
S1 1 2 O HIS A 81 ? O HIS A 81 N ASP A 10 ? N ASP A 10 
S1 2 3 O ILE A 7  ? O ILE A 7  N GLY A 53 ? N GLY A 53 
S1 3 4 O GLN A 52 ? O GLN A 52 N VAL A 36 ? N VAL A 36 
S1 4 5 O ASN A 41 ? O ASN A 41 N VAL A 97 ? N VAL A 97 
# 
loop_
_struct_site.id 
_struct_site.pdbx_evidence_code 
_struct_site.pdbx_auth_asym_id 
_struct_site.pdbx_auth_comp_id 
_struct_site.pdbx_auth_seq_id 
_struct_site.pdbx_auth_ins_code 
_struct_site.pdbx_num_residues 
_struct_site.details 
AC1 Software A SO4 100 ? 8 'BINDING SITE FOR RESIDUE SO4 A 100' 
AC2 Software A SO4 101 ? 7 'BINDING SITE FOR RESIDUE SO4 A 101' 
AC3 Software A CL  102 ? 8 'BINDING SITE FOR RESIDUE CL A 102'  
# 
loop_
_struct_site_gen.id 
_struct_site_gen.site_id 
_struct_site_gen.pdbx_num_res 
_struct_site_gen.label_comp_id 
_struct_site_gen.label_asym_id 
_struct_site_gen.label_seq_id 
_struct_site_gen.pdbx_auth_ins_code 
_struct_site_gen.auth_comp_id 
_struct_site_gen.auth_asym_id 
_struct_site_gen.auth_seq_id 
_struct_site_gen.label_atom_id 
_struct_site_gen.label_alt_id 
_struct_site_gen.symmetry 
_struct_site_gen.details 
1  AC1 8 PHE A 21 ? PHE A 21  . ? 1_555 ? 
2  AC1 8 ARG A 23 ? ARG A 23  . ? 1_555 ? 
3  AC1 8 LYS A 24 ? LYS A 24  . ? 1_555 ? 
4  AC1 8 LYS A 68 ? LYS A 68  . ? 4_546 ? 
5  AC1 8 CL  D .  ? CL  A 102 . ? 1_555 ? 
6  AC1 8 HOH E .  ? HOH A 135 . ? 4_546 ? 
7  AC1 8 HOH E .  ? HOH A 165 . ? 1_555 ? 
8  AC1 8 HOH E .  ? HOH A 177 . ? 1_555 ? 
9  AC2 7 GLU A 29 ? GLU A 29  . ? 1_555 ? 
10 AC2 7 LYS A 32 ? LYS A 32  . ? 1_555 ? 
11 AC2 7 HIS A 60 ? HIS A 60  . ? 1_555 ? 
12 AC2 7 TRP A 64 ? TRP A 64  . ? 1_555 ? 
13 AC2 7 LYS A 68 ? LYS A 68  . ? 1_555 ? 
14 AC2 7 HOH E .  ? HOH A 135 . ? 1_555 ? 
15 AC2 7 HOH E .  ? HOH A 165 . ? 4_556 ? 
16 AC3 8 VAL A 17 ? VAL A 17  . ? 1_555 ? 
17 AC3 8 GLN A 18 ? GLN A 18  . ? 1_555 ? 
18 AC3 8 GLY A 19 ? GLY A 19  . ? 1_555 ? 
19 AC3 8 VAL A 20 ? VAL A 20  . ? 1_555 ? 
20 AC3 8 PHE A 21 ? PHE A 21  . ? 1_555 ? 
21 AC3 8 PHE A 22 ? PHE A 22  . ? 1_555 ? 
22 AC3 8 SO4 B .  ? SO4 A 100 . ? 1_555 ? 
23 AC3 8 HOH E .  ? HOH A 107 . ? 1_555 ? 
# 
_pdbx_validate_rmsd_angle.id                         1 
_pdbx_validate_rmsd_angle.PDB_model_num              1 
_pdbx_validate_rmsd_angle.auth_atom_id_1             CB 
_pdbx_validate_rmsd_angle.auth_asym_id_1             A 
_pdbx_validate_rmsd_angle.auth_comp_id_1             GLN 
_pdbx_validate_rmsd_angle.auth_seq_id_1              95 
_pdbx_validate_rmsd_angle.PDB_ins_code_1             ? 
_pdbx_validate_rmsd_angle.label_alt_id_1             ? 
_pdbx_validate_rmsd_angle.auth_atom_id_2             CA 
_pdbx_validate_rmsd_angle.auth_asym_id_2             A 
_pdbx_validate_rmsd_angle.auth_comp_id_2             GLN 
_pdbx_validate_rmsd_angle.auth_seq_id_2              95 
_pdbx_validate_rmsd_angle.PDB_ins_code_2             ? 
_pdbx_validate_rmsd_angle.label_alt_id_2             ? 
_pdbx_validate_rmsd_angle.auth_atom_id_3             C 
_pdbx_validate_rmsd_angle.auth_asym_id_3             A 
_pdbx_validate_rmsd_angle.auth_comp_id_3             GLN 
_pdbx_validate_rmsd_angle.auth_seq_id_3              95 
_pdbx_validate_rmsd_angle.PDB_ins_code_3             ? 
_pdbx_validate_rmsd_angle.label_alt_id_3             ? 
_pdbx_validate_rmsd_angle.angle_value                96.34 
_pdbx_validate_rmsd_angle.angle_target_value         110.40 
_pdbx_validate_rmsd_angle.angle_deviation            -14.06 
_pdbx_validate_rmsd_angle.angle_standard_deviation   2.00 
_pdbx_validate_rmsd_angle.linker_flag                N 
# 
_pdbx_validate_torsion.id              1 
_pdbx_validate_torsion.PDB_model_num   1 
_pdbx_validate_torsion.auth_comp_id    LYS 
_pdbx_validate_torsion.auth_asym_id    A 
_pdbx_validate_torsion.auth_seq_id     68 
_pdbx_validate_torsion.PDB_ins_code    ? 
_pdbx_validate_torsion.label_alt_id    ? 
_pdbx_validate_torsion.phi             -105.32 
_pdbx_validate_torsion.psi             -68.50 
# 
loop_
_chem_comp_atom.comp_id 
_chem_comp_atom.atom_id 
_chem_comp_atom.type_symbol 
_chem_comp_atom.pdbx_aromatic_flag 
_chem_comp_atom.pdbx_stereo_config 
_chem_comp_atom.pdbx_ordinal 
ALA N    N  N N 1   
ALA CA   C  N S 2   
ALA C    C  N N 3   
ALA O    O  N N 4   
ALA CB   C  N N 5   
ALA OXT  O  N N 6   
ALA H    H  N N 7   
ALA H2   H  N N 8   
ALA HA   H  N N 9   
ALA HB1  H  N N 10  
ALA HB2  H  N N 11  
ALA HB3  H  N N 12  
ALA HXT  H  N N 13  
ARG N    N  N N 14  
ARG CA   C  N S 15  
ARG C    C  N N 16  
ARG O    O  N N 17  
ARG CB   C  N N 18  
ARG CG   C  N N 19  
ARG CD   C  N N 20  
ARG NE   N  N N 21  
ARG CZ   C  N N 22  
ARG NH1  N  N N 23  
ARG NH2  N  N N 24  
ARG OXT  O  N N 25  
ARG H    H  N N 26  
ARG H2   H  N N 27  
ARG HA   H  N N 28  
ARG HB2  H  N N 29  
ARG HB3  H  N N 30  
ARG HG2  H  N N 31  
ARG HG3  H  N N 32  
ARG HD2  H  N N 33  
ARG HD3  H  N N 34  
ARG HE   H  N N 35  
ARG HH11 H  N N 36  
ARG HH12 H  N N 37  
ARG HH21 H  N N 38  
ARG HH22 H  N N 39  
ARG HXT  H  N N 40  
ASN N    N  N N 41  
ASN CA   C  N S 42  
ASN C    C  N N 43  
ASN O    O  N N 44  
ASN CB   C  N N 45  
ASN CG   C  N N 46  
ASN OD1  O  N N 47  
ASN ND2  N  N N 48  
ASN OXT  O  N N 49  
ASN H    H  N N 50  
ASN H2   H  N N 51  
ASN HA   H  N N 52  
ASN HB2  H  N N 53  
ASN HB3  H  N N 54  
ASN HD21 H  N N 55  
ASN HD22 H  N N 56  
ASN HXT  H  N N 57  
ASP N    N  N N 58  
ASP CA   C  N S 59  
ASP C    C  N N 60  
ASP O    O  N N 61  
ASP CB   C  N N 62  
ASP CG   C  N N 63  
ASP OD1  O  N N 64  
ASP OD2  O  N N 65  
ASP OXT  O  N N 66  
ASP H    H  N N 67  
ASP H2   H  N N 68  
ASP HA   H  N N 69  
ASP HB2  H  N N 70  
ASP HB3  H  N N 71  
ASP HD2  H  N N 72  
ASP HXT  H  N N 73  
CL  CL   CL N N 74  
GLN N    N  N N 75  
GLN CA   C  N S 76  
GLN C    C  N N 77  
GLN O    O  N N 78  
GLN CB   C  N N 79  
GLN CG   C  N N 80  
GLN CD   C  N N 81  
GLN OE1  O  N N 82  
GLN NE2  N  N N 83  
GLN OXT  O  N N 84  
GLN H    H  N N 85  
GLN H2   H  N N 86  
GLN HA   H  N N 87  
GLN HB2  H  N N 88  
GLN HB3  H  N N 89  
GLN HG2  H  N N 90  
GLN HG3  H  N N 91  
GLN HE21 H  N N 92  
GLN HE22 H  N N 93  
GLN HXT  H  N N 94  
GLU N    N  N N 95  
GLU CA   C  N S 96  
GLU C    C  N N 97  
GLU O    O  N N 98  
GLU CB   C  N N 99  
GLU CG   C  N N 100 
GLU CD   C  N N 101 
GLU OE1  O  N N 102 
GLU OE2  O  N N 103 
GLU OXT  O  N N 104 
GLU H    H  N N 105 
GLU H2   H  N N 106 
GLU HA   H  N N 107 
GLU HB2  H  N N 108 
GLU HB3  H  N N 109 
GLU HG2  H  N N 110 
GLU HG3  H  N N 111 
GLU HE2  H  N N 112 
GLU HXT  H  N N 113 
GLY N    N  N N 114 
GLY CA   C  N N 115 
GLY C    C  N N 116 
GLY O    O  N N 117 
GLY OXT  O  N N 118 
GLY H    H  N N 119 
GLY H2   H  N N 120 
GLY HA2  H  N N 121 
GLY HA3  H  N N 122 
GLY HXT  H  N N 123 
HIS N    N  N N 124 
HIS CA   C  N S 125 
HIS C    C  N N 126 
HIS O    O  N N 127 
HIS CB   C  N N 128 
HIS CG   C  Y N 129 
HIS ND1  N  Y N 130 
HIS CD2  C  Y N 131 
HIS CE1  C  Y N 132 
HIS NE2  N  Y N 133 
HIS OXT  O  N N 134 
HIS H    H  N N 135 
HIS H2   H  N N 136 
HIS HA   H  N N 137 
HIS HB2  H  N N 138 
HIS HB3  H  N N 139 
HIS HD1  H  N N 140 
HIS HD2  H  N N 141 
HIS HE1  H  N N 142 
HIS HE2  H  N N 143 
HIS HXT  H  N N 144 
HOH O    O  N N 145 
HOH H1   H  N N 146 
HOH H2   H  N N 147 
ILE N    N  N N 148 
ILE CA   C  N S 149 
ILE C    C  N N 150 
ILE O    O  N N 151 
ILE CB   C  N S 152 
ILE CG1  C  N N 153 
ILE CG2  C  N N 154 
ILE CD1  C  N N 155 
ILE OXT  O  N N 156 
ILE H    H  N N 157 
ILE H2   H  N N 158 
ILE HA   H  N N 159 
ILE HB   H  N N 160 
ILE HG12 H  N N 161 
ILE HG13 H  N N 162 
ILE HG21 H  N N 163 
ILE HG22 H  N N 164 
ILE HG23 H  N N 165 
ILE HD11 H  N N 166 
ILE HD12 H  N N 167 
ILE HD13 H  N N 168 
ILE HXT  H  N N 169 
LEU N    N  N N 170 
LEU CA   C  N S 171 
LEU C    C  N N 172 
LEU O    O  N N 173 
LEU CB   C  N N 174 
LEU CG   C  N N 175 
LEU CD1  C  N N 176 
LEU CD2  C  N N 177 
LEU OXT  O  N N 178 
LEU H    H  N N 179 
LEU H2   H  N N 180 
LEU HA   H  N N 181 
LEU HB2  H  N N 182 
LEU HB3  H  N N 183 
LEU HG   H  N N 184 
LEU HD11 H  N N 185 
LEU HD12 H  N N 186 
LEU HD13 H  N N 187 
LEU HD21 H  N N 188 
LEU HD22 H  N N 189 
LEU HD23 H  N N 190 
LEU HXT  H  N N 191 
LYS N    N  N N 192 
LYS CA   C  N S 193 
LYS C    C  N N 194 
LYS O    O  N N 195 
LYS CB   C  N N 196 
LYS CG   C  N N 197 
LYS CD   C  N N 198 
LYS CE   C  N N 199 
LYS NZ   N  N N 200 
LYS OXT  O  N N 201 
LYS H    H  N N 202 
LYS H2   H  N N 203 
LYS HA   H  N N 204 
LYS HB2  H  N N 205 
LYS HB3  H  N N 206 
LYS HG2  H  N N 207 
LYS HG3  H  N N 208 
LYS HD2  H  N N 209 
LYS HD3  H  N N 210 
LYS HE2  H  N N 211 
LYS HE3  H  N N 212 
LYS HZ1  H  N N 213 
LYS HZ2  H  N N 214 
LYS HZ3  H  N N 215 
LYS HXT  H  N N 216 
MET N    N  N N 217 
MET CA   C  N S 218 
MET C    C  N N 219 
MET O    O  N N 220 
MET CB   C  N N 221 
MET CG   C  N N 222 
MET SD   S  N N 223 
MET CE   C  N N 224 
MET OXT  O  N N 225 
MET H    H  N N 226 
MET H2   H  N N 227 
MET HA   H  N N 228 
MET HB2  H  N N 229 
MET HB3  H  N N 230 
MET HG2  H  N N 231 
MET HG3  H  N N 232 
MET HE1  H  N N 233 
MET HE2  H  N N 234 
MET HE3  H  N N 235 
MET HXT  H  N N 236 
PHE N    N  N N 237 
PHE CA   C  N S 238 
PHE C    C  N N 239 
PHE O    O  N N 240 
PHE CB   C  N N 241 
PHE CG   C  Y N 242 
PHE CD1  C  Y N 243 
PHE CD2  C  Y N 244 
PHE CE1  C  Y N 245 
PHE CE2  C  Y N 246 
PHE CZ   C  Y N 247 
PHE OXT  O  N N 248 
PHE H    H  N N 249 
PHE H2   H  N N 250 
PHE HA   H  N N 251 
PHE HB2  H  N N 252 
PHE HB3  H  N N 253 
PHE HD1  H  N N 254 
PHE HD2  H  N N 255 
PHE HE1  H  N N 256 
PHE HE2  H  N N 257 
PHE HZ   H  N N 258 
PHE HXT  H  N N 259 
PRO N    N  N N 260 
PRO CA   C  N S 261 
PRO C    C  N N 262 
PRO O    O  N N 263 
PRO CB   C  N N 264 
PRO CG   C  N N 265 
PRO CD   C  N N 266 
PRO OXT  O  N N 267 
PRO H    H  N N 268 
PRO HA   H  N N 269 
PRO HB2  H  N N 270 
PRO HB3  H  N N 271 
PRO HG2  H  N N 272 
PRO HG3  H  N N 273 
PRO HD2  H  N N 274 
PRO HD3  H  N N 275 
PRO HXT  H  N N 276 
SER N    N  N N 277 
SER CA   C  N S 278 
SER C    C  N N 279 
SER O    O  N N 280 
SER CB   C  N N 281 
SER OG   O  N N 282 
SER OXT  O  N N 283 
SER H    H  N N 284 
SER H2   H  N N 285 
SER HA   H  N N 286 
SER HB2  H  N N 287 
SER HB3  H  N N 288 
SER HG   H  N N 289 
SER HXT  H  N N 290 
SO4 S    S  N N 291 
SO4 O1   O  N N 292 
SO4 O2   O  N N 293 
SO4 O3   O  N N 294 
SO4 O4   O  N N 295 
THR N    N  N N 296 
THR CA   C  N S 297 
THR C    C  N N 298 
THR O    O  N N 299 
THR CB   C  N R 300 
THR OG1  O  N N 301 
THR CG2  C  N N 302 
THR OXT  O  N N 303 
THR H    H  N N 304 
THR H2   H  N N 305 
THR HA   H  N N 306 
THR HB   H  N N 307 
THR HG1  H  N N 308 
THR HG21 H  N N 309 
THR HG22 H  N N 310 
THR HG23 H  N N 311 
THR HXT  H  N N 312 
TRP N    N  N N 313 
TRP CA   C  N S 314 
TRP C    C  N N 315 
TRP O    O  N N 316 
TRP CB   C  N N 317 
TRP CG   C  Y N 318 
TRP CD1  C  Y N 319 
TRP CD2  C  Y N 320 
TRP NE1  N  Y N 321 
TRP CE2  C  Y N 322 
TRP CE3  C  Y N 323 
TRP CZ2  C  Y N 324 
TRP CZ3  C  Y N 325 
TRP CH2  C  Y N 326 
TRP OXT  O  N N 327 
TRP H    H  N N 328 
TRP H2   H  N N 329 
TRP HA   H  N N 330 
TRP HB2  H  N N 331 
TRP HB3  H  N N 332 
TRP HD1  H  N N 333 
TRP HE1  H  N N 334 
TRP HE3  H  N N 335 
TRP HZ2  H  N N 336 
TRP HZ3  H  N N 337 
TRP HH2  H  N N 338 
TRP HXT  H  N N 339 
TYR N    N  N N 340 
TYR CA   C  N S 341 
TYR C    C  N N 342 
TYR O    O  N N 343 
TYR CB   C  N N 344 
TYR CG   C  Y N 345 
TYR CD1  C  Y N 346 
TYR CD2  C  Y N 347 
TYR CE1  C  Y N 348 
TYR CE2  C  Y N 349 
TYR CZ   C  Y N 350 
TYR OH   O  N N 351 
TYR OXT  O  N N 352 
TYR H    H  N N 353 
TYR H2   H  N N 354 
TYR HA   H  N N 355 
TYR HB2  H  N N 356 
TYR HB3  H  N N 357 
TYR HD1  H  N N 358 
TYR HD2  H  N N 359 
TYR HE1  H  N N 360 
TYR HE2  H  N N 361 
TYR HH   H  N N 362 
TYR HXT  H  N N 363 
VAL N    N  N N 364 
VAL CA   C  N S 365 
VAL C    C  N N 366 
VAL O    O  N N 367 
VAL CB   C  N N 368 
VAL CG1  C  N N 369 
VAL CG2  C  N N 370 
VAL OXT  O  N N 371 
VAL H    H  N N 372 
VAL H2   H  N N 373 
VAL HA   H  N N 374 
VAL HB   H  N N 375 
VAL HG11 H  N N 376 
VAL HG12 H  N N 377 
VAL HG13 H  N N 378 
VAL HG21 H  N N 379 
VAL HG22 H  N N 380 
VAL HG23 H  N N 381 
VAL HXT  H  N N 382 
# 
loop_
_chem_comp_bond.comp_id 
_chem_comp_bond.atom_id_1 
_chem_comp_bond.atom_id_2 
_chem_comp_bond.value_order 
_chem_comp_bond.pdbx_aromatic_flag 
_chem_comp_bond.pdbx_stereo_config 
_chem_comp_bond.pdbx_ordinal 
ALA N   CA   sing N N 1   
ALA N   H    sing N N 2   
ALA N   H2   sing N N 3   
ALA CA  C    sing N N 4   
ALA CA  CB   sing N N 5   
ALA CA  HA   sing N N 6   
ALA C   O    doub N N 7   
ALA C   OXT  sing N N 8   
ALA CB  HB1  sing N N 9   
ALA CB  HB2  sing N N 10  
ALA CB  HB3  sing N N 11  
ALA OXT HXT  sing N N 12  
ARG N   CA   sing N N 13  
ARG N   H    sing N N 14  
ARG N   H2   sing N N 15  
ARG CA  C    sing N N 16  
ARG CA  CB   sing N N 17  
ARG CA  HA   sing N N 18  
ARG C   O    doub N N 19  
ARG C   OXT  sing N N 20  
ARG CB  CG   sing N N 21  
ARG CB  HB2  sing N N 22  
ARG CB  HB3  sing N N 23  
ARG CG  CD   sing N N 24  
ARG CG  HG2  sing N N 25  
ARG CG  HG3  sing N N 26  
ARG CD  NE   sing N N 27  
ARG CD  HD2  sing N N 28  
ARG CD  HD3  sing N N 29  
ARG NE  CZ   sing N N 30  
ARG NE  HE   sing N N 31  
ARG CZ  NH1  sing N N 32  
ARG CZ  NH2  doub N N 33  
ARG NH1 HH11 sing N N 34  
ARG NH1 HH12 sing N N 35  
ARG NH2 HH21 sing N N 36  
ARG NH2 HH22 sing N N 37  
ARG OXT HXT  sing N N 38  
ASN N   CA   sing N N 39  
ASN N   H    sing N N 40  
ASN N   H2   sing N N 41  
ASN CA  C    sing N N 42  
ASN CA  CB   sing N N 43  
ASN CA  HA   sing N N 44  
ASN C   O    doub N N 45  
ASN C   OXT  sing N N 46  
ASN CB  CG   sing N N 47  
ASN CB  HB2  sing N N 48  
ASN CB  HB3  sing N N 49  
ASN CG  OD1  doub N N 50  
ASN CG  ND2  sing N N 51  
ASN ND2 HD21 sing N N 52  
ASN ND2 HD22 sing N N 53  
ASN OXT HXT  sing N N 54  
ASP N   CA   sing N N 55  
ASP N   H    sing N N 56  
ASP N   H2   sing N N 57  
ASP CA  C    sing N N 58  
ASP CA  CB   sing N N 59  
ASP CA  HA   sing N N 60  
ASP C   O    doub N N 61  
ASP C   OXT  sing N N 62  
ASP CB  CG   sing N N 63  
ASP CB  HB2  sing N N 64  
ASP CB  HB3  sing N N 65  
ASP CG  OD1  doub N N 66  
ASP CG  OD2  sing N N 67  
ASP OD2 HD2  sing N N 68  
ASP OXT HXT  sing N N 69  
GLN N   CA   sing N N 70  
GLN N   H    sing N N 71  
GLN N   H2   sing N N 72  
GLN CA  C    sing N N 73  
GLN CA  CB   sing N N 74  
GLN CA  HA   sing N N 75  
GLN C   O    doub N N 76  
GLN C   OXT  sing N N 77  
GLN CB  CG   sing N N 78  
GLN CB  HB2  sing N N 79  
GLN CB  HB3  sing N N 80  
GLN CG  CD   sing N N 81  
GLN CG  HG2  sing N N 82  
GLN CG  HG3  sing N N 83  
GLN CD  OE1  doub N N 84  
GLN CD  NE2  sing N N 85  
GLN NE2 HE21 sing N N 86  
GLN NE2 HE22 sing N N 87  
GLN OXT HXT  sing N N 88  
GLU N   CA   sing N N 89  
GLU N   H    sing N N 90  
GLU N   H2   sing N N 91  
GLU CA  C    sing N N 92  
GLU CA  CB   sing N N 93  
GLU CA  HA   sing N N 94  
GLU C   O    doub N N 95  
GLU C   OXT  sing N N 96  
GLU CB  CG   sing N N 97  
GLU CB  HB2  sing N N 98  
GLU CB  HB3  sing N N 99  
GLU CG  CD   sing N N 100 
GLU CG  HG2  sing N N 101 
GLU CG  HG3  sing N N 102 
GLU CD  OE1  doub N N 103 
GLU CD  OE2  sing N N 104 
GLU OE2 HE2  sing N N 105 
GLU OXT HXT  sing N N 106 
GLY N   CA   sing N N 107 
GLY N   H    sing N N 108 
GLY N   H2   sing N N 109 
GLY CA  C    sing N N 110 
GLY CA  HA2  sing N N 111 
GLY CA  HA3  sing N N 112 
GLY C   O    doub N N 113 
GLY C   OXT  sing N N 114 
GLY OXT HXT  sing N N 115 
HIS N   CA   sing N N 116 
HIS N   H    sing N N 117 
HIS N   H2   sing N N 118 
HIS CA  C    sing N N 119 
HIS CA  CB   sing N N 120 
HIS CA  HA   sing N N 121 
HIS C   O    doub N N 122 
HIS C   OXT  sing N N 123 
HIS CB  CG   sing N N 124 
HIS CB  HB2  sing N N 125 
HIS CB  HB3  sing N N 126 
HIS CG  ND1  sing Y N 127 
HIS CG  CD2  doub Y N 128 
HIS ND1 CE1  doub Y N 129 
HIS ND1 HD1  sing N N 130 
HIS CD2 NE2  sing Y N 131 
HIS CD2 HD2  sing N N 132 
HIS CE1 NE2  sing Y N 133 
HIS CE1 HE1  sing N N 134 
HIS NE2 HE2  sing N N 135 
HIS OXT HXT  sing N N 136 
HOH O   H1   sing N N 137 
HOH O   H2   sing N N 138 
ILE N   CA   sing N N 139 
ILE N   H    sing N N 140 
ILE N   H2   sing N N 141 
ILE CA  C    sing N N 142 
ILE CA  CB   sing N N 143 
ILE CA  HA   sing N N 144 
ILE C   O    doub N N 145 
ILE C   OXT  sing N N 146 
ILE CB  CG1  sing N N 147 
ILE CB  CG2  sing N N 148 
ILE CB  HB   sing N N 149 
ILE CG1 CD1  sing N N 150 
ILE CG1 HG12 sing N N 151 
ILE CG1 HG13 sing N N 152 
ILE CG2 HG21 sing N N 153 
ILE CG2 HG22 sing N N 154 
ILE CG2 HG23 sing N N 155 
ILE CD1 HD11 sing N N 156 
ILE CD1 HD12 sing N N 157 
ILE CD1 HD13 sing N N 158 
ILE OXT HXT  sing N N 159 
LEU N   CA   sing N N 160 
LEU N   H    sing N N 161 
LEU N   H2   sing N N 162 
LEU CA  C    sing N N 163 
LEU CA  CB   sing N N 164 
LEU CA  HA   sing N N 165 
LEU C   O    doub N N 166 
LEU C   OXT  sing N N 167 
LEU CB  CG   sing N N 168 
LEU CB  HB2  sing N N 169 
LEU CB  HB3  sing N N 170 
LEU CG  CD1  sing N N 171 
LEU CG  CD2  sing N N 172 
LEU CG  HG   sing N N 173 
LEU CD1 HD11 sing N N 174 
LEU CD1 HD12 sing N N 175 
LEU CD1 HD13 sing N N 176 
LEU CD2 HD21 sing N N 177 
LEU CD2 HD22 sing N N 178 
LEU CD2 HD23 sing N N 179 
LEU OXT HXT  sing N N 180 
LYS N   CA   sing N N 181 
LYS N   H    sing N N 182 
LYS N   H2   sing N N 183 
LYS CA  C    sing N N 184 
LYS CA  CB   sing N N 185 
LYS CA  HA   sing N N 186 
LYS C   O    doub N N 187 
LYS C   OXT  sing N N 188 
LYS CB  CG   sing N N 189 
LYS CB  HB2  sing N N 190 
LYS CB  HB3  sing N N 191 
LYS CG  CD   sing N N 192 
LYS CG  HG2  sing N N 193 
LYS CG  HG3  sing N N 194 
LYS CD  CE   sing N N 195 
LYS CD  HD2  sing N N 196 
LYS CD  HD3  sing N N 197 
LYS CE  NZ   sing N N 198 
LYS CE  HE2  sing N N 199 
LYS CE  HE3  sing N N 200 
LYS NZ  HZ1  sing N N 201 
LYS NZ  HZ2  sing N N 202 
LYS NZ  HZ3  sing N N 203 
LYS OXT HXT  sing N N 204 
MET N   CA   sing N N 205 
MET N   H    sing N N 206 
MET N   H2   sing N N 207 
MET CA  C    sing N N 208 
MET CA  CB   sing N N 209 
MET CA  HA   sing N N 210 
MET C   O    doub N N 211 
MET C   OXT  sing N N 212 
MET CB  CG   sing N N 213 
MET CB  HB2  sing N N 214 
MET CB  HB3  sing N N 215 
MET CG  SD   sing N N 216 
MET CG  HG2  sing N N 217 
MET CG  HG3  sing N N 218 
MET SD  CE   sing N N 219 
MET CE  HE1  sing N N 220 
MET CE  HE2  sing N N 221 
MET CE  HE3  sing N N 222 
MET OXT HXT  sing N N 223 
PHE N   CA   sing N N 224 
PHE N   H    sing N N 225 
PHE N   H2   sing N N 226 
PHE CA  C    sing N N 227 
PHE CA  CB   sing N N 228 
PHE CA  HA   sing N N 229 
PHE C   O    doub N N 230 
PHE C   OXT  sing N N 231 
PHE CB  CG   sing N N 232 
PHE CB  HB2  sing N N 233 
PHE CB  HB3  sing N N 234 
PHE CG  CD1  doub Y N 235 
PHE CG  CD2  sing Y N 236 
PHE CD1 CE1  sing Y N 237 
PHE CD1 HD1  sing N N 238 
PHE CD2 CE2  doub Y N 239 
PHE CD2 HD2  sing N N 240 
PHE CE1 CZ   doub Y N 241 
PHE CE1 HE1  sing N N 242 
PHE CE2 CZ   sing Y N 243 
PHE CE2 HE2  sing N N 244 
PHE CZ  HZ   sing N N 245 
PHE OXT HXT  sing N N 246 
PRO N   CA   sing N N 247 
PRO N   CD   sing N N 248 
PRO N   H    sing N N 249 
PRO CA  C    sing N N 250 
PRO CA  CB   sing N N 251 
PRO CA  HA   sing N N 252 
PRO C   O    doub N N 253 
PRO C   OXT  sing N N 254 
PRO CB  CG   sing N N 255 
PRO CB  HB2  sing N N 256 
PRO CB  HB3  sing N N 257 
PRO CG  CD   sing N N 258 
PRO CG  HG2  sing N N 259 
PRO CG  HG3  sing N N 260 
PRO CD  HD2  sing N N 261 
PRO CD  HD3  sing N N 262 
PRO OXT HXT  sing N N 263 
SER N   CA   sing N N 264 
SER N   H    sing N N 265 
SER N   H2   sing N N 266 
SER CA  C    sing N N 267 
SER CA  CB   sing N N 268 
SER CA  HA   sing N N 269 
SER C   O    doub N N 270 
SER C   OXT  sing N N 271 
SER CB  OG   sing N N 272 
SER CB  HB2  sing N N 273 
SER CB  HB3  sing N N 274 
SER OG  HG   sing N N 275 
SER OXT HXT  sing N N 276 
SO4 S   O1   doub N N 277 
SO4 S   O2   doub N N 278 
SO4 S   O3   sing N N 279 
SO4 S   O4   sing N N 280 
THR N   CA   sing N N 281 
THR N   H    sing N N 282 
THR N   H2   sing N N 283 
THR CA  C    sing N N 284 
THR CA  CB   sing N N 285 
THR CA  HA   sing N N 286 
THR C   O    doub N N 287 
THR C   OXT  sing N N 288 
THR CB  OG1  sing N N 289 
THR CB  CG2  sing N N 290 
THR CB  HB   sing N N 291 
THR OG1 HG1  sing N N 292 
THR CG2 HG21 sing N N 293 
THR CG2 HG22 sing N N 294 
THR CG2 HG23 sing N N 295 
THR OXT HXT  sing N N 296 
TRP N   CA   sing N N 297 
TRP N   H    sing N N 298 
TRP N   H2   sing N N 299 
TRP CA  C    sing N N 300 
TRP CA  CB   sing N N 301 
TRP CA  HA   sing N N 302 
TRP C   O    doub N N 303 
TRP C   OXT  sing N N 304 
TRP CB  CG   sing N N 305 
TRP CB  HB2  sing N N 306 
TRP CB  HB3  sing N N 307 
TRP CG  CD1  doub Y N 308 
TRP CG  CD2  sing Y N 309 
TRP CD1 NE1  sing Y N 310 
TRP CD1 HD1  sing N N 311 
TRP CD2 CE2  doub Y N 312 
TRP CD2 CE3  sing Y N 313 
TRP NE1 CE2  sing Y N 314 
TRP NE1 HE1  sing N N 315 
TRP CE2 CZ2  sing Y N 316 
TRP CE3 CZ3  doub Y N 317 
TRP CE3 HE3  sing N N 318 
TRP CZ2 CH2  doub Y N 319 
TRP CZ2 HZ2  sing N N 320 
TRP CZ3 CH2  sing Y N 321 
TRP CZ3 HZ3  sing N N 322 
TRP CH2 HH2  sing N N 323 
TRP OXT HXT  sing N N 324 
TYR N   CA   sing N N 325 
TYR N   H    sing N N 326 
TYR N   H2   sing N N 327 
TYR CA  C    sing N N 328 
TYR CA  CB   sing N N 329 
TYR CA  HA   sing N N 330 
TYR C   O    doub N N 331 
TYR C   OXT  sing N N 332 
TYR CB  CG   sing N N 333 
TYR CB  HB2  sing N N 334 
TYR CB  HB3  sing N N 335 
TYR CG  CD1  doub Y N 336 
TYR CG  CD2  sing Y N 337 
TYR CD1 CE1  sing Y N 338 
TYR CD1 HD1  sing N N 339 
TYR CD2 CE2  doub Y N 340 
TYR CD2 HD2  sing N N 341 
TYR CE1 CZ   doub Y N 342 
TYR CE1 HE1  sing N N 343 
TYR CE2 CZ   sing Y N 344 
TYR CE2 HE2  sing N N 345 
TYR CZ  OH   sing N N 346 
TYR OH  HH   sing N N 347 
TYR OXT HXT  sing N N 348 
VAL N   CA   sing N N 349 
VAL N   H    sing N N 350 
VAL N   H2   sing N N 351 
VAL CA  C    sing N N 352 
VAL CA  CB   sing N N 353 
VAL CA  HA   sing N N 354 
VAL C   O    doub N N 355 
VAL C   OXT  sing N N 356 
VAL CB  CG1  sing N N 357 
VAL CB  CG2  sing N N 358 
VAL CB  HB   sing N N 359 
VAL CG1 HG11 sing N N 360 
VAL CG1 HG12 sing N N 361 
VAL CG1 HG13 sing N N 362 
VAL CG2 HG21 sing N N 363 
VAL CG2 HG22 sing N N 364 
VAL CG2 HG23 sing N N 365 
VAL OXT HXT  sing N N 366 
# 
_atom_sites.entry_id                    2ACY 
_atom_sites.fract_transf_matrix[1][1]   0.01360060 
_atom_sites.fract_transf_matrix[1][2]   0.00567384 
_atom_sites.fract_transf_matrix[1][3]   -0.00699938 
_atom_sites.fract_transf_matrix[2][1]   0.01525157 
_atom_sites.fract_transf_matrix[2][2]   -0.01503226 
_atom_sites.fract_transf_matrix[2][3]   0.01745010 
_atom_sites.fract_transf_matrix[3][1]   0.00431799 
_atom_sites.fract_transf_matrix[3][2]   -0.01492624 
_atom_sites.fract_transf_matrix[3][3]   -0.01663206 
_atom_sites.fract_transf_vector[1]      0.269610 
_atom_sites.fract_transf_vector[2]      -0.156321 
_atom_sites.fract_transf_vector[3]      0.249333 
# 
loop_
_atom_type.symbol 
C  
CL 
N  
O  
S  
# 
loop_
_atom_site.group_PDB 
_atom_site.id 
_atom_site.type_symbol 
_atom_site.label_atom_id 
_atom_site.label_alt_id 
_atom_site.label_comp_id 
_atom_site.label_asym_id 
_atom_site.label_entity_id 
_atom_site.label_seq_id 
_atom_site.pdbx_PDB_ins_code 
_atom_site.Cartn_x 
_atom_site.Cartn_y 
_atom_site.Cartn_z 
_atom_site.occupancy 
_atom_site.B_iso_or_equiv 
_atom_site.pdbx_formal_charge 
_atom_site.auth_seq_id 
_atom_site.auth_comp_id 
_atom_site.auth_asym_id 
_atom_site.auth_atom_id 
_atom_site.pdbx_PDB_model_num 
ATOM   1   N  N   . ALA A 1 1  ? 3.871   -0.140  16.077  1.00 80.57  ? 1   ALA A N   1 
ATOM   2   C  CA  . ALA A 1 1  ? 2.706   -0.452  16.897  1.00 78.70  ? 1   ALA A CA  1 
ATOM   3   C  C   . ALA A 1 1  ? 1.907   -1.512  16.177  1.00 77.39  ? 1   ALA A C   1 
ATOM   4   O  O   . ALA A 1 1  ? 1.782   -1.454  14.961  1.00 80.16  ? 1   ALA A O   1 
ATOM   5   C  CB  . ALA A 1 1  ? 1.865   0.812   17.061  1.00 79.51  ? 1   ALA A CB  1 
ATOM   6   N  N   . GLU A 1 2  ? 1.368   -2.482  16.895  1.00 66.64  ? 2   GLU A N   1 
ATOM   7   C  CA  . GLU A 1 2  ? 0.561   -3.459  16.198  1.00 65.50  ? 2   GLU A CA  1 
ATOM   8   C  C   . GLU A 1 2  ? -0.804  -3.583  16.855  1.00 65.06  ? 2   GLU A C   1 
ATOM   9   O  O   . GLU A 1 2  ? -1.170  -2.753  17.700  1.00 62.92  ? 2   GLU A O   1 
ATOM   10  C  CB  . GLU A 1 2  ? 1.261   -4.747  15.763  1.00 66.75  ? 2   GLU A CB  1 
ATOM   11  C  CG  . GLU A 1 2  ? 1.425   -4.824  14.252  1.00 67.60  ? 2   GLU A CG  1 
ATOM   12  C  CD  . GLU A 1 2  ? 2.398   -5.896  13.820  1.00 100.00 ? 2   GLU A CD  1 
ATOM   13  O  OE1 . GLU A 1 2  ? 2.082   -7.087  14.057  1.00 100.00 ? 2   GLU A OE1 1 
ATOM   14  O  OE2 . GLU A 1 2  ? 3.458   -5.558  13.244  1.00 100.00 ? 2   GLU A OE2 1 
ATOM   15  N  N   . GLY A 1 3  ? -1.598  -4.564  16.445  1.00 57.60  ? 3   GLY A N   1 
ATOM   16  C  CA  . GLY A 1 3  ? -2.915  -4.686  17.038  1.00 54.68  ? 3   GLY A CA  1 
ATOM   17  C  C   . GLY A 1 3  ? -3.889  -3.663  16.407  1.00 51.19  ? 3   GLY A C   1 
ATOM   18  O  O   . GLY A 1 3  ? -3.931  -3.507  15.169  1.00 41.61  ? 3   GLY A O   1 
ATOM   19  N  N   . ASP A 1 4  ? -4.657  -2.981  17.265  1.00 49.11  ? 4   ASP A N   1 
ATOM   20  C  CA  . ASP A 1 4  ? -5.654  -1.988  16.833  1.00 50.02  ? 4   ASP A CA  1 
ATOM   21  C  C   . ASP A 1 4  ? -5.302  -0.501  16.813  1.00 46.05  ? 4   ASP A C   1 
ATOM   22  O  O   . ASP A 1 4  ? -6.154  0.322   16.502  1.00 49.79  ? 4   ASP A O   1 
ATOM   23  C  CB  . ASP A 1 4  ? -6.976  -2.174  17.580  1.00 55.27  ? 4   ASP A CB  1 
ATOM   24  C  CG  . ASP A 1 4  ? -7.647  -3.504  17.262  1.00 87.23  ? 4   ASP A CG  1 
ATOM   25  O  OD1 . ASP A 1 4  ? -7.749  -3.851  16.059  1.00 89.60  ? 4   ASP A OD1 1 
ATOM   26  O  OD2 . ASP A 1 4  ? -8.076  -4.195  18.218  1.00 100.00 ? 4   ASP A OD2 1 
ATOM   27  N  N   . THR A 1 5  ? -4.072  -0.158  17.160  1.00 31.37  ? 5   THR A N   1 
ATOM   28  C  CA  . THR A 1 5  ? -3.625  1.226   17.140  1.00 28.36  ? 5   THR A CA  1 
ATOM   29  C  C   . THR A 1 5  ? -3.679  1.552   15.643  1.00 25.99  ? 5   THR A C   1 
ATOM   30  O  O   . THR A 1 5  ? -3.317  0.703   14.825  1.00 24.70  ? 5   THR A O   1 
ATOM   31  C  CB  . THR A 1 5  ? -2.113  1.267   17.538  1.00 30.90  ? 5   THR A CB  1 
ATOM   32  O  OG1 . THR A 1 5  ? -1.972  0.775   18.863  1.00 42.63  ? 5   THR A OG1 1 
ATOM   33  C  CG2 . THR A 1 5  ? -1.528  2.643   17.513  1.00 22.96  ? 5   THR A CG2 1 
ATOM   34  N  N   . LEU A 1 6  ? -4.092  2.773   15.298  1.00 19.98  ? 6   LEU A N   1 
ATOM   35  C  CA  . LEU A 1 6  ? -4.163  3.214   13.895  1.00 20.96  ? 6   LEU A CA  1 
ATOM   36  C  C   . LEU A 1 6  ? -2.862  3.846   13.421  1.00 22.10  ? 6   LEU A C   1 
ATOM   37  O  O   . LEU A 1 6  ? -2.307  4.732   14.096  1.00 19.25  ? 6   LEU A O   1 
ATOM   38  C  CB  . LEU A 1 6  ? -5.286  4.239   13.683  1.00 20.13  ? 6   LEU A CB  1 
ATOM   39  C  CG  . LEU A 1 6  ? -6.722  3.795   13.969  1.00 23.49  ? 6   LEU A CG  1 
ATOM   40  C  CD1 . LEU A 1 6  ? -7.640  4.992   13.803  1.00 24.32  ? 6   LEU A CD1 1 
ATOM   41  C  CD2 . LEU A 1 6  ? -7.132  2.683   13.056  1.00 22.92  ? 6   LEU A CD2 1 
ATOM   42  N  N   . ILE A 1 7  ? -2.372  3.401   12.259  1.00 17.28  ? 7   ILE A N   1 
ATOM   43  C  CA  . ILE A 1 7  ? -1.135  3.966   11.714  1.00 17.92  ? 7   ILE A CA  1 
ATOM   44  C  C   . ILE A 1 7  ? -1.317  4.376   10.246  1.00 15.23  ? 7   ILE A C   1 
ATOM   45  O  O   . ILE A 1 7  ? -2.275  3.971   9.580   1.00 12.32  ? 7   ILE A O   1 
ATOM   46  C  CB  . ILE A 1 7  ? 0.134   3.040   11.824  1.00 24.56  ? 7   ILE A CB  1 
ATOM   47  C  CG1 . ILE A 1 7  ? -0.021  1.801   10.957  1.00 27.46  ? 7   ILE A CG1 1 
ATOM   48  C  CG2 . ILE A 1 7  ? 0.464   2.637   13.277  1.00 25.90  ? 7   ILE A CG2 1 
ATOM   49  C  CD1 . ILE A 1 7  ? 1.181   0.887   11.034  1.00 34.44  ? 7   ILE A CD1 1 
ATOM   50  N  N   . SER A 1 8  ? -0.386  5.215   9.808   1.00 14.51  ? 8   SER A N   1 
ATOM   51  C  CA  . SER A 1 8  ? -0.338  5.731   8.459   1.00 13.08  ? 8   SER A CA  1 
ATOM   52  C  C   . SER A 1 8  ? 1.099   5.510   8.037   1.00 17.28  ? 8   SER A C   1 
ATOM   53  O  O   . SER A 1 8  ? 2.011   5.745   8.820   1.00 17.27  ? 8   SER A O   1 
ATOM   54  C  CB  . SER A 1 8  ? -0.582  7.220   8.501   1.00 14.21  ? 8   SER A CB  1 
ATOM   55  O  OG  . SER A 1 8  ? -0.422  7.753   7.212   1.00 17.08  ? 8   SER A OG  1 
ATOM   56  N  N   . VAL A 1 9  ? 1.326   5.068   6.795   1.00 14.10  ? 9   VAL A N   1 
ATOM   57  C  CA  . VAL A 1 9  ? 2.718   4.864   6.343   1.00 12.33  ? 9   VAL A CA  1 
ATOM   58  C  C   . VAL A 1 9  ? 2.741   5.124   4.830   1.00 14.71  ? 9   VAL A C   1 
ATOM   59  O  O   . VAL A 1 9  ? 1.751   4.832   4.164   1.00 14.48  ? 9   VAL A O   1 
ATOM   60  C  CB  . VAL A 1 9  ? 3.250   3.440   6.719   1.00 17.05  ? 9   VAL A CB  1 
ATOM   61  C  CG1 . VAL A 1 9  ? 2.333   2.362   6.235   1.00 18.31  ? 9   VAL A CG1 1 
ATOM   62  C  CG2 . VAL A 1 9  ? 4.662   3.215   6.157   1.00 16.88  ? 9   VAL A CG2 1 
ATOM   63  N  N   . ASP A 1 10 ? 3.834   5.679   4.311   1.00 14.63  ? 10  ASP A N   1 
ATOM   64  C  CA  . ASP A 1 10 ? 3.978   5.979   2.873   1.00 11.81  ? 10  ASP A CA  1 
ATOM   65  C  C   . ASP A 1 10 ? 4.807   4.826   2.280   1.00 15.69  ? 10  ASP A C   1 
ATOM   66  O  O   . ASP A 1 10 ? 5.666   4.280   2.957   1.00 14.88  ? 10  ASP A O   1 
ATOM   67  C  CB  . ASP A 1 10 ? 4.781   7.252   2.654   1.00 13.06  ? 10  ASP A CB  1 
ATOM   68  C  CG  . ASP A 1 10 ? 4.128   8.499   3.284   1.00 20.37  ? 10  ASP A CG  1 
ATOM   69  O  OD1 . ASP A 1 10 ? 2.988   8.429   3.802   1.00 20.20  ? 10  ASP A OD1 1 
ATOM   70  O  OD2 . ASP A 1 10 ? 4.789   9.551   3.276   1.00 25.58  ? 10  ASP A OD2 1 
ATOM   71  N  N   . TYR A 1 11 ? 4.547   4.456   1.028   1.00 13.15  ? 11  TYR A N   1 
ATOM   72  C  CA  . TYR A 1 11 ? 5.305   3.353   0.428   1.00 11.59  ? 11  TYR A CA  1 
ATOM   73  C  C   . TYR A 1 11 ? 5.663   3.648   -1.020  1.00 14.52  ? 11  TYR A C   1 
ATOM   74  O  O   . TYR A 1 11 ? 5.053   4.482   -1.663  1.00 12.02  ? 11  TYR A O   1 
ATOM   75  C  CB  . TYR A 1 11 ? 4.499   2.057   0.484   1.00 11.49  ? 11  TYR A CB  1 
ATOM   76  C  CG  . TYR A 1 11 ? 3.234   2.075   -0.354  1.00 12.96  ? 11  TYR A CG  1 
ATOM   77  C  CD1 . TYR A 1 11 ? 3.239   1.662   -1.704  1.00 13.33  ? 11  TYR A CD1 1 
ATOM   78  C  CD2 . TYR A 1 11 ? 2.030   2.479   0.205   1.00 11.23  ? 11  TYR A CD2 1 
ATOM   79  C  CE1 . TYR A 1 11 ? 2.057   1.690   -2.468  1.00 11.13  ? 11  TYR A CE1 1 
ATOM   80  C  CE2 . TYR A 1 11 ? 0.851   2.493   -0.537  1.00 12.29  ? 11  TYR A CE2 1 
ATOM   81  C  CZ  . TYR A 1 11 ? 0.874   2.105   -1.873  1.00 13.17  ? 11  TYR A CZ  1 
ATOM   82  O  OH  . TYR A 1 11 ? -0.319  2.141   -2.549  1.00 14.33  ? 11  TYR A OH  1 
ATOM   83  N  N   . GLU A 1 12 ? 6.691   2.967   -1.507  1.00 13.70  ? 12  GLU A N   1 
ATOM   84  C  CA  . GLU A 1 12 ? 7.142   3.060   -2.906  1.00 11.03  ? 12  GLU A CA  1 
ATOM   85  C  C   . GLU A 1 12 ? 7.684   1.642   -3.243  1.00 11.72  ? 12  GLU A C   1 
ATOM   86  O  O   . GLU A 1 12 ? 8.506   1.072   -2.501  1.00 10.87  ? 12  GLU A O   1 
ATOM   87  C  CB  . GLU A 1 12 ? 8.182   4.140   -3.152  1.00 12.06  ? 12  GLU A CB  1 
ATOM   88  C  CG  . GLU A 1 12 ? 8.359   4.343   -4.684  1.00 17.22  ? 12  GLU A CG  1 
ATOM   89  C  CD  . GLU A 1 12 ? 9.206   5.539   -5.050  1.00 29.21  ? 12  GLU A CD  1 
ATOM   90  O  OE1 . GLU A 1 12 ? 9.828   6.152   -4.172  1.00 21.84  ? 12  GLU A OE1 1 
ATOM   91  O  OE2 . GLU A 1 12 ? 9.287   5.856   -6.238  1.00 18.66  ? 12  GLU A OE2 1 
ATOM   92  N  N   . ILE A 1 13 ? 7.203   1.079   -4.340  1.00 10.01  ? 13  ILE A N   1 
ATOM   93  C  CA  . ILE A 1 13 ? 7.563   -0.269  -4.746  1.00 11.01  ? 13  ILE A CA  1 
ATOM   94  C  C   . ILE A 1 13 ? 8.360   -0.204  -6.032  1.00 14.47  ? 13  ILE A C   1 
ATOM   95  O  O   . ILE A 1 13 ? 8.014   0.560   -6.919  1.00 11.20  ? 13  ILE A O   1 
ATOM   96  C  CB  . ILE A 1 13 ? 6.290   -1.086  -5.024  1.00 14.23  ? 13  ILE A CB  1 
ATOM   97  C  CG1 . ILE A 1 13 ? 5.226   -0.834  -3.936  1.00 15.38  ? 13  ILE A CG1 1 
ATOM   98  C  CG2 . ILE A 1 13 ? 6.645   -2.550  -5.118  1.00 11.73  ? 13  ILE A CG2 1 
ATOM   99  C  CD1 . ILE A 1 13 ? 5.678   -1.296  -2.538  1.00 16.16  ? 13  ILE A CD1 1 
ATOM   100 N  N   . PHE A 1 14 ? 9.424   -1.001  -6.112  1.00 11.95  ? 14  PHE A N   1 
ATOM   101 C  CA  . PHE A 1 14 ? 10.327  -1.021  -7.278  1.00 11.50  ? 14  PHE A CA  1 
ATOM   102 C  C   . PHE A 1 14 ? 10.445  -2.443  -7.865  1.00 17.55  ? 14  PHE A C   1 
ATOM   103 O  O   . PHE A 1 14 ? 10.360  -3.436  -7.127  1.00 13.66  ? 14  PHE A O   1 
ATOM   104 C  CB  . PHE A 1 14 ? 11.744  -0.621  -6.850  1.00 12.07  ? 14  PHE A CB  1 
ATOM   105 C  CG  . PHE A 1 14 ? 11.813  0.668   -6.081  1.00 14.68  ? 14  PHE A CG  1 
ATOM   106 C  CD1 . PHE A 1 14 ? 11.558  0.692   -4.710  1.00 16.45  ? 14  PHE A CD1 1 
ATOM   107 C  CD2 . PHE A 1 14 ? 12.114  1.866   -6.731  1.00 15.99  ? 14  PHE A CD2 1 
ATOM   108 C  CE1 . PHE A 1 14 ? 11.617  1.905   -3.995  1.00 16.97  ? 14  PHE A CE1 1 
ATOM   109 C  CE2 . PHE A 1 14 ? 12.179  3.102   -6.029  1.00 18.63  ? 14  PHE A CE2 1 
ATOM   110 C  CZ  . PHE A 1 14 ? 11.923  3.121   -4.658  1.00 16.12  ? 14  PHE A CZ  1 
ATOM   111 N  N   . GLY A 1 15 ? 10.648  -2.524  -9.186  1.00 15.08  ? 15  GLY A N   1 
ATOM   112 C  CA  . GLY A 1 15 ? 10.793  -3.822  -9.856  1.00 14.24  ? 15  GLY A CA  1 
ATOM   113 C  C   . GLY A 1 15 ? 9.988   -3.815  -11.141 1.00 16.77  ? 15  GLY A C   1 
ATOM   114 O  O   . GLY A 1 15 ? 9.919   -2.803  -11.826 1.00 19.22  ? 15  GLY A O   1 
ATOM   115 N  N   . LYS A 1 16 ? 9.368   -4.938  -11.462 1.00 11.13  ? 16  LYS A N   1 
ATOM   116 C  CA  . LYS A 1 16 ? 8.530   -4.966  -12.657 1.00 9.34   ? 16  LYS A CA  1 
ATOM   117 C  C   . LYS A 1 16 ? 7.132   -4.772  -12.013 1.00 12.52  ? 16  LYS A C   1 
ATOM   118 O  O   . LYS A 1 16 ? 6.455   -5.727  -11.646 1.00 11.93  ? 16  LYS A O   1 
ATOM   119 C  CB  . LYS A 1 16 ? 8.630   -6.340  -13.314 1.00 12.93  ? 16  LYS A CB  1 
ATOM   120 C  CG  . LYS A 1 16 ? 7.852   -6.453  -14.594 1.00 19.01  ? 16  LYS A CG  1 
ATOM   121 C  CD  . LYS A 1 16 ? 7.976   -7.859  -15.131 1.00 31.21  ? 16  LYS A CD  1 
ATOM   122 C  CE  . LYS A 1 16 ? 8.663   -7.874  -16.478 1.00 55.16  ? 16  LYS A CE  1 
ATOM   123 N  NZ  . LYS A 1 16 ? 8.035   -8.866  -17.412 1.00 80.08  ? 16  LYS A NZ  1 
ATOM   124 N  N   . VAL A 1 17 ? 6.734   -3.512  -11.871 1.00 12.68  ? 17  VAL A N   1 
ATOM   125 C  CA  . VAL A 1 17 ? 5.487   -3.145  -11.203 1.00 13.41  ? 17  VAL A CA  1 
ATOM   126 C  C   . VAL A 1 17 ? 4.469   -2.270  -11.932 1.00 15.89  ? 17  VAL A C   1 
ATOM   127 O  O   . VAL A 1 17 ? 3.468   -1.871  -11.336 1.00 14.48  ? 17  VAL A O   1 
ATOM   128 C  CB  . VAL A 1 17 ? 5.852   -2.523  -9.810  1.00 12.97  ? 17  VAL A CB  1 
ATOM   129 C  CG1 . VAL A 1 17 ? 6.625   -3.578  -8.949  1.00 14.81  ? 17  VAL A CG1 1 
ATOM   130 C  CG2 . VAL A 1 17 ? 6.725   -1.263  -10.007 1.00 11.44  ? 17  VAL A CG2 1 
ATOM   131 N  N   . GLN A 1 18 ? 4.700   -1.989  -13.217 1.00 12.61  ? 18  GLN A N   1 
ATOM   132 C  CA  . GLN A 1 18 ? 3.764   -1.225  -14.037 1.00 10.87  ? 18  GLN A CA  1 
ATOM   133 C  C   . GLN A 1 18 ? 3.352   -2.146  -15.197 1.00 16.90  ? 18  GLN A C   1 
ATOM   134 O  O   . GLN A 1 18 ? 4.094   -3.070  -15.562 1.00 15.69  ? 18  GLN A O   1 
ATOM   135 C  CB  . GLN A 1 18 ? 4.362   0.074   -14.574 1.00 11.42  ? 18  GLN A CB  1 
ATOM   136 C  CG  . GLN A 1 18 ? 4.671   1.010   -13.444 1.00 12.91  ? 18  GLN A CG  1 
ATOM   137 C  CD  . GLN A 1 18 ? 5.027   2.412   -13.861 1.00 28.89  ? 18  GLN A CD  1 
ATOM   138 O  OE1 . GLN A 1 18 ? 5.216   3.330   -13.025 1.00 21.60  ? 18  GLN A OE1 1 
ATOM   139 N  NE2 . GLN A 1 18 ? 5.100   2.613   -15.150 1.00 15.50  ? 18  GLN A NE2 1 
ATOM   140 N  N   . GLY A 1 19 ? 2.159   -1.914  -15.743 1.00 14.56  ? 19  GLY A N   1 
ATOM   141 C  CA  . GLY A 1 19 ? 1.661   -2.713  -16.851 1.00 15.38  ? 19  GLY A CA  1 
ATOM   142 C  C   . GLY A 1 19 ? 1.403   -4.149  -16.447 1.00 19.91  ? 19  GLY A C   1 
ATOM   143 O  O   . GLY A 1 19 ? 1.374   -4.996  -17.303 1.00 18.73  ? 19  GLY A O   1 
ATOM   144 N  N   . VAL A 1 20 ? 1.205   -4.447  -15.160 1.00 12.42  ? 20  VAL A N   1 
ATOM   145 C  CA  . VAL A 1 20 ? 0.969   -5.794  -14.676 1.00 10.39  ? 20  VAL A CA  1 
ATOM   146 C  C   . VAL A 1 20 ? -0.234  -5.867  -13.731 1.00 14.52  ? 20  VAL A C   1 
ATOM   147 O  O   . VAL A 1 20 ? -0.315  -6.771  -12.911 1.00 14.79  ? 20  VAL A O   1 
ATOM   148 C  CB  . VAL A 1 20 ? 2.221   -6.356  -13.934 1.00 14.41  ? 20  VAL A CB  1 
ATOM   149 C  CG1 . VAL A 1 20 ? 3.368   -6.615  -14.889 1.00 15.62  ? 20  VAL A CG1 1 
ATOM   150 C  CG2 . VAL A 1 20 ? 2.704   -5.407  -12.798 1.00 13.87  ? 20  VAL A CG2 1 
ATOM   151 N  N   . PHE A 1 21 ? -1.152  -4.915  -13.844 1.00 11.77  ? 21  PHE A N   1 
ATOM   152 C  CA  . PHE A 1 21 ? -2.356  -4.849  -12.997 1.00 10.98  ? 21  PHE A CA  1 
ATOM   153 C  C   . PHE A 1 21 ? -2.044  -4.624  -11.511 1.00 11.63  ? 21  PHE A C   1 
ATOM   154 O  O   . PHE A 1 21 ? -2.790  -5.017  -10.627 1.00 12.75  ? 21  PHE A O   1 
ATOM   155 C  CB  . PHE A 1 21 ? -3.220  -6.093  -13.191 1.00 13.69  ? 21  PHE A CB  1 
ATOM   156 C  CG  . PHE A 1 21 ? -3.632  -6.297  -14.639 1.00 17.59  ? 21  PHE A CG  1 
ATOM   157 C  CD1 . PHE A 1 21 ? -4.488  -5.378  -15.278 1.00 18.75  ? 21  PHE A CD1 1 
ATOM   158 C  CD2 . PHE A 1 21 ? -3.113  -7.355  -15.387 1.00 20.84  ? 21  PHE A CD2 1 
ATOM   159 C  CE1 . PHE A 1 21 ? -4.860  -5.542  -16.618 1.00 21.01  ? 21  PHE A CE1 1 
ATOM   160 C  CE2 . PHE A 1 21 ? -3.478  -7.511  -16.744 1.00 22.13  ? 21  PHE A CE2 1 
ATOM   161 C  CZ  . PHE A 1 21 ? -4.360  -6.610  -17.343 1.00 19.85  ? 21  PHE A CZ  1 
ATOM   162 N  N   . PHE A 1 22 ? -0.932  -3.987  -11.234 1.00 10.30  ? 22  PHE A N   1 
ATOM   163 C  CA  . PHE A 1 22 ? -0.526  -3.736  -9.864  1.00 11.60  ? 22  PHE A CA  1 
ATOM   164 C  C   . PHE A 1 22 ? -1.504  -2.855  -9.131  1.00 15.57  ? 22  PHE A C   1 
ATOM   165 O  O   . PHE A 1 22 ? -1.824  -3.128  -7.972  1.00 14.02  ? 22  PHE A O   1 
ATOM   166 C  CB  . PHE A 1 22 ? 0.857   -3.089  -9.806  1.00 11.35  ? 22  PHE A CB  1 
ATOM   167 C  CG  . PHE A 1 22 ? 1.598   -3.411  -8.536  1.00 14.37  ? 22  PHE A CG  1 
ATOM   168 C  CD1 . PHE A 1 22 ? 1.428   -2.618  -7.409  1.00 13.43  ? 22  PHE A CD1 1 
ATOM   169 C  CD2 . PHE A 1 22 ? 2.439   -4.521  -8.464  1.00 15.25  ? 22  PHE A CD2 1 
ATOM   170 C  CE1 . PHE A 1 22 ? 2.116   -2.924  -6.224  1.00 14.35  ? 22  PHE A CE1 1 
ATOM   171 C  CE2 . PHE A 1 22 ? 3.119   -4.833  -7.288  1.00 17.25  ? 22  PHE A CE2 1 
ATOM   172 C  CZ  . PHE A 1 22 ? 2.959   -4.024  -6.168  1.00 16.11  ? 22  PHE A CZ  1 
ATOM   173 N  N   . ARG A 1 23 ? -1.950  -1.782  -9.775  1.00 12.74  ? 23  ARG A N   1 
ATOM   174 C  CA  . ARG A 1 23 ? -2.856  -0.850  -9.081  1.00 10.97  ? 23  ARG A CA  1 
ATOM   175 C  C   . ARG A 1 23 ? -4.169  -1.515  -8.738  1.00 15.04  ? 23  ARG A C   1 
ATOM   176 O  O   . ARG A 1 23 ? -4.666  -1.356  -7.628  1.00 14.23  ? 23  ARG A O   1 
ATOM   177 C  CB  . ARG A 1 23 ? -3.052  0.396   -9.923  1.00 9.37   ? 23  ARG A CB  1 
ATOM   178 C  CG  . ARG A 1 23 ? -1.794  1.244   -10.012 1.00 12.24  ? 23  ARG A CG  1 
ATOM   179 C  CD  . ARG A 1 23 ? -1.969  2.432   -10.946 1.00 12.73  ? 23  ARG A CD  1 
ATOM   180 N  NE  . ARG A 1 23 ? -2.245  1.952   -12.308 1.00 20.53  ? 23  ARG A NE  1 
ATOM   181 C  CZ  . ARG A 1 23 ? -2.417  2.743   -13.362 1.00 37.04  ? 23  ARG A CZ  1 
ATOM   182 N  NH1 . ARG A 1 23 ? -2.337  4.068   -13.239 1.00 30.22  ? 23  ARG A NH1 1 
ATOM   183 N  NH2 . ARG A 1 23 ? -2.652  2.199   -14.547 1.00 28.70  ? 23  ARG A NH2 1 
ATOM   184 N  N   . LYS A 1 24 ? -4.741  -2.279  -9.667  1.00 10.55  ? 24  LYS A N   1 
ATOM   185 C  CA  . LYS A 1 24 ? -5.992  -2.948  -9.357  1.00 11.94  ? 24  LYS A CA  1 
ATOM   186 C  C   . LYS A 1 24 ? -5.853  -3.959  -8.227  1.00 16.02  ? 24  LYS A C   1 
ATOM   187 O  O   . LYS A 1 24 ? -6.699  -4.023  -7.327  1.00 12.99  ? 24  LYS A O   1 
ATOM   188 C  CB  . LYS A 1 24 ? -6.607  -3.618  -10.611 1.00 15.00  ? 24  LYS A CB  1 
ATOM   189 C  CG  . LYS A 1 24 ? -7.620  -2.706  -11.320 1.00 47.93  ? 24  LYS A CG  1 
ATOM   190 C  CD  . LYS A 1 24 ? -9.010  -2.784  -10.665 1.00 56.91  ? 24  LYS A CD  1 
ATOM   191 C  CE  . LYS A 1 24 ? -10.008 -1.776  -11.239 1.00 42.88  ? 24  LYS A CE  1 
ATOM   192 N  NZ  . LYS A 1 24 ? -11.064 -1.403  -10.233 1.00 43.06  ? 24  LYS A NZ  1 
ATOM   193 N  N   . TYR A 1 25 ? -4.791  -4.762  -8.268  1.00 12.25  ? 25  TYR A N   1 
ATOM   194 C  CA  . TYR A 1 25 ? -4.622  -5.755  -7.223  1.00 11.94  ? 25  TYR A CA  1 
ATOM   195 C  C   . TYR A 1 25 ? -4.337  -5.111  -5.880  1.00 13.37  ? 25  TYR A C   1 
ATOM   196 O  O   . TYR A 1 25 ? -4.768  -5.629  -4.852  1.00 14.13  ? 25  TYR A O   1 
ATOM   197 C  CB  . TYR A 1 25 ? -3.483  -6.727  -7.562  1.00 12.45  ? 25  TYR A CB  1 
ATOM   198 C  CG  . TYR A 1 25 ? -3.953  -7.867  -8.412  1.00 15.58  ? 25  TYR A CG  1 
ATOM   199 C  CD1 . TYR A 1 25 ? -4.062  -7.729  -9.804  1.00 17.68  ? 25  TYR A CD1 1 
ATOM   200 C  CD2 . TYR A 1 25 ? -4.355  -9.068  -7.827  1.00 18.04  ? 25  TYR A CD2 1 
ATOM   201 C  CE1 . TYR A 1 25 ? -4.532  -8.785  -10.609 1.00 20.55  ? 25  TYR A CE1 1 
ATOM   202 C  CE2 . TYR A 1 25 ? -4.830  -10.131 -8.619  1.00 19.17  ? 25  TYR A CE2 1 
ATOM   203 C  CZ  . TYR A 1 25 ? -4.911  -9.979  -10.002 1.00 25.77  ? 25  TYR A CZ  1 
ATOM   204 O  OH  . TYR A 1 25 ? -5.371  -11.032 -10.748 1.00 22.52  ? 25  TYR A OH  1 
ATOM   205 N  N   . THR A 1 26 ? -3.615  -4.002  -5.886  1.00 10.82  ? 26  THR A N   1 
ATOM   206 C  CA  . THR A 1 26 ? -3.279  -3.339  -4.619  1.00 11.79  ? 26  THR A CA  1 
ATOM   207 C  C   . THR A 1 26 ? -4.561  -2.793  -3.986  1.00 15.76  ? 26  THR A C   1 
ATOM   208 O  O   . THR A 1 26 ? -4.801  -2.919  -2.786  1.00 13.09  ? 26  THR A O   1 
ATOM   209 C  CB  . THR A 1 26 ? -2.279  -2.185  -4.842  1.00 10.89  ? 26  THR A CB  1 
ATOM   210 O  OG1 . THR A 1 26 ? -1.026  -2.720  -5.271  1.00 12.52  ? 26  THR A OG1 1 
ATOM   211 C  CG2 . THR A 1 26 ? -1.990  -1.405  -3.555  1.00 11.00  ? 26  THR A CG2 1 
ATOM   212 N  N   . GLN A 1 27 ? -5.396  -2.179  -4.811  1.00 14.03  ? 27  GLN A N   1 
ATOM   213 C  CA  . GLN A 1 27 ? -6.632  -1.612  -4.268  1.00 14.23  ? 27  GLN A CA  1 
ATOM   214 C  C   . GLN A 1 27 ? -7.529  -2.717  -3.738  1.00 16.87  ? 27  GLN A C   1 
ATOM   215 O  O   . GLN A 1 27 ? -8.144  -2.592  -2.692  1.00 18.04  ? 27  GLN A O   1 
ATOM   216 C  CB  . GLN A 1 27 ? -7.351  -0.797  -5.337  1.00 15.75  ? 27  GLN A CB  1 
ATOM   217 C  CG  . GLN A 1 27 ? -8.808  -0.474  -4.952  1.00 24.94  ? 27  GLN A CG  1 
ATOM   218 C  CD  . GLN A 1 27 ? -9.535  0.129   -6.109  1.00 37.85  ? 27  GLN A CD  1 
ATOM   219 O  OE1 . GLN A 1 27 ? -9.779  -0.549  -7.113  1.00 26.31  ? 27  GLN A OE1 1 
ATOM   220 N  NE2 . GLN A 1 27 ? -9.793  1.432   -6.031  1.00 23.15  ? 27  GLN A NE2 1 
ATOM   221 N  N   . ALA A 1 28 ? -7.598  -3.830  -4.439  1.00 13.75  ? 28  ALA A N   1 
ATOM   222 C  CA  . ALA A 1 28 ? -8.437  -4.919  -3.954  1.00 15.72  ? 28  ALA A CA  1 
ATOM   223 C  C   . ALA A 1 28 ? -7.917  -5.486  -2.637  1.00 17.45  ? 28  ALA A C   1 
ATOM   224 O  O   . ALA A 1 28 ? -8.689  -5.842  -1.750  1.00 18.63  ? 28  ALA A O   1 
ATOM   225 C  CB  . ALA A 1 28 ? -8.520  -6.039  -5.012  1.00 16.03  ? 28  ALA A CB  1 
ATOM   226 N  N   . GLU A 1 29 ? -6.612  -5.606  -2.495  1.00 13.92  ? 29  GLU A N   1 
ATOM   227 C  CA  . GLU A 1 29 ? -6.073  -6.145  -1.252  1.00 14.98  ? 29  GLU A CA  1 
ATOM   228 C  C   . GLU A 1 29 ? -6.294  -5.121  -0.123  1.00 16.31  ? 29  GLU A C   1 
ATOM   229 O  O   . GLU A 1 29 ? -6.626  -5.494  1.002   1.00 17.19  ? 29  GLU A O   1 
ATOM   230 C  CB  . GLU A 1 29 ? -4.578  -6.478  -1.399  1.00 15.95  ? 29  GLU A CB  1 
ATOM   231 C  CG  . GLU A 1 29 ? -3.923  -7.060  -0.133  1.00 16.48  ? 29  GLU A CG  1 
ATOM   232 C  CD  . GLU A 1 29 ? -4.421  -8.437  0.211   1.00 22.01  ? 29  GLU A CD  1 
ATOM   233 O  OE1 . GLU A 1 29 ? -5.124  -9.056  -0.600  1.00 24.59  ? 29  GLU A OE1 1 
ATOM   234 O  OE2 . GLU A 1 29 ? -4.088  -8.942  1.293   1.00 26.41  ? 29  GLU A OE2 1 
ATOM   235 N  N   . GLY A 1 30 ? -6.119  -3.840  -0.419  1.00 12.92  ? 30  GLY A N   1 
ATOM   236 C  CA  . GLY A 1 30 ? -6.325  -2.827  0.618   1.00 14.63  ? 30  GLY A CA  1 
ATOM   237 C  C   . GLY A 1 30 ? -7.779  -2.851  1.125   1.00 20.43  ? 30  GLY A C   1 
ATOM   238 O  O   . GLY A 1 30 ? -8.049  -2.760  2.331   1.00 20.27  ? 30  GLY A O   1 
ATOM   239 N  N   . LYS A 1 31 ? -8.727  -2.957  0.209   1.00 15.04  ? 31  LYS A N   1 
ATOM   240 C  CA  . LYS A 1 31 ? -10.134 -2.983  0.614   1.00 15.89  ? 31  LYS A CA  1 
ATOM   241 C  C   . LYS A 1 31 ? -10.463 -4.246  1.369   1.00 23.89  ? 31  LYS A C   1 
ATOM   242 O  O   . LYS A 1 31 ? -11.275 -4.254  2.295   1.00 21.98  ? 31  LYS A O   1 
ATOM   243 C  CB  . LYS A 1 31 ? -11.061 -2.850  -0.598  1.00 19.68  ? 31  LYS A CB  1 
ATOM   244 C  CG  . LYS A 1 31 ? -11.000 -1.468  -1.218  1.00 28.74  ? 31  LYS A CG  1 
ATOM   245 C  CD  . LYS A 1 31 ? -11.981 -1.293  -2.378  1.00 55.45  ? 31  LYS A CD  1 
ATOM   246 C  CE  . LYS A 1 31 ? -13.145 -2.279  -2.288  1.00 94.60  ? 31  LYS A CE  1 
ATOM   247 N  NZ  . LYS A 1 31 ? -13.976 -2.138  -1.040  1.00 100.00 ? 31  LYS A NZ  1 
ATOM   248 N  N   . LYS A 1 32 ? -9.838  -5.340  0.966   1.00 22.53  ? 32  LYS A N   1 
ATOM   249 C  CA  . LYS A 1 32 ? -10.105 -6.606  1.633   1.00 23.02  ? 32  LYS A CA  1 
ATOM   250 C  C   . LYS A 1 32 ? -9.646  -6.543  3.089   1.00 25.73  ? 32  LYS A C   1 
ATOM   251 O  O   . LYS A 1 32 ? -10.250 -7.158  3.954   1.00 25.05  ? 32  LYS A O   1 
ATOM   252 C  CB  . LYS A 1 32 ? -9.442  -7.775  0.890   1.00 23.20  ? 32  LYS A CB  1 
ATOM   253 C  CG  . LYS A 1 32 ? -9.182  -9.002  1.740   1.00 34.50  ? 32  LYS A CG  1 
ATOM   254 C  CD  . LYS A 1 32 ? -8.750  -10.196 0.882   1.00 40.40  ? 32  LYS A CD  1 
ATOM   255 C  CE  . LYS A 1 32 ? -7.297  -10.636 1.123   1.00 64.21  ? 32  LYS A CE  1 
ATOM   256 N  NZ  . LYS A 1 32 ? -6.835  -11.724 0.189   1.00 70.82  ? 32  LYS A NZ  1 
ATOM   257 N  N   . LEU A 1 33 ? -8.582  -5.791  3.349   1.00 19.83  ? 33  LEU A N   1 
ATOM   258 C  CA  . LEU A 1 33 ? -8.032  -5.660  4.686   1.00 18.49  ? 33  LEU A CA  1 
ATOM   259 C  C   . LEU A 1 33 ? -8.682  -4.545  5.485   1.00 23.26  ? 33  LEU A C   1 
ATOM   260 O  O   . LEU A 1 33 ? -8.357  -4.353  6.653   1.00 24.17  ? 33  LEU A O   1 
ATOM   261 C  CB  . LEU A 1 33 ? -6.512  -5.437  4.614   1.00 18.74  ? 33  LEU A CB  1 
ATOM   262 C  CG  . LEU A 1 33 ? -5.681  -6.587  4.009   1.00 21.72  ? 33  LEU A CG  1 
ATOM   263 C  CD1 . LEU A 1 33 ? -4.180  -6.258  4.001   1.00 22.22  ? 33  LEU A CD1 1 
ATOM   264 C  CD2 . LEU A 1 33 ? -5.932  -7.809  4.857   1.00 24.82  ? 33  LEU A CD2 1 
ATOM   265 N  N   . GLY A 1 34 ? -9.591  -3.813  4.863   1.00 20.63  ? 34  GLY A N   1 
ATOM   266 C  CA  . GLY A 1 34 ? -10.286 -2.694  5.515   1.00 20.26  ? 34  GLY A CA  1 
ATOM   267 C  C   . GLY A 1 34 ? -9.426  -1.425  5.580   1.00 24.91  ? 34  GLY A C   1 
ATOM   268 O  O   . GLY A 1 34 ? -9.642  -0.594  6.454   1.00 25.29  ? 34  GLY A O   1 
ATOM   269 N  N   . LEU A 1 35 ? -8.436  -1.287  4.692   1.00 16.05  ? 35  LEU A N   1 
ATOM   270 C  CA  . LEU A 1 35 ? -7.563  -0.119  4.713   1.00 13.98  ? 35  LEU A CA  1 
ATOM   271 C  C   . LEU A 1 35 ? -8.042  1.016   3.832   1.00 18.21  ? 35  LEU A C   1 
ATOM   272 O  O   . LEU A 1 35 ? -8.836  0.819   2.911   1.00 18.11  ? 35  LEU A O   1 
ATOM   273 C  CB  . LEU A 1 35 ? -6.150  -0.507  4.248   1.00 13.93  ? 35  LEU A CB  1 
ATOM   274 C  CG  . LEU A 1 35 ? -5.460  -1.651  4.995   1.00 17.48  ? 35  LEU A CG  1 
ATOM   275 C  CD1 . LEU A 1 35 ? -4.012  -1.844  4.527   1.00 14.91  ? 35  LEU A CD1 1 
ATOM   276 C  CD2 . LEU A 1 35 ? -5.482  -1.345  6.494   1.00 18.05  ? 35  LEU A CD2 1 
ATOM   277 N  N   . VAL A 1 36 ? -7.548  2.216   4.091   1.00 13.95  ? 36  VAL A N   1 
ATOM   278 C  CA  . VAL A 1 36 ? -7.926  3.330   3.235   1.00 14.84  ? 36  VAL A CA  1 
ATOM   279 C  C   . VAL A 1 36 ? -6.569  3.815   2.758   1.00 18.98  ? 36  VAL A C   1 
ATOM   280 O  O   . VAL A 1 36 ? -5.553  3.395   3.312   1.00 18.21  ? 36  VAL A O   1 
ATOM   281 C  CB  . VAL A 1 36 ? -8.695  4.480   3.960   1.00 20.48  ? 36  VAL A CB  1 
ATOM   282 C  CG1 . VAL A 1 36 ? -10.108 3.993   4.381   1.00 22.24  ? 36  VAL A CG1 1 
ATOM   283 C  CG2 . VAL A 1 36 ? -7.871  5.069   5.123   1.00 18.54  ? 36  VAL A CG2 1 
ATOM   284 N  N   . GLY A 1 37 ? -6.549  4.686   1.754   1.00 13.83  ? 37  GLY A N   1 
ATOM   285 C  CA  . GLY A 1 37 ? -5.271  5.185   1.263   1.00 16.15  ? 37  GLY A CA  1 
ATOM   286 C  C   . GLY A 1 37 ? -5.300  5.292   -0.258  1.00 19.11  ? 37  GLY A C   1 
ATOM   287 O  O   . GLY A 1 37 ? -6.346  5.533   -0.839  1.00 16.28  ? 37  GLY A O   1 
ATOM   288 N  N   . TRP A 1 38 ? -4.145  5.126   -0.892  1.00 16.34  ? 38  TRP A N   1 
ATOM   289 C  CA  . TRP A 1 38 ? -4.118  5.240   -2.338  1.00 14.51  ? 38  TRP A CA  1 
ATOM   290 C  C   . TRP A 1 38 ? -2.895  4.604   -2.971  1.00 15.02  ? 38  TRP A C   1 
ATOM   291 O  O   . TRP A 1 38 ? -1.900  4.320   -2.303  1.00 11.68  ? 38  TRP A O   1 
ATOM   292 C  CB  . TRP A 1 38 ? -4.140  6.718   -2.711  1.00 12.94  ? 38  TRP A CB  1 
ATOM   293 C  CG  . TRP A 1 38 ? -3.088  7.595   -2.056  1.00 13.18  ? 38  TRP A CG  1 
ATOM   294 C  CD1 . TRP A 1 38 ? -3.134  8.143   -0.797  1.00 15.02  ? 38  TRP A CD1 1 
ATOM   295 C  CD2 . TRP A 1 38 ? -1.885  8.094   -2.670  1.00 12.71  ? 38  TRP A CD2 1 
ATOM   296 N  NE1 . TRP A 1 38 ? -2.029  8.936   -0.597  1.00 15.36  ? 38  TRP A NE1 1 
ATOM   297 C  CE2 . TRP A 1 38 ? -1.253  8.933   -1.726  1.00 16.79  ? 38  TRP A CE2 1 
ATOM   298 C  CE3 . TRP A 1 38 ? -1.304  7.941   -3.945  1.00 12.48  ? 38  TRP A CE3 1 
ATOM   299 C  CZ2 . TRP A 1 38 ? -0.043  9.569   -1.988  1.00 17.02  ? 38  TRP A CZ2 1 
ATOM   300 C  CZ3 . TRP A 1 38 ? -0.119  8.603   -4.217  1.00 13.71  ? 38  TRP A CZ3 1 
ATOM   301 C  CH2 . TRP A 1 38 ? 0.505   9.403   -3.247  1.00 15.36  ? 38  TRP A CH2 1 
ATOM   302 N  N   . VAL A 1 39 ? -2.992  4.405   -4.286  1.00 11.69  ? 39  VAL A N   1 
ATOM   303 C  CA  . VAL A 1 39 ? -1.893  3.818   -5.042  1.00 10.97  ? 39  VAL A CA  1 
ATOM   304 C  C   . VAL A 1 39 ? -1.770  4.599   -6.363  1.00 11.37  ? 39  VAL A C   1 
ATOM   305 O  O   . VAL A 1 39 ? -2.790  4.982   -6.935  1.00 12.77  ? 39  VAL A O   1 
ATOM   306 C  CB  . VAL A 1 39 ? -2.088  2.284   -5.231  1.00 13.76  ? 39  VAL A CB  1 
ATOM   307 C  CG1 . VAL A 1 39 ? -3.348  1.955   -6.067  1.00 13.01  ? 39  VAL A CG1 1 
ATOM   308 C  CG2 . VAL A 1 39 ? -0.837  1.712   -5.926  1.00 14.46  ? 39  VAL A CG2 1 
ATOM   309 N  N   . GLN A 1 40 ? -0.553  4.865   -6.828  1.00 9.52   ? 40  GLN A N   1 
ATOM   310 C  CA  . GLN A 1 40 ? -0.368  5.616   -8.070  1.00 9.53   ? 40  GLN A CA  1 
ATOM   311 C  C   . GLN A 1 40 ? 0.935   5.217   -8.756  1.00 14.19  ? 40  GLN A C   1 
ATOM   312 O  O   . GLN A 1 40 ? 1.940   4.942   -8.102  1.00 13.26  ? 40  GLN A O   1 
ATOM   313 C  CB  . GLN A 1 40 ? -0.170  7.084   -7.721  1.00 10.14  ? 40  GLN A CB  1 
ATOM   314 C  CG  . GLN A 1 40 ? -0.172  8.015   -8.934  1.00 16.71  ? 40  GLN A CG  1 
ATOM   315 C  CD  . GLN A 1 40 ? 0.160   9.448   -8.553  1.00 32.35  ? 40  GLN A CD  1 
ATOM   316 O  OE1 . GLN A 1 40 ? 0.758   9.683   -7.503  1.00 24.69  ? 40  GLN A OE1 1 
ATOM   317 N  NE2 . GLN A 1 40 ? -0.203  10.402  -9.387  1.00 27.11  ? 40  GLN A NE2 1 
ATOM   318 N  N   . ASN A 1 41 ? 0.923   5.226   -10.082 1.00 11.65  ? 41  ASN A N   1 
ATOM   319 C  CA  . ASN A 1 41 ? 2.139   4.917   -10.827 1.00 10.82  ? 41  ASN A CA  1 
ATOM   320 C  C   . ASN A 1 41 ? 2.910   6.219   -10.897 1.00 16.45  ? 41  ASN A C   1 
ATOM   321 O  O   . ASN A 1 41 ? 2.321   7.258   -11.105 1.00 19.72  ? 41  ASN A O   1 
ATOM   322 C  CB  . ASN A 1 41 ? 1.790   4.610   -12.285 1.00 15.47  ? 41  ASN A CB  1 
ATOM   323 C  CG  . ASN A 1 41 ? 1.392   3.175   -12.513 1.00 20.27  ? 41  ASN A CG  1 
ATOM   324 O  OD1 . ASN A 1 41 ? 1.100   2.759   -13.644 1.00 25.19  ? 41  ASN A OD1 1 
ATOM   325 N  ND2 . ASN A 1 41 ? 1.429   2.394   -11.479 1.00 11.56  ? 41  ASN A ND2 1 
ATOM   326 N  N   . THR A 1 42 ? 4.225   6.191   -10.773 1.00 13.43  ? 42  THR A N   1 
ATOM   327 C  CA  . THR A 1 42 ? 4.992   7.421   -10.896 1.00 11.66  ? 42  THR A CA  1 
ATOM   328 C  C   . THR A 1 42 ? 5.642   7.396   -12.302 1.00 21.39  ? 42  THR A C   1 
ATOM   329 O  O   . THR A 1 42 ? 5.603   6.387   -13.016 1.00 19.57  ? 42  THR A O   1 
ATOM   330 C  CB  . THR A 1 42 ? 6.138   7.464   -9.915  1.00 16.17  ? 42  THR A CB  1 
ATOM   331 O  OG1 . THR A 1 42 ? 7.151   6.526   -10.326 1.00 14.79  ? 42  THR A OG1 1 
ATOM   332 C  CG2 . THR A 1 42 ? 5.651   7.147   -8.509  1.00 18.84  ? 42  THR A CG2 1 
ATOM   333 N  N   . ASP A 1 43 ? 6.257   8.513   -12.663 1.00 19.47  ? 43  ASP A N   1 
ATOM   334 C  CA  . ASP A 1 43 ? 6.947   8.698   -13.938 1.00 21.41  ? 43  ASP A CA  1 
ATOM   335 C  C   . ASP A 1 43 ? 8.322   8.048   -13.877 1.00 24.20  ? 43  ASP A C   1 
ATOM   336 O  O   . ASP A 1 43 ? 9.099   8.119   -14.826 1.00 23.58  ? 43  ASP A O   1 
ATOM   337 C  CB  . ASP A 1 43 ? 7.185   10.192  -14.153 1.00 27.15  ? 43  ASP A CB  1 
ATOM   338 C  CG  . ASP A 1 43 ? 5.902   10.942  -14.449 1.00 60.04  ? 43  ASP A CG  1 
ATOM   339 O  OD1 . ASP A 1 43 ? 5.019   10.342  -15.104 1.00 59.50  ? 43  ASP A OD1 1 
ATOM   340 O  OD2 . ASP A 1 43 ? 5.768   12.112  -14.017 1.00 82.36  ? 43  ASP A OD2 1 
ATOM   341 N  N   . GLN A 1 44 ? 8.658   7.440   -12.759 1.00 19.40  ? 44  GLN A N   1 
ATOM   342 C  CA  . GLN A 1 44 ? 9.969   6.804   -12.663 1.00 18.71  ? 44  GLN A CA  1 
ATOM   343 C  C   . GLN A 1 44 ? 9.915   5.295   -12.729 1.00 16.02  ? 44  GLN A C   1 
ATOM   344 O  O   . GLN A 1 44 ? 10.879  4.638   -12.387 1.00 16.30  ? 44  GLN A O   1 
ATOM   345 C  CB  . GLN A 1 44 ? 10.736  7.242   -11.432 1.00 20.02  ? 44  GLN A CB  1 
ATOM   346 C  CG  . GLN A 1 44 ? 11.247  8.630   -11.578 1.00 37.95  ? 44  GLN A CG  1 
ATOM   347 C  CD  . GLN A 1 44 ? 10.709  9.501   -10.516 1.00 65.04  ? 44  GLN A CD  1 
ATOM   348 O  OE1 . GLN A 1 44 ? 9.495   9.591   -10.339 1.00 59.89  ? 44  GLN A OE1 1 
ATOM   349 N  NE2 . GLN A 1 44 ? 11.606  10.110  -9.749  1.00 75.37  ? 44  GLN A NE2 1 
ATOM   350 N  N   . GLY A 1 45 ? 8.790   4.757   -13.183 1.00 15.46  ? 45  GLY A N   1 
ATOM   351 C  CA  . GLY A 1 45 ? 8.647   3.317   -13.325 1.00 15.91  ? 45  GLY A CA  1 
ATOM   352 C  C   . GLY A 1 45 ? 8.301   2.632   -12.021 1.00 19.74  ? 45  GLY A C   1 
ATOM   353 O  O   . GLY A 1 45 ? 8.362   1.424   -11.936 1.00 16.65  ? 45  GLY A O   1 
ATOM   354 N  N   . THR A 1 46 ? 7.901   3.407   -11.008 1.00 14.87  ? 46  THR A N   1 
ATOM   355 C  CA  . THR A 1 46 ? 7.568   2.829   -9.700  1.00 12.87  ? 46  THR A CA  1 
ATOM   356 C  C   . THR A 1 46 ? 6.106   2.994   -9.318  1.00 15.55  ? 46  THR A C   1 
ATOM   357 O  O   . THR A 1 46 ? 5.327   3.546   -10.102 1.00 11.92  ? 46  THR A O   1 
ATOM   358 C  CB  . THR A 1 46 ? 8.436   3.417   -8.586  1.00 17.50  ? 46  THR A CB  1 
ATOM   359 O  OG1 . THR A 1 46 ? 8.020   4.761   -8.338  1.00 15.74  ? 46  THR A OG1 1 
ATOM   360 C  CG2 . THR A 1 46 ? 9.924   3.412   -8.999  1.00 15.04  ? 46  THR A CG2 1 
ATOM   361 N  N   . VAL A 1 47 ? 5.739   2.482   -8.140  1.00 10.70  ? 47  VAL A N   1 
ATOM   362 C  CA  . VAL A 1 47 ? 4.360   2.576   -7.677  1.00 9.59   ? 47  VAL A CA  1 
ATOM   363 C  C   . VAL A 1 47 ? 4.458   3.194   -6.275  1.00 15.92  ? 47  VAL A C   1 
ATOM   364 O  O   . VAL A 1 47 ? 5.308   2.801   -5.478  1.00 13.85  ? 47  VAL A O   1 
ATOM   365 C  CB  . VAL A 1 47 ? 3.711   1.176   -7.570  1.00 14.09  ? 47  VAL A CB  1 
ATOM   366 C  CG1 . VAL A 1 47 ? 2.401   1.268   -6.793  1.00 15.74  ? 47  VAL A CG1 1 
ATOM   367 C  CG2 . VAL A 1 47 ? 3.353   0.598   -8.956  1.00 14.90  ? 47  VAL A CG2 1 
ATOM   368 N  N   . GLN A 1 48 ? 3.603   4.168   -5.951  1.00 13.83  ? 48  GLN A N   1 
ATOM   369 C  CA  . GLN A 1 48 ? 3.699   4.755   -4.598  1.00 11.06  ? 48  GLN A CA  1 
ATOM   370 C  C   . GLN A 1 48 ? 2.306   5.013   -4.045  1.00 11.97  ? 48  GLN A C   1 
ATOM   371 O  O   . GLN A 1 48 ? 1.303   4.910   -4.739  1.00 11.70  ? 48  GLN A O   1 
ATOM   372 C  CB  . GLN A 1 48 ? 4.442   6.092   -4.676  1.00 10.79  ? 48  GLN A CB  1 
ATOM   373 C  CG  . GLN A 1 48 ? 3.529   7.176   -5.273  1.00 12.81  ? 48  GLN A CG  1 
ATOM   374 C  CD  . GLN A 1 48 ? 4.217   8.507   -5.471  1.00 27.38  ? 48  GLN A CD  1 
ATOM   375 O  OE1 . GLN A 1 48 ? 5.343   8.703   -5.031  1.00 23.40  ? 48  GLN A OE1 1 
ATOM   376 N  NE2 . GLN A 1 48 ? 3.555   9.429   -6.172  1.00 27.13  ? 48  GLN A NE2 1 
ATOM   377 N  N   . GLY A 1 49 ? 2.236   5.369   -2.774  1.00 11.43  ? 49  GLY A N   1 
ATOM   378 C  CA  . GLY A 1 49 ? 0.926   5.666   -2.162  1.00 10.71  ? 49  GLY A CA  1 
ATOM   379 C  C   . GLY A 1 49 ? 1.066   5.729   -0.627  1.00 14.40  ? 49  GLY A C   1 
ATOM   380 O  O   . GLY A 1 49 ? 2.164   5.885   -0.096  1.00 14.25  ? 49  GLY A O   1 
ATOM   381 N  N   . GLN A 1 50 ? -0.045  5.580   0.076   1.00 12.80  ? 50  GLN A N   1 
ATOM   382 C  CA  . GLN A 1 50 ? -0.019  5.574   1.532   1.00 11.72  ? 50  GLN A CA  1 
ATOM   383 C  C   . GLN A 1 50 ? -1.073  4.615   1.951   1.00 11.34  ? 50  GLN A C   1 
ATOM   384 O  O   . GLN A 1 50 ? -2.030  4.389   1.218   1.00 14.13  ? 50  GLN A O   1 
ATOM   385 C  CB  . GLN A 1 50 ? -0.452  6.937   2.092   1.00 14.11  ? 50  GLN A CB  1 
ATOM   386 C  CG  . GLN A 1 50 ? 0.525   8.073   1.816   1.00 15.99  ? 50  GLN A CG  1 
ATOM   387 C  CD  . GLN A 1 50 ? 0.024   9.391   2.432   1.00 35.37  ? 50  GLN A CD  1 
ATOM   388 O  OE1 . GLN A 1 50 ? -0.999  9.944   1.984   1.00 21.84  ? 50  GLN A OE1 1 
ATOM   389 N  NE2 . GLN A 1 50 ? 0.693   9.877   3.469   1.00 22.40  ? 50  GLN A NE2 1 
ATOM   390 N  N   . LEU A 1 51 ? -0.917  4.074   3.158   1.00 10.99  ? 51  LEU A N   1 
ATOM   391 C  CA  . LEU A 1 51 ? -1.882  3.165   3.737   1.00 12.37  ? 51  LEU A CA  1 
ATOM   392 C  C   . LEU A 1 51 ? -2.253  3.721   5.126   1.00 14.91  ? 51  LEU A C   1 
ATOM   393 O  O   . LEU A 1 51 ? -1.398  4.266   5.813   1.00 13.13  ? 51  LEU A O   1 
ATOM   394 C  CB  . LEU A 1 51 ? -1.216  1.800   4.011   1.00 13.82  ? 51  LEU A CB  1 
ATOM   395 C  CG  . LEU A 1 51 ? -0.500  1.117   2.832   1.00 17.06  ? 51  LEU A CG  1 
ATOM   396 C  CD1 . LEU A 1 51 ? 0.233   -0.133  3.341   1.00 16.41  ? 51  LEU A CD1 1 
ATOM   397 C  CD2 . LEU A 1 51 ? -1.557  0.730   1.815   1.00 11.64  ? 51  LEU A CD2 1 
ATOM   398 N  N   . GLN A 1 52 ? -3.505  3.543   5.534   1.00 12.54  ? 52  GLN A N   1 
ATOM   399 C  CA  . GLN A 1 52 ? -3.936  3.969   6.874   1.00 12.67  ? 52  GLN A CA  1 
ATOM   400 C  C   . GLN A 1 52 ? -4.892  2.942   7.405   1.00 17.44  ? 52  GLN A C   1 
ATOM   401 O  O   . GLN A 1 52 ? -5.749  2.492   6.665   1.00 17.31  ? 52  GLN A O   1 
ATOM   402 C  CB  . GLN A 1 52 ? -4.601  5.340   6.879   1.00 14.31  ? 52  GLN A CB  1 
ATOM   403 C  CG  . GLN A 1 52 ? -3.680  6.440   6.425   1.00 18.54  ? 52  GLN A CG  1 
ATOM   404 C  CD  . GLN A 1 52 ? -4.267  7.808   6.685   1.00 26.16  ? 52  GLN A CD  1 
ATOM   405 O  OE1 . GLN A 1 52 ? -3.539  8.793   6.821   1.00 25.83  ? 52  GLN A OE1 1 
ATOM   406 N  NE2 . GLN A 1 52 ? -5.581  7.880   6.746   1.00 16.10  ? 52  GLN A NE2 1 
ATOM   407 N  N   . GLY A 1 53 ? -4.759  2.554   8.679   1.00 15.51  ? 53  GLY A N   1 
ATOM   408 C  CA  . GLY A 1 53 ? -5.675  1.558   9.233   1.00 14.90  ? 53  GLY A CA  1 
ATOM   409 C  C   . GLY A 1 53 ? -5.063  0.985   10.513  1.00 18.08  ? 53  GLY A C   1 
ATOM   410 O  O   . GLY A 1 53 ? -4.035  1.478   10.996  1.00 16.51  ? 53  GLY A O   1 
ATOM   411 N  N   . PRO A 1 54 ? -5.704  -0.057  11.039  1.00 17.38  ? 54  PRO A N   1 
ATOM   412 C  CA  . PRO A 1 54 ? -5.226  -0.745  12.241  1.00 18.40  ? 54  PRO A CA  1 
ATOM   413 C  C   . PRO A 1 54 ? -3.861  -1.351  11.914  1.00 23.56  ? 54  PRO A C   1 
ATOM   414 O  O   . PRO A 1 54 ? -3.667  -1.957  10.843  1.00 23.23  ? 54  PRO A O   1 
ATOM   415 C  CB  . PRO A 1 54 ? -6.251  -1.865  12.461  1.00 18.41  ? 54  PRO A CB  1 
ATOM   416 C  CG  . PRO A 1 54 ? -7.440  -1.449  11.710  1.00 23.49  ? 54  PRO A CG  1 
ATOM   417 C  CD  . PRO A 1 54 ? -6.979  -0.609  10.557  1.00 18.78  ? 54  PRO A CD  1 
ATOM   418 N  N   . ALA A 1 55 ? -2.937  -1.181  12.857  1.00 19.85  ? 55  ALA A N   1 
ATOM   419 C  CA  . ALA A 1 55 ? -1.559  -1.635  12.741  1.00 19.09  ? 55  ALA A CA  1 
ATOM   420 C  C   . ALA A 1 55 ? -1.392  -3.029  12.226  1.00 22.39  ? 55  ALA A C   1 
ATOM   421 O  O   . ALA A 1 55 ? -0.551  -3.277  11.385  1.00 23.21  ? 55  ALA A O   1 
ATOM   422 C  CB  . ALA A 1 55 ? -0.857  -1.474  14.047  1.00 20.57  ? 55  ALA A CB  1 
ATOM   423 N  N   . SER A 1 56 ? -2.199  -3.949  12.727  1.00 19.08  ? 56  SER A N   1 
ATOM   424 C  CA  . SER A 1 56 ? -2.081  -5.320  12.282  1.00 21.40  ? 56  SER A CA  1 
ATOM   425 C  C   . SER A 1 56 ? -2.448  -5.502  10.808  1.00 25.57  ? 56  SER A C   1 
ATOM   426 O  O   . SER A 1 56 ? -1.852  -6.319  10.114  1.00 25.53  ? 56  SER A O   1 
ATOM   427 C  CB  . SER A 1 56 ? -2.954  -6.240  13.141  1.00 28.86  ? 56  SER A CB  1 
ATOM   428 O  OG  . SER A 1 56 ? -4.324  -5.934  12.955  1.00 46.18  ? 56  SER A OG  1 
ATOM   429 N  N   . LYS A 1 57 ? -3.435  -4.764  10.332  1.00 21.82  ? 57  LYS A N   1 
ATOM   430 C  CA  . LYS A 1 57 ? -3.829  -4.904  8.939   1.00 20.97  ? 57  LYS A CA  1 
ATOM   431 C  C   . LYS A 1 57 ? -2.793  -4.219  8.057   1.00 19.50  ? 57  LYS A C   1 
ATOM   432 O  O   . LYS A 1 57 ? -2.437  -4.718  6.999   1.00 18.60  ? 57  LYS A O   1 
ATOM   433 C  CB  . LYS A 1 57 ? -5.193  -4.264  8.726   1.00 24.53  ? 57  LYS A CB  1 
ATOM   434 C  CG  . LYS A 1 57 ? -6.221  -4.774  9.702   1.00 35.23  ? 57  LYS A CG  1 
ATOM   435 C  CD  . LYS A 1 57 ? -6.409  -6.246  9.534   1.00 32.50  ? 57  LYS A CD  1 
ATOM   436 C  CE  . LYS A 1 57 ? -7.855  -6.632  9.784   1.00 51.78  ? 57  LYS A CE  1 
ATOM   437 N  NZ  . LYS A 1 57 ? -7.880  -8.005  10.349  1.00 80.20  ? 57  LYS A NZ  1 
ATOM   438 N  N   . VAL A 1 58 ? -2.317  -3.066  8.486   1.00 13.53  ? 58  VAL A N   1 
ATOM   439 C  CA  . VAL A 1 58 ? -1.322  -2.375  7.689   1.00 13.57  ? 58  VAL A CA  1 
ATOM   440 C  C   . VAL A 1 58 ? -0.079  -3.256  7.506   1.00 21.57  ? 58  VAL A C   1 
ATOM   441 O  O   . VAL A 1 58 ? 0.471   -3.339  6.416   1.00 21.12  ? 58  VAL A O   1 
ATOM   442 C  CB  . VAL A 1 58 ? -0.979  -1.026  8.326   1.00 17.48  ? 58  VAL A CB  1 
ATOM   443 C  CG1 . VAL A 1 58 ? 0.239   -0.416  7.669   1.00 19.23  ? 58  VAL A CG1 1 
ATOM   444 C  CG2 . VAL A 1 58 ? -2.186  -0.058  8.229   1.00 15.72  ? 58  VAL A CG2 1 
ATOM   445 N  N   . ARG A 1 59 ? 0.368   -3.927  8.564   1.00 19.46  ? 59  ARG A N   1 
ATOM   446 C  CA  . ARG A 1 59 ? 1.543   -4.792  8.460   1.00 18.62  ? 59  ARG A CA  1 
ATOM   447 C  C   . ARG A 1 59 ? 1.349   -5.956  7.504   1.00 20.22  ? 59  ARG A C   1 
ATOM   448 O  O   . ARG A 1 59 ? 2.278   -6.320  6.792   1.00 21.19  ? 59  ARG A O   1 
ATOM   449 C  CB  . ARG A 1 59 ? 2.021   -5.260  9.832   1.00 22.78  ? 59  ARG A CB  1 
ATOM   450 C  CG  . ARG A 1 59 ? 2.385   -4.070  10.718  1.00 39.82  ? 59  ARG A CG  1 
ATOM   451 C  CD  . ARG A 1 59 ? 3.880   -3.982  10.975  1.00 62.25  ? 59  ARG A CD  1 
ATOM   452 N  NE  . ARG A 1 59 ? 4.358   -2.891  11.844  1.00 74.94  ? 59  ARG A NE  1 
ATOM   453 C  CZ  . ARG A 1 59 ? 3.664   -2.236  12.779  1.00 91.29  ? 59  ARG A CZ  1 
ATOM   454 N  NH1 . ARG A 1 59 ? 2.394   -2.514  13.020  1.00 83.28  ? 59  ARG A NH1 1 
ATOM   455 N  NH2 . ARG A 1 59 ? 4.262   -1.275  13.481  1.00 75.84  ? 59  ARG A NH2 1 
ATOM   456 N  N   . HIS A 1 60 ? 0.153   -6.537  7.456   1.00 15.94  ? 60  HIS A N   1 
ATOM   457 C  CA  . HIS A 1 60 ? -0.057  -7.632  6.526   1.00 17.72  ? 60  HIS A CA  1 
ATOM   458 C  C   . HIS A 1 60 ? 0.056   -7.013  5.122   1.00 22.85  ? 60  HIS A C   1 
ATOM   459 O  O   . HIS A 1 60 ? 0.607   -7.623  4.199   1.00 22.22  ? 60  HIS A O   1 
ATOM   460 C  CB  . HIS A 1 60 ? -1.468  -8.236  6.664   1.00 18.87  ? 60  HIS A CB  1 
ATOM   461 C  CG  . HIS A 1 60 ? -1.650  -9.509  5.902   1.00 24.63  ? 60  HIS A CG  1 
ATOM   462 N  ND1 . HIS A 1 60 ? -1.074  -10.699 6.295   1.00 30.45  ? 60  HIS A ND1 1 
ATOM   463 C  CD2 . HIS A 1 60 ? -2.315  -9.782  4.754   1.00 26.12  ? 60  HIS A CD2 1 
ATOM   464 C  CE1 . HIS A 1 60 ? -1.393  -11.651 5.433   1.00 28.08  ? 60  HIS A CE1 1 
ATOM   465 N  NE2 . HIS A 1 60 ? -2.143  -11.118 4.485   1.00 27.29  ? 60  HIS A NE2 1 
ATOM   466 N  N   . MET A 1 61 ? -0.485  -5.802  4.961   1.00 16.68  ? 61  MET A N   1 
ATOM   467 C  CA  . MET A 1 61 ? -0.428  -5.124  3.663   1.00 16.01  ? 61  MET A CA  1 
ATOM   468 C  C   . MET A 1 61 ? 1.034   -4.846  3.290   1.00 18.12  ? 61  MET A C   1 
ATOM   469 O  O   . MET A 1 61 ? 1.433   -4.959  2.125   1.00 13.64  ? 61  MET A O   1 
ATOM   470 C  CB  . MET A 1 61 ? -1.268  -3.827  3.653   1.00 16.92  ? 61  MET A CB  1 
ATOM   471 C  CG  . MET A 1 61 ? -1.321  -3.099  2.308   1.00 18.05  ? 61  MET A CG  1 
ATOM   472 S  SD  . MET A 1 61 ? -2.334  -4.081  1.148   1.00 23.30  ? 61  MET A SD  1 
ATOM   473 C  CE  . MET A 1 61 ? -2.307  -3.058  -0.376  1.00 20.68  ? 61  MET A CE  1 
ATOM   474 N  N   . GLN A 1 62 ? 1.837   -4.467  4.277   1.00 13.06  ? 62  GLN A N   1 
ATOM   475 C  CA  . GLN A 1 62 ? 3.235   -4.188  3.990   1.00 13.99  ? 62  GLN A CA  1 
ATOM   476 C  C   . GLN A 1 62 ? 3.917   -5.464  3.502   1.00 18.70  ? 62  GLN A C   1 
ATOM   477 O  O   . GLN A 1 62 ? 4.739   -5.453  2.604   1.00 16.45  ? 62  GLN A O   1 
ATOM   478 C  CB  . GLN A 1 62 ? 3.931   -3.693  5.242   1.00 14.67  ? 62  GLN A CB  1 
ATOM   479 C  CG  . GLN A 1 62 ? 3.511   -2.281  5.594   1.00 14.15  ? 62  GLN A CG  1 
ATOM   480 C  CD  . GLN A 1 62 ? 4.152   -1.796  6.871   1.00 22.59  ? 62  GLN A CD  1 
ATOM   481 O  OE1 . GLN A 1 62 ? 3.713   -2.118  7.960   1.00 26.50  ? 62  GLN A OE1 1 
ATOM   482 N  NE2 . GLN A 1 62 ? 5.156   -0.968  6.730   1.00 19.64  ? 62  GLN A NE2 1 
ATOM   483 N  N   . GLU A 1 63 ? 3.568   -6.584  4.100   1.00 14.58  ? 63  GLU A N   1 
ATOM   484 C  CA  . GLU A 1 63 ? 4.181   -7.827  3.688   1.00 15.90  ? 63  GLU A CA  1 
ATOM   485 C  C   . GLU A 1 63 ? 3.723   -8.156  2.256   1.00 19.01  ? 63  GLU A C   1 
ATOM   486 O  O   . GLU A 1 63 ? 4.531   -8.574  1.418   1.00 16.69  ? 63  GLU A O   1 
ATOM   487 C  CB  . GLU A 1 63 ? 3.764   -8.889  4.710   1.00 17.50  ? 63  GLU A CB  1 
ATOM   488 C  CG  . GLU A 1 63 ? 4.627   -8.795  5.981   1.00 37.30  ? 63  GLU A CG  1 
ATOM   489 C  CD  . GLU A 1 63 ? 4.007   -9.402  7.251   1.00 69.98  ? 63  GLU A CD  1 
ATOM   490 O  OE1 . GLU A 1 63 ? 2.957   -10.082 7.186   1.00 48.11  ? 63  GLU A OE1 1 
ATOM   491 O  OE2 . GLU A 1 63 ? 4.600   -9.192  8.335   1.00 70.91  ? 63  GLU A OE2 1 
ATOM   492 N  N   . TRP A 1 64 ? 2.432   -7.953  1.984   1.00 13.01  ? 64  TRP A N   1 
ATOM   493 C  CA  . TRP A 1 64 ? 1.867   -8.211  0.647   1.00 14.63  ? 64  TRP A CA  1 
ATOM   494 C  C   . TRP A 1 64 ? 2.592   -7.346  -0.406  1.00 17.32  ? 64  TRP A C   1 
ATOM   495 O  O   . TRP A 1 64 ? 2.926   -7.816  -1.494  1.00 16.16  ? 64  TRP A O   1 
ATOM   496 C  CB  . TRP A 1 64 ? 0.358   -7.909  0.628   1.00 13.00  ? 64  TRP A CB  1 
ATOM   497 C  CG  . TRP A 1 64 ? -0.390  -8.235  -0.659  1.00 13.34  ? 64  TRP A CG  1 
ATOM   498 C  CD1 . TRP A 1 64 ? -1.152  -9.353  -0.913  1.00 15.56  ? 64  TRP A CD1 1 
ATOM   499 C  CD2 . TRP A 1 64 ? -0.514  -7.405  -1.821  1.00 12.92  ? 64  TRP A CD2 1 
ATOM   500 N  NE1 . TRP A 1 64 ? -1.701  -9.290  -2.180  1.00 13.47  ? 64  TRP A NE1 1 
ATOM   501 C  CE2 . TRP A 1 64 ? -1.323  -8.107  -2.755  1.00 16.03  ? 64  TRP A CE2 1 
ATOM   502 C  CE3 . TRP A 1 64 ? -0.007  -6.156  -2.172  1.00 14.00  ? 64  TRP A CE3 1 
ATOM   503 C  CZ2 . TRP A 1 64 ? -1.654  -7.582  -3.998  1.00 14.68  ? 64  TRP A CZ2 1 
ATOM   504 C  CZ3 . TRP A 1 64 ? -0.341  -5.626  -3.412  1.00 14.76  ? 64  TRP A CZ3 1 
ATOM   505 C  CH2 . TRP A 1 64 ? -1.148  -6.345  -4.315  1.00 14.89  ? 64  TRP A CH2 1 
ATOM   506 N  N   . LEU A 1 65 ? 2.865   -6.090  -0.069  1.00 13.07  ? 65  LEU A N   1 
ATOM   507 C  CA  . LEU A 1 65 ? 3.554   -5.180  -0.983  1.00 11.05  ? 65  LEU A CA  1 
ATOM   508 C  C   . LEU A 1 65 ? 5.022   -5.546  -1.211  1.00 17.82  ? 65  LEU A C   1 
ATOM   509 O  O   . LEU A 1 65 ? 5.607   -5.162  -2.224  1.00 19.00  ? 65  LEU A O   1 
ATOM   510 C  CB  . LEU A 1 65 ? 3.486   -3.742  -0.450  1.00 10.16  ? 65  LEU A CB  1 
ATOM   511 C  CG  . LEU A 1 65 ? 2.134   -3.040  -0.677  1.00 12.92  ? 65  LEU A CG  1 
ATOM   512 C  CD1 . LEU A 1 65 ? 2.104   -1.670  0.078   1.00 11.98  ? 65  LEU A CD1 1 
ATOM   513 C  CD2 . LEU A 1 65 ? 1.859   -2.848  -2.204  1.00 13.14  ? 65  LEU A CD2 1 
ATOM   514 N  N   . GLU A 1 66 ? 5.618   -6.264  -0.265  1.00 13.27  ? 66  GLU A N   1 
ATOM   515 C  CA  . GLU A 1 66 ? 7.033   -6.637  -0.373  1.00 15.94  ? 66  GLU A CA  1 
ATOM   516 C  C   . GLU A 1 66 ? 7.246   -7.977  -1.033  1.00 18.99  ? 66  GLU A C   1 
ATOM   517 O  O   . GLU A 1 66 ? 8.287   -8.220  -1.622  1.00 21.32  ? 66  GLU A O   1 
ATOM   518 C  CB  . GLU A 1 66 ? 7.586   -6.935  1.023   1.00 18.79  ? 66  GLU A CB  1 
ATOM   519 C  CG  . GLU A 1 66 ? 8.190   -5.806  1.776   1.00 35.68  ? 66  GLU A CG  1 
ATOM   520 C  CD  . GLU A 1 66 ? 8.012   -6.028  3.258   1.00 58.01  ? 66  GLU A CD  1 
ATOM   521 O  OE1 . GLU A 1 66 ? 7.191   -6.896  3.628   1.00 70.32  ? 66  GLU A OE1 1 
ATOM   522 O  OE2 . GLU A 1 66 ? 8.673   -5.340  4.046   1.00 61.25  ? 66  GLU A OE2 1 
ATOM   523 N  N   . THR A 1 67 ? 6.274   -8.849  -0.864  1.00 13.10  ? 67  THR A N   1 
ATOM   524 C  CA  . THR A 1 67 ? 6.361   -10.225 -1.324  1.00 14.50  ? 67  THR A CA  1 
ATOM   525 C  C   . THR A 1 67 ? 5.483   -10.727 -2.442  1.00 21.10  ? 67  THR A C   1 
ATOM   526 O  O   . THR A 1 67 ? 5.905   -11.567 -3.228  1.00 22.79  ? 67  THR A O   1 
ATOM   527 C  CB  . THR A 1 67 ? 5.935   -11.097 -0.096  1.00 21.26  ? 67  THR A CB  1 
ATOM   528 O  OG1 . THR A 1 67 ? 6.777   -10.809 1.015   1.00 33.58  ? 67  THR A OG1 1 
ATOM   529 C  CG2 . THR A 1 67 ? 6.057   -12.575 -0.351  1.00 26.17  ? 67  THR A CG2 1 
ATOM   530 N  N   . LYS A 1 68 ? 4.238   -10.263 -2.483  1.00 16.73  ? 68  LYS A N   1 
ATOM   531 C  CA  . LYS A 1 68 ? 3.254   -10.747 -3.448  1.00 15.38  ? 68  LYS A CA  1 
ATOM   532 C  C   . LYS A 1 68 ? 2.864   -9.874  -4.649  1.00 18.57  ? 68  LYS A C   1 
ATOM   533 O  O   . LYS A 1 68 ? 3.174   -10.211 -5.782  1.00 18.23  ? 68  LYS A O   1 
ATOM   534 C  CB  . LYS A 1 68 ? 2.017   -11.208 -2.658  1.00 15.94  ? 68  LYS A CB  1 
ATOM   535 C  CG  . LYS A 1 68 ? 1.017   -12.062 -3.434  1.00 13.43  ? 68  LYS A CG  1 
ATOM   536 C  CD  . LYS A 1 68 ? 0.025   -12.684 -2.444  1.00 14.60  ? 68  LYS A CD  1 
ATOM   537 C  CE  . LYS A 1 68 ? -1.101  -13.396 -3.152  1.00 18.72  ? 68  LYS A CE  1 
ATOM   538 N  NZ  . LYS A 1 68 ? -2.027  -14.054 -2.197  1.00 18.45  ? 68  LYS A NZ  1 
ATOM   539 N  N   . GLY A 1 69 ? 2.178   -8.759  -4.422  1.00 12.10  ? 69  GLY A N   1 
ATOM   540 C  CA  . GLY A 1 69 ? 1.808   -7.880  -5.546  1.00 9.25   ? 69  GLY A CA  1 
ATOM   541 C  C   . GLY A 1 69 ? 0.868   -8.591  -6.479  1.00 13.52  ? 69  GLY A C   1 
ATOM   542 O  O   . GLY A 1 69 ? 0.221   -9.566  -6.091  1.00 14.65  ? 69  GLY A O   1 
ATOM   543 N  N   . SER A 1 70 ? 0.764   -8.103  -7.708  1.00 12.90  ? 70  SER A N   1 
ATOM   544 C  CA  . SER A 1 70 ? -0.114  -8.752  -8.671  1.00 13.63  ? 70  SER A CA  1 
ATOM   545 C  C   . SER A 1 70 ? 0.645   -9.996  -9.203  1.00 18.14  ? 70  SER A C   1 
ATOM   546 O  O   . SER A 1 70 ? 1.873   -10.072 -9.149  1.00 14.88  ? 70  SER A O   1 
ATOM   547 C  CB  . SER A 1 70 ? -0.492  -7.777  -9.771  1.00 10.85  ? 70  SER A CB  1 
ATOM   548 O  OG  . SER A 1 70 ? 0.701   -7.309  -10.338 1.00 15.13  ? 70  SER A OG  1 
ATOM   549 N  N   . PRO A 1 71 ? -0.095  -10.964 -9.706  1.00 14.82  ? 71  PRO A N   1 
ATOM   550 C  CA  . PRO A 1 71 ? 0.464   -12.223 -10.187 1.00 15.88  ? 71  PRO A CA  1 
ATOM   551 C  C   . PRO A 1 71 ? 1.653   -12.114 -11.094 1.00 21.21  ? 71  PRO A C   1 
ATOM   552 O  O   . PRO A 1 71 ? 2.611   -12.869 -10.965 1.00 22.75  ? 71  PRO A O   1 
ATOM   553 C  CB  . PRO A 1 71 ? -0.694  -12.838 -10.948 1.00 18.57  ? 71  PRO A CB  1 
ATOM   554 C  CG  . PRO A 1 71 ? -1.886  -12.324 -10.236 1.00 21.63  ? 71  PRO A CG  1 
ATOM   555 C  CD  . PRO A 1 71 ? -1.560  -10.936 -9.792  1.00 15.47  ? 71  PRO A CD  1 
ATOM   556 N  N   . LYS A 1 72 ? 1.617   -11.171 -12.016 1.00 17.38  ? 72  LYS A N   1 
ATOM   557 C  CA  . LYS A 1 72 ? 2.740   -11.045 -12.928 1.00 17.64  ? 72  LYS A CA  1 
ATOM   558 C  C   . LYS A 1 72 ? 3.751   -9.994  -12.561 1.00 21.77  ? 72  LYS A C   1 
ATOM   559 O  O   . LYS A 1 72 ? 4.664   -9.719  -13.338 1.00 19.67  ? 72  LYS A O   1 
ATOM   560 C  CB  . LYS A 1 72 ? 2.252   -10.919 -14.371 1.00 23.55  ? 72  LYS A CB  1 
ATOM   561 C  CG  . LYS A 1 72 ? 1.417   -12.168 -14.746 1.00 43.55  ? 72  LYS A CG  1 
ATOM   562 C  CD  . LYS A 1 72 ? 0.947   -12.239 -16.190 1.00 70.83  ? 72  LYS A CD  1 
ATOM   563 C  CE  . LYS A 1 72 ? 0.399   -13.645 -16.500 1.00 93.70  ? 72  LYS A CE  1 
ATOM   564 N  NZ  . LYS A 1 72 ? -0.065  -13.850 -17.912 1.00 100.00 ? 72  LYS A NZ  1 
ATOM   565 N  N   . SER A 1 73 ? 3.629   -9.405  -11.375 1.00 14.54  ? 73  SER A N   1 
ATOM   566 C  CA  . SER A 1 73 ? 4.624   -8.402  -11.016 1.00 11.67  ? 73  SER A CA  1 
ATOM   567 C  C   . SER A 1 73 ? 5.824   -9.109  -10.433 1.00 16.84  ? 73  SER A C   1 
ATOM   568 O  O   . SER A 1 73 ? 5.744   -10.280 -10.055 1.00 18.84  ? 73  SER A O   1 
ATOM   569 C  CB  . SER A 1 73 ? 4.084   -7.507  -9.900  1.00 11.63  ? 73  SER A CB  1 
ATOM   570 O  OG  . SER A 1 73 ? 3.907   -8.285  -8.729  1.00 14.04  ? 73  SER A OG  1 
ATOM   571 N  N   . HIS A 1 74 ? 6.933   -8.396  -10.342 1.00 13.55  ? 74  HIS A N   1 
ATOM   572 C  CA  . HIS A 1 74 ? 8.125   -8.940  -9.715  1.00 16.42  ? 74  HIS A CA  1 
ATOM   573 C  C   . HIS A 1 74 ? 8.648   -7.793  -8.864  1.00 19.46  ? 74  HIS A C   1 
ATOM   574 O  O   . HIS A 1 74 ? 9.210   -6.813  -9.367  1.00 19.08  ? 74  HIS A O   1 
ATOM   575 C  CB  . HIS A 1 74 ? 9.211   -9.349  -10.697 1.00 21.58  ? 74  HIS A CB  1 
ATOM   576 C  CG  . HIS A 1 74 ? 10.460  -9.822  -10.015 1.00 29.88  ? 74  HIS A CG  1 
ATOM   577 N  ND1 . HIS A 1 74 ? 10.851  -11.146 -10.014 1.00 34.69  ? 74  HIS A ND1 1 
ATOM   578 C  CD2 . HIS A 1 74 ? 11.394  -9.153  -9.293  1.00 34.65  ? 74  HIS A CD2 1 
ATOM   579 C  CE1 . HIS A 1 74 ? 11.975  -11.269 -9.330  1.00 34.56  ? 74  HIS A CE1 1 
ATOM   580 N  NE2 . HIS A 1 74 ? 12.327  -10.075 -8.882  1.00 34.93  ? 74  HIS A NE2 1 
ATOM   581 N  N   . ILE A 1 75 ? 8.455   -7.909  -7.564  1.00 14.03  ? 75  ILE A N   1 
ATOM   582 C  CA  . ILE A 1 75 ? 8.881   -6.868  -6.653  1.00 11.92  ? 75  ILE A CA  1 
ATOM   583 C  C   . ILE A 1 75 ? 10.328  -7.012  -6.279  1.00 15.22  ? 75  ILE A C   1 
ATOM   584 O  O   . ILE A 1 75 ? 10.704  -7.996  -5.690  1.00 18.60  ? 75  ILE A O   1 
ATOM   585 C  CB  . ILE A 1 75 ? 8.003   -6.904  -5.375  1.00 13.48  ? 75  ILE A CB  1 
ATOM   586 C  CG1 . ILE A 1 75 ? 6.545   -6.648  -5.784  1.00 13.45  ? 75  ILE A CG1 1 
ATOM   587 C  CG2 . ILE A 1 75 ? 8.483   -5.829  -4.364  1.00 13.44  ? 75  ILE A CG2 1 
ATOM   588 C  CD1 . ILE A 1 75 ? 5.552   -7.118  -4.733  1.00 17.62  ? 75  ILE A CD1 1 
ATOM   589 N  N   . ASP A 1 76 ? 11.146  -6.033  -6.614  1.00 13.53  ? 76  ASP A N   1 
ATOM   590 C  CA  . ASP A 1 76 ? 12.547  -6.120  -6.245  1.00 14.14  ? 76  ASP A CA  1 
ATOM   591 C  C   . ASP A 1 76 ? 12.776  -5.442  -4.913  1.00 23.59  ? 76  ASP A C   1 
ATOM   592 O  O   . ASP A 1 76 ? 13.642  -5.862  -4.148  1.00 23.94  ? 76  ASP A O   1 
ATOM   593 C  CB  . ASP A 1 76 ? 13.455  -5.501  -7.317  1.00 16.76  ? 76  ASP A CB  1 
ATOM   594 C  CG  . ASP A 1 76 ? 13.543  -6.396  -8.557  1.00 26.16  ? 76  ASP A CG  1 
ATOM   595 O  OD1 . ASP A 1 76 ? 13.829  -7.593  -8.401  1.00 25.63  ? 76  ASP A OD1 1 
ATOM   596 O  OD2 . ASP A 1 76 ? 13.238  -5.972  -9.674  1.00 34.03  ? 76  ASP A OD2 1 
ATOM   597 N  N   . ARG A 1 77 ? 12.005  -4.400  -4.606  1.00 19.18  ? 77  ARG A N   1 
ATOM   598 C  CA  . ARG A 1 77 ? 12.221  -3.694  -3.338  1.00 18.71  ? 77  ARG A CA  1 
ATOM   599 C  C   . ARG A 1 77 ? 10.984  -2.897  -2.922  1.00 21.27  ? 77  ARG A C   1 
ATOM   600 O  O   . ARG A 1 77 ? 10.251  -2.414  -3.774  1.00 18.98  ? 77  ARG A O   1 
ATOM   601 C  CB  . ARG A 1 77 ? 13.392  -2.711  -3.538  1.00 19.37  ? 77  ARG A CB  1 
ATOM   602 C  CG  . ARG A 1 77 ? 13.744  -1.916  -2.321  1.00 22.81  ? 77  ARG A CG  1 
ATOM   603 C  CD  . ARG A 1 77 ? 15.149  -1.359  -2.444  1.00 26.77  ? 77  ARG A CD  1 
ATOM   604 N  NE  . ARG A 1 77 ? 15.278  -0.503  -3.606  1.00 27.90  ? 77  ARG A NE  1 
ATOM   605 C  CZ  . ARG A 1 77 ? 15.085  0.808   -3.593  1.00 41.62  ? 77  ARG A CZ  1 
ATOM   606 N  NH1 . ARG A 1 77 ? 14.756  1.412   -2.461  1.00 39.05  ? 77  ARG A NH1 1 
ATOM   607 N  NH2 . ARG A 1 77 ? 15.225  1.506   -4.720  1.00 34.36  ? 77  ARG A NH2 1 
ATOM   608 N  N   . ALA A 1 78 ? 10.756  -2.783  -1.616  1.00 17.08  ? 78  ALA A N   1 
ATOM   609 C  CA  . ALA A 1 78 ? 9.616   -2.005  -1.117  1.00 17.85  ? 78  ALA A CA  1 
ATOM   610 C  C   . ALA A 1 78 ? 10.181  -1.101  -0.022  1.00 22.95  ? 78  ALA A C   1 
ATOM   611 O  O   . ALA A 1 78 ? 10.799  -1.577  0.927   1.00 24.97  ? 78  ALA A O   1 
ATOM   612 C  CB  . ALA A 1 78 ? 8.534   -2.902  -0.574  1.00 19.95  ? 78  ALA A CB  1 
ATOM   613 N  N   . SER A 1 79 ? 9.982   0.201   -0.168  1.00 15.04  ? 79  SER A N   1 
ATOM   614 C  CA  . SER A 1 79 ? 10.484  1.145   0.789   1.00 13.71  ? 79  SER A CA  1 
ATOM   615 C  C   . SER A 1 79 ? 9.318   1.811   1.506   1.00 18.63  ? 79  SER A C   1 
ATOM   616 O  O   . SER A 1 79 ? 8.338   2.223   0.882   1.00 15.68  ? 79  SER A O   1 
ATOM   617 C  CB  . SER A 1 79 ? 11.357  2.142   0.064   1.00 18.90  ? 79  SER A CB  1 
ATOM   618 O  OG  . SER A 1 79 ? 11.675  3.173   0.965   1.00 37.25  ? 79  SER A OG  1 
ATOM   619 N  N   . PHE A 1 80 ? 9.409   1.901   2.831   1.00 15.60  ? 80  PHE A N   1 
ATOM   620 C  CA  . PHE A 1 80 ? 8.330   2.509   3.620   1.00 15.95  ? 80  PHE A CA  1 
ATOM   621 C  C   . PHE A 1 80 ? 8.856   3.726   4.372   1.00 25.01  ? 80  PHE A C   1 
ATOM   622 O  O   . PHE A 1 80 ? 9.957   3.693   4.885   1.00 25.71  ? 80  PHE A O   1 
ATOM   623 C  CB  . PHE A 1 80 ? 7.794   1.464   4.602   1.00 15.71  ? 80  PHE A CB  1 
ATOM   624 C  CG  . PHE A 1 80 ? 7.238   0.260   3.934   1.00 17.24  ? 80  PHE A CG  1 
ATOM   625 C  CD1 . PHE A 1 80 ? 6.026   0.325   3.255   1.00 19.51  ? 80  PHE A CD1 1 
ATOM   626 C  CD2 . PHE A 1 80 ? 7.914   -0.922  3.947   1.00 16.89  ? 80  PHE A CD2 1 
ATOM   627 C  CE1 . PHE A 1 80 ? 5.483   -0.783  2.627   1.00 19.15  ? 80  PHE A CE1 1 
ATOM   628 C  CE2 . PHE A 1 80 ? 7.382   -2.040  3.306   1.00 21.72  ? 80  PHE A CE2 1 
ATOM   629 C  CZ  . PHE A 1 80 ? 6.169   -1.977  2.647   1.00 19.29  ? 80  PHE A CZ  1 
ATOM   630 N  N   . HIS A 1 81 ? 8.096   4.808   4.441   1.00 23.35  ? 81  HIS A N   1 
ATOM   631 C  CA  . HIS A 1 81 ? 8.580   5.980   5.150   1.00 24.59  ? 81  HIS A CA  1 
ATOM   632 C  C   . HIS A 1 81 ? 7.461   6.668   5.883   1.00 20.79  ? 81  HIS A C   1 
ATOM   633 O  O   . HIS A 1 81 ? 6.290   6.391   5.643   1.00 16.70  ? 81  HIS A O   1 
ATOM   634 C  CB  . HIS A 1 81 ? 9.087   6.997   4.160   1.00 30.80  ? 81  HIS A CB  1 
ATOM   635 C  CG  . HIS A 1 81 ? 10.279  6.538   3.402   1.00 41.03  ? 81  HIS A CG  1 
ATOM   636 N  ND1 . HIS A 1 81 ? 10.234  6.251   2.054   1.00 46.47  ? 81  HIS A ND1 1 
ATOM   637 C  CD2 . HIS A 1 81 ? 11.555  6.313   3.797   1.00 48.34  ? 81  HIS A CD2 1 
ATOM   638 C  CE1 . HIS A 1 81 ? 11.437  5.878   1.649   1.00 48.24  ? 81  HIS A CE1 1 
ATOM   639 N  NE2 . HIS A 1 81 ? 12.256  5.902   2.689   1.00 48.86  ? 81  HIS A NE2 1 
ATOM   640 N  N   . ASN A 1 82 ? 7.844   7.596   6.755   1.00 18.64  ? 82  ASN A N   1 
ATOM   641 C  CA  . ASN A 1 82 ? 6.866   8.391   7.516   1.00 19.09  ? 82  ASN A CA  1 
ATOM   642 C  C   . ASN A 1 82 ? 5.788   7.588   8.240   1.00 22.02  ? 82  ASN A C   1 
ATOM   643 O  O   . ASN A 1 82 ? 4.601   7.939   8.209   1.00 23.81  ? 82  ASN A O   1 
ATOM   644 C  CB  . ASN A 1 82 ? 6.173   9.360   6.563   1.00 21.88  ? 82  ASN A CB  1 
ATOM   645 C  CG  . ASN A 1 82 ? 7.137   10.296  5.897   1.00 55.63  ? 82  ASN A CG  1 
ATOM   646 O  OD1 . ASN A 1 82 ? 8.036   10.841  6.549   1.00 50.37  ? 82  ASN A OD1 1 
ATOM   647 N  ND2 . ASN A 1 82 ? 6.969   10.498  4.594   1.00 57.52  ? 82  ASN A ND2 1 
ATOM   648 N  N   . GLU A 1 83 ? 6.189   6.495   8.870   1.00 15.40  ? 83  GLU A N   1 
ATOM   649 C  CA  . GLU A 1 83 ? 5.199   5.709   9.567   1.00 14.56  ? 83  GLU A CA  1 
ATOM   650 C  C   . GLU A 1 83 ? 4.889   6.530   10.820  1.00 20.72  ? 83  GLU A C   1 
ATOM   651 O  O   . GLU A 1 83 ? 5.810   7.002   11.468  1.00 19.08  ? 83  GLU A O   1 
ATOM   652 C  CB  . GLU A 1 83 ? 5.797   4.370   9.941   1.00 14.22  ? 83  GLU A CB  1 
ATOM   653 C  CG  . GLU A 1 83 ? 4.792   3.517   10.638  1.00 18.78  ? 83  GLU A CG  1 
ATOM   654 C  CD  . GLU A 1 83 ? 5.092   2.033   10.527  1.00 31.38  ? 83  GLU A CD  1 
ATOM   655 O  OE1 . GLU A 1 83 ? 5.866   1.616   9.643   1.00 44.85  ? 83  GLU A OE1 1 
ATOM   656 O  OE2 . GLU A 1 83 ? 4.556   1.282   11.355  1.00 32.93  ? 83  GLU A OE2 1 
ATOM   657 N  N   . LYS A 1 84 ? 3.610   6.699   11.139  1.00 21.08  ? 84  LYS A N   1 
ATOM   658 C  CA  . LYS A 1 84 ? 3.185   7.472   12.310  1.00 21.76  ? 84  LYS A CA  1 
ATOM   659 C  C   . LYS A 1 84 ? 1.898   6.898   12.877  1.00 19.87  ? 84  LYS A C   1 
ATOM   660 O  O   . LYS A 1 84 ? 1.167   6.200   12.195  1.00 15.83  ? 84  LYS A O   1 
ATOM   661 C  CB  . LYS A 1 84 ? 2.882   8.922   11.905  1.00 26.50  ? 84  LYS A CB  1 
ATOM   662 C  CG  . LYS A 1 84 ? 4.058   9.658   11.314  1.00 69.01  ? 84  LYS A CG  1 
ATOM   663 C  CD  . LYS A 1 84 ? 5.048   10.169  12.386  1.00 86.03  ? 84  LYS A CD  1 
ATOM   664 C  CE  . LYS A 1 84 ? 5.560   9.062   13.331  1.00 74.57  ? 84  LYS A CE  1 
ATOM   665 N  NZ  . LYS A 1 84 ? 7.035   8.672   13.264  1.00 30.57  ? 84  LYS A NZ  1 
ATOM   666 N  N   . VAL A 1 85 ? 1.622   7.220   14.140  1.00 16.46  ? 85  VAL A N   1 
ATOM   667 C  CA  . VAL A 1 85 ? 0.400   6.770   14.798  1.00 16.60  ? 85  VAL A CA  1 
ATOM   668 C  C   . VAL A 1 85 ? -0.580  7.933   14.578  1.00 19.28  ? 85  VAL A C   1 
ATOM   669 O  O   . VAL A 1 85 ? -0.163  9.104   14.572  1.00 18.38  ? 85  VAL A O   1 
ATOM   670 C  CB  . VAL A 1 85 ? 0.625   6.605   16.320  1.00 19.80  ? 85  VAL A CB  1 
ATOM   671 C  CG1 . VAL A 1 85 ? -0.718  6.429   17.019  1.00 20.58  ? 85  VAL A CG1 1 
ATOM   672 C  CG2 . VAL A 1 85 ? 1.461   5.392   16.542  1.00 19.47  ? 85  VAL A CG2 1 
ATOM   673 N  N   . ILE A 1 86 ? -1.856  7.615   14.374  1.00 16.93  ? 86  ILE A N   1 
ATOM   674 C  CA  . ILE A 1 86 ? -2.861  8.648   14.134  1.00 16.24  ? 86  ILE A CA  1 
ATOM   675 C  C   . ILE A 1 86 ? -4.103  8.289   14.929  1.00 21.85  ? 86  ILE A C   1 
ATOM   676 O  O   . ILE A 1 86 ? -4.298  7.133   15.265  1.00 19.75  ? 86  ILE A O   1 
ATOM   677 C  CB  . ILE A 1 86 ? -3.240  8.710   12.634  1.00 18.76  ? 86  ILE A CB  1 
ATOM   678 C  CG1 . ILE A 1 86 ? -3.802  7.355   12.184  1.00 19.92  ? 86  ILE A CG1 1 
ATOM   679 C  CG2 . ILE A 1 86 ? -2.016  9.139   11.774  1.00 21.18  ? 86  ILE A CG2 1 
ATOM   680 C  CD1 . ILE A 1 86 ? -4.200  7.286   10.727  1.00 23.77  ? 86  ILE A CD1 1 
ATOM   681 N  N   . VAL A 1 87 ? -4.952  9.277   15.220  1.00 23.61  ? 87  VAL A N   1 
ATOM   682 C  CA  . VAL A 1 87 ? -6.174  9.030   16.000  1.00 26.21  ? 87  VAL A CA  1 
ATOM   683 C  C   . VAL A 1 87 ? -7.405  8.850   15.134  1.00 27.98  ? 87  VAL A C   1 
ATOM   684 O  O   . VAL A 1 87 ? -8.379  8.238   15.549  1.00 28.02  ? 87  VAL A O   1 
ATOM   685 C  CB  . VAL A 1 87 ? -6.442  10.198  17.040  1.00 33.33  ? 87  VAL A CB  1 
ATOM   686 C  CG1 . VAL A 1 87 ? -5.234  10.398  17.929  1.00 33.58  ? 87  VAL A CG1 1 
ATOM   687 C  CG2 . VAL A 1 87 ? -6.731  11.515  16.348  1.00 33.40  ? 87  VAL A CG2 1 
ATOM   688 N  N   . LYS A 1 88 ? -7.339  9.412   13.933  1.00 24.20  ? 88  LYS A N   1 
ATOM   689 C  CA  . LYS A 1 88 ? -8.441  9.336   12.976  1.00 26.17  ? 88  LYS A CA  1 
ATOM   690 C  C   . LYS A 1 88 ? -7.884  9.103   11.568  1.00 24.65  ? 88  LYS A C   1 
ATOM   691 O  O   . LYS A 1 88 ? -6.765  9.486   11.259  1.00 22.45  ? 88  LYS A O   1 
ATOM   692 C  CB  . LYS A 1 88 ? -9.208  10.667  12.945  1.00 28.18  ? 88  LYS A CB  1 
ATOM   693 C  CG  . LYS A 1 88 ? -10.642 10.499  12.505  1.00 64.77  ? 88  LYS A CG  1 
ATOM   694 C  CD  . LYS A 1 88 ? -11.408 11.805  12.591  1.00 85.93  ? 88  LYS A CD  1 
ATOM   695 C  CE  . LYS A 1 88 ? -10.675 12.813  13.477  1.00 100.00 ? 88  LYS A CE  1 
ATOM   696 N  NZ  . LYS A 1 88 ? -11.611 13.772  14.162  1.00 100.00 ? 88  LYS A NZ  1 
ATOM   697 N  N   . LEU A 1 89 ? -8.690  8.496   10.717  1.00 21.90  ? 89  LEU A N   1 
ATOM   698 C  CA  . LEU A 1 89 ? -8.239  8.242   9.359   1.00 20.22  ? 89  LEU A CA  1 
ATOM   699 C  C   . LEU A 1 89 ? -8.437  9.479   8.552   1.00 27.42  ? 89  LEU A C   1 
ATOM   700 O  O   . LEU A 1 89 ? -9.459  10.140  8.733   1.00 30.10  ? 89  LEU A O   1 
ATOM   701 C  CB  . LEU A 1 89 ? -9.147  7.211   8.726   1.00 19.21  ? 89  LEU A CB  1 
ATOM   702 C  CG  . LEU A 1 89 ? -9.191  5.853   9.390   1.00 24.85  ? 89  LEU A CG  1 
ATOM   703 C  CD1 . LEU A 1 89 ? -10.225 5.049   8.647   1.00 26.83  ? 89  LEU A CD1 1 
ATOM   704 C  CD2 . LEU A 1 89 ? -7.787  5.207   9.311   1.00 25.68  ? 89  LEU A CD2 1 
ATOM   705 N  N   . ASP A 1 90 ? -7.504  9.784   7.648   1.00 20.80  ? 90  ASP A N   1 
ATOM   706 C  CA  . ASP A 1 90 ? -7.667  10.951  6.796   1.00 20.94  ? 90  ASP A CA  1 
ATOM   707 C  C   . ASP A 1 90 ? -8.525  10.613  5.580   1.00 27.03  ? 90  ASP A C   1 
ATOM   708 O  O   . ASP A 1 90 ? -9.352  11.415  5.147   1.00 29.36  ? 90  ASP A O   1 
ATOM   709 C  CB  . ASP A 1 90 ? -6.349  11.410  6.237   1.00 22.91  ? 90  ASP A CB  1 
ATOM   710 C  CG  . ASP A 1 90 ? -5.453  11.938  7.290   1.00 37.39  ? 90  ASP A CG  1 
ATOM   711 O  OD1 . ASP A 1 90 ? -5.769  13.002  7.837   1.00 37.43  ? 90  ASP A OD1 1 
ATOM   712 O  OD2 . ASP A 1 90 ? -4.431  11.294  7.562   1.00 39.47  ? 90  ASP A OD2 1 
ATOM   713 N  N   . TYR A 1 91 ? -8.304  9.436   5.008   1.00 21.72  ? 91  TYR A N   1 
ATOM   714 C  CA  . TYR A 1 91 ? -9.031  9.020   3.809   1.00 18.93  ? 91  TYR A CA  1 
ATOM   715 C  C   . TYR A 1 91 ? -10.244 8.170   4.096   1.00 21.97  ? 91  TYR A C   1 
ATOM   716 O  O   . TYR A 1 91 ? -10.333 7.532   5.127   1.00 22.50  ? 91  TYR A O   1 
ATOM   717 C  CB  . TYR A 1 91 ? -8.056  8.281   2.869   1.00 17.25  ? 91  TYR A CB  1 
ATOM   718 C  CG  . TYR A 1 91 ? -6.793  9.037   2.624   1.00 15.62  ? 91  TYR A CG  1 
ATOM   719 C  CD1 . TYR A 1 91 ? -6.798  10.172  1.859   1.00 16.83  ? 91  TYR A CD1 1 
ATOM   720 C  CD2 . TYR A 1 91 ? -5.578  8.611   3.156   1.00 15.50  ? 91  TYR A CD2 1 
ATOM   721 C  CE1 . TYR A 1 91 ? -5.640  10.869  1.638   1.00 21.33  ? 91  TYR A CE1 1 
ATOM   722 C  CE2 . TYR A 1 91 ? -4.417  9.317   2.936   1.00 14.46  ? 91  TYR A CE2 1 
ATOM   723 C  CZ  . TYR A 1 91 ? -4.457  10.431  2.177   1.00 14.91  ? 91  TYR A CZ  1 
ATOM   724 O  OH  . TYR A 1 91 ? -3.358  11.168  1.915   1.00 21.82  ? 91  TYR A OH  1 
ATOM   725 N  N   . THR A 1 92 ? -11.193 8.121   3.172   1.00 25.49  ? 92  THR A N   1 
ATOM   726 C  CA  . THR A 1 92 ? -12.381 7.320   3.429   1.00 26.63  ? 92  THR A CA  1 
ATOM   727 C  C   . THR A 1 92 ? -12.433 6.086   2.593   1.00 28.86  ? 92  THR A C   1 
ATOM   728 O  O   . THR A 1 92 ? -13.258 5.215   2.816   1.00 29.47  ? 92  THR A O   1 
ATOM   729 C  CB  . THR A 1 92 ? -13.679 8.121   3.189   1.00 51.34  ? 92  THR A CB  1 
ATOM   730 O  OG1 . THR A 1 92 ? -13.692 8.634   1.847   1.00 59.41  ? 92  THR A OG1 1 
ATOM   731 C  CG2 . THR A 1 92 ? -13.755 9.280   4.164   1.00 55.55  ? 92  THR A CG2 1 
ATOM   732 N  N   . ASP A 1 93 ? -11.535 6.005   1.622   1.00 26.08  ? 93  ASP A N   1 
ATOM   733 C  CA  . ASP A 1 93 ? -11.523 4.832   0.762   1.00 22.13  ? 93  ASP A CA  1 
ATOM   734 C  C   . ASP A 1 93 ? -10.101 4.551   0.272   1.00 16.56  ? 93  ASP A C   1 
ATOM   735 O  O   . ASP A 1 93 ? -9.173  5.285   0.585   1.00 16.25  ? 93  ASP A O   1 
ATOM   736 C  CB  . ASP A 1 93 ? -12.392 5.171   -0.448  1.00 27.20  ? 93  ASP A CB  1 
ATOM   737 C  CG  . ASP A 1 93 ? -12.796 3.943   -1.244  1.00 65.96  ? 93  ASP A CG  1 
ATOM   738 O  OD1 . ASP A 1 93 ? -12.993 2.870   -0.615  1.00 68.97  ? 93  ASP A OD1 1 
ATOM   739 O  OD2 . ASP A 1 93 ? -12.908 4.058   -2.493  1.00 83.03  ? 93  ASP A OD2 1 
ATOM   740 N  N   . PHE A 1 94 ? -9.964  3.503   -0.530  1.00 15.01  ? 94  PHE A N   1 
ATOM   741 C  CA  . PHE A 1 94 ? -8.654  3.174   -1.100  1.00 14.86  ? 94  PHE A CA  1 
ATOM   742 C  C   . PHE A 1 94 ? -8.736  3.522   -2.578  1.00 17.71  ? 94  PHE A C   1 
ATOM   743 O  O   . PHE A 1 94 ? -9.387  2.836   -3.361  1.00 19.41  ? 94  PHE A O   1 
ATOM   744 C  CB  . PHE A 1 94 ? -8.320  1.692   -0.937  1.00 16.05  ? 94  PHE A CB  1 
ATOM   745 C  CG  . PHE A 1 94 ? -6.841  1.464   -0.944  1.00 16.64  ? 94  PHE A CG  1 
ATOM   746 C  CD1 . PHE A 1 94 ? -6.111  1.698   -2.094  1.00 18.48  ? 94  PHE A CD1 1 
ATOM   747 C  CD2 . PHE A 1 94 ? -6.180  1.102   0.216   1.00 17.65  ? 94  PHE A CD2 1 
ATOM   748 C  CE1 . PHE A 1 94 ? -4.734  1.532   -2.097  1.00 19.22  ? 94  PHE A CE1 1 
ATOM   749 C  CE2 . PHE A 1 94 ? -4.810  0.935   0.230   1.00 20.57  ? 94  PHE A CE2 1 
ATOM   750 C  CZ  . PHE A 1 94 ? -4.085  1.152   -0.929  1.00 19.81  ? 94  PHE A CZ  1 
ATOM   751 N  N   . GLN A 1 95 ? -8.070  4.590   -2.968  1.00 17.22  ? 95  GLN A N   1 
ATOM   752 C  CA  . GLN A 1 95 ? -8.155  5.034   -4.353  1.00 16.62  ? 95  GLN A CA  1 
ATOM   753 C  C   . GLN A 1 95 ? -7.070  4.602   -5.264  1.00 17.39  ? 95  GLN A C   1 
ATOM   754 O  O   . GLN A 1 95 ? -5.926  4.435   -4.835  1.00 15.03  ? 95  GLN A O   1 
ATOM   755 C  CB  . GLN A 1 95 ? -7.801  6.532   -4.365  1.00 18.65  ? 95  GLN A CB  1 
ATOM   756 C  CG  . GLN A 1 95 ? -8.851  7.555   -4.059  1.00 31.89  ? 95  GLN A CG  1 
ATOM   757 C  CD  . GLN A 1 95 ? -8.222  8.957   -4.024  1.00 37.71  ? 95  GLN A CD  1 
ATOM   758 O  OE1 . GLN A 1 95 ? -7.622  9.365   -3.022  1.00 33.81  ? 95  GLN A OE1 1 
ATOM   759 N  NE2 . GLN A 1 95 ? -8.262  9.643   -5.151  1.00 26.83  ? 95  GLN A NE2 1 
ATOM   760 N  N   . ILE A 1 96 ? -7.409  4.561   -6.545  1.00 13.60  ? 96  ILE A N   1 
ATOM   761 C  CA  . ILE A 1 96 ? -6.398  4.342   -7.563  1.00 12.74  ? 96  ILE A CA  1 
ATOM   762 C  C   . ILE A 1 96 ? -6.298  5.773   -8.136  1.00 16.54  ? 96  ILE A C   1 
ATOM   763 O  O   . ILE A 1 96 ? -7.257  6.313   -8.660  1.00 19.64  ? 96  ILE A O   1 
ATOM   764 C  CB  . ILE A 1 96 ? -6.810  3.418   -8.700  1.00 14.60  ? 96  ILE A CB  1 
ATOM   765 C  CG1 . ILE A 1 96 ? -6.755  1.979   -8.206  1.00 15.45  ? 96  ILE A CG1 1 
ATOM   766 C  CG2 . ILE A 1 96 ? -5.778  3.577   -9.813  1.00 14.09  ? 96  ILE A CG2 1 
ATOM   767 C  CD1 . ILE A 1 96 ? -7.235  0.966   -9.241  1.00 20.41  ? 96  ILE A CD1 1 
ATOM   768 N  N   . VAL A 1 97 ? -5.143  6.399   -8.025  1.00 13.65  ? 97  VAL A N   1 
ATOM   769 C  CA  . VAL A 1 97 ? -4.908  7.757   -8.502  1.00 14.85  ? 97  VAL A CA  1 
ATOM   770 C  C   . VAL A 1 97 ? -4.306  7.730   -9.912  1.00 26.50  ? 97  VAL A C   1 
ATOM   771 O  O   . VAL A 1 97 ? -3.256  7.137   -10.154 1.00 23.77  ? 97  VAL A O   1 
ATOM   772 C  CB  . VAL A 1 97 ? -3.940  8.539   -7.569  1.00 18.10  ? 97  VAL A CB  1 
ATOM   773 C  CG1 . VAL A 1 97 ? -3.692  9.935   -8.101  1.00 20.24  ? 97  VAL A CG1 1 
ATOM   774 C  CG2 . VAL A 1 97 ? -4.466  8.604   -6.112  1.00 17.36  ? 97  VAL A CG2 1 
ATOM   775 N  N   . LYS A 1 98 ? -4.999  8.426   -10.805 1.00 28.02  ? 98  LYS A N   1 
ATOM   776 C  CA  . LYS A 1 98 ? -4.668  8.558   -12.225 1.00 40.08  ? 98  LYS A CA  1 
ATOM   777 C  C   . LYS A 1 98 ? -4.468  9.991   -12.648 1.00 62.70  ? 98  LYS A C   1 
ATOM   778 O  O   . LYS A 1 98 ? -3.663  10.163  -13.588 1.00 73.18  ? 98  LYS A O   1 
ATOM   779 C  CB  . LYS A 1 98 ? -5.918  8.183   -12.992 1.00 46.39  ? 98  LYS A CB  1 
ATOM   780 C  CG  . LYS A 1 98 ? -5.698  7.131   -14.005 1.00 74.86  ? 98  LYS A CG  1 
ATOM   781 C  CD  . LYS A 1 98 ? -5.753  5.801   -13.326 1.00 81.67  ? 98  LYS A CD  1 
ATOM   782 C  CE  . LYS A 1 98 ? -4.889  4.832   -14.082 1.00 99.06  ? 98  LYS A CE  1 
ATOM   783 N  NZ  . LYS A 1 98 ? -5.475  3.462   -14.081 1.00 99.50  ? 98  LYS A NZ  1 
ATOM   784 O  OXT . LYS A 1 98 ? -5.241  10.830  -12.114 1.00 72.31  ? 98  LYS A OXT 1 
HETATM 785 S  S   . SO4 B 2 .  ? -3.281  -1.321  -13.447 1.00 21.61  ? 100 SO4 A S   1 
HETATM 786 O  O1  . SO4 B 2 .  ? -4.113  -0.190  -13.766 1.00 25.02  ? 100 SO4 A O1  1 
HETATM 787 O  O2  . SO4 B 2 .  ? -1.995  -0.829  -12.907 1.00 20.54  ? 100 SO4 A O2  1 
HETATM 788 O  O3  . SO4 B 2 .  ? -3.031  -2.080  -14.669 1.00 36.63  ? 100 SO4 A O3  1 
HETATM 789 O  O4  . SO4 B 2 .  ? -3.948  -2.192  -12.478 1.00 15.28  ? 100 SO4 A O4  1 
HETATM 790 S  S   . SO4 C 2 .  ? -3.523  -12.547 1.244   0.50 20.73  ? 101 SO4 A S   1 
HETATM 791 O  O1  . SO4 C 2 .  ? -4.296  -13.777 1.208   0.50 36.45  ? 101 SO4 A O1  1 
HETATM 792 O  O2  . SO4 C 2 .  ? -4.400  -11.444 1.652   0.50 27.33  ? 101 SO4 A O2  1 
HETATM 793 O  O3  . SO4 C 2 .  ? -2.942  -12.253 -0.082  0.50 15.08  ? 101 SO4 A O3  1 
HETATM 794 O  O4  . SO4 C 2 .  ? -2.473  -12.696 2.204   0.50 19.19  ? 101 SO4 A O4  1 
HETATM 795 CL CL  . CL  D 3 .  ? 0.518   -2.356  -13.200 1.00 39.97  ? 102 CL  A CL  1 
HETATM 796 O  O   . HOH E 4 .  ? -0.557  -9.571  -12.884 1.00 17.68  ? 103 HOH A O   1 
HETATM 797 O  O   . HOH E 4 .  ? 10.393  0.064   -10.361 1.00 13.78  ? 104 HOH A O   1 
HETATM 798 O  O   . HOH E 4 .  ? -1.501  6.106   -11.476 1.00 14.94  ? 105 HOH A O   1 
HETATM 799 O  O   . HOH E 4 .  ? -4.552  5.123   17.289  1.00 26.60  ? 106 HOH A O   1 
HETATM 800 O  O   . HOH E 4 .  ? 1.345   -0.182  -11.443 1.00 18.07  ? 107 HOH A O   1 
HETATM 801 O  O   . HOH E 4 .  ? -10.186 4.985   -7.246  1.00 31.58  ? 108 HOH A O   1 
HETATM 802 O  O   . HOH E 4 .  ? 3.860   7.915   -0.952  1.00 37.70  ? 109 HOH A O   1 
HETATM 803 O  O   . HOH E 4 .  ? 0.719   12.222  -5.929  1.00 34.62  ? 110 HOH A O   1 
HETATM 804 O  O   . HOH E 4 .  ? 2.344   8.324   6.687   1.00 22.30  ? 111 HOH A O   1 
HETATM 805 O  O   . HOH E 4 .  ? -4.404  2.655   -17.492 1.00 37.03  ? 112 HOH A O   1 
HETATM 806 O  O   . HOH E 4 .  ? -5.366  -10.857 -13.392 1.00 31.41  ? 113 HOH A O   1 
HETATM 807 O  O   . HOH E 4 .  ? 11.615  0.591   4.263   1.00 36.17  ? 114 HOH A O   1 
HETATM 808 O  O   . HOH E 4 .  ? -5.524  -8.356  -4.509  1.00 20.25  ? 115 HOH A O   1 
HETATM 809 O  O   . HOH E 4 .  ? 5.239   -10.727 -7.223  1.00 33.84  ? 116 HOH A O   1 
HETATM 810 O  O   . HOH E 4 .  ? -11.364 -6.319  -2.527  1.00 36.87  ? 117 HOH A O   1 
HETATM 811 O  O   . HOH E 4 .  ? -2.895  -10.861 -14.382 1.00 41.71  ? 118 HOH A O   1 
HETATM 812 O  O   . HOH E 4 .  ? 10.933  12.754  -14.855 1.00 65.28  ? 119 HOH A O   1 
HETATM 813 O  O   . HOH E 4 .  ? -10.461 -1.434  9.268   1.00 60.96  ? 120 HOH A O   1 
HETATM 814 O  O   . HOH E 4 .  ? -3.907  -10.470 -3.663  1.00 36.55  ? 121 HOH A O   1 
HETATM 815 O  O   . HOH E 4 .  ? -7.753  8.073   -0.682  1.00 26.56  ? 122 HOH A O   1 
HETATM 816 O  O   . HOH E 4 .  ? -15.850 11.108  4.611   1.00 43.99  ? 123 HOH A O   1 
HETATM 817 O  O   . HOH E 4 .  ? 10.867  5.790   -1.644  1.00 30.24  ? 124 HOH A O   1 
HETATM 818 O  O   . HOH E 4 .  ? -10.898 6.724   11.947  1.00 37.02  ? 125 HOH A O   1 
HETATM 819 O  O   . HOH E 4 .  ? -12.317 12.132  4.642   1.00 47.99  ? 126 HOH A O   1 
HETATM 820 O  O   . HOH E 4 .  ? 18.075  -3.214  -4.118  1.00 53.34  ? 127 HOH A O   1 
HETATM 821 O  O   . HOH E 4 .  ? -9.836  -3.078  -7.220  1.00 37.31  ? 128 HOH A O   1 
HETATM 822 O  O   . HOH E 4 .  ? 11.931  -4.770  0.126   1.00 38.88  ? 129 HOH A O   1 
HETATM 823 O  O   . HOH E 4 .  ? 2.725   -12.567 -7.401  1.00 52.69  ? 130 HOH A O   1 
HETATM 824 O  O   . HOH E 4 .  ? 6.382   -10.152 -15.366 1.00 56.33  ? 131 HOH A O   1 
HETATM 825 O  O   . HOH E 4 .  ? 11.434  2.590   -13.259 1.00 37.72  ? 132 HOH A O   1 
HETATM 826 O  O   . HOH E 4 .  ? 0.492   0.287   -15.154 1.00 26.97  ? 133 HOH A O   1 
HETATM 827 O  O   . HOH E 4 .  ? 15.343  4.531   -4.728  1.00 38.15  ? 134 HOH A O   1 
HETATM 828 O  O   . HOH E 4 .  ? -1.116  -15.126 1.752   1.00 36.20  ? 135 HOH A O   1 
HETATM 829 O  O   . HOH E 4 .  ? -13.703 -4.695  -11.185 1.00 37.76  ? 136 HOH A O   1 
HETATM 830 O  O   . HOH E 4 .  ? -0.765  11.969  5.254   1.00 43.06  ? 137 HOH A O   1 
HETATM 831 O  O   . HOH E 4 .  ? 1.775   12.612  0.767   1.00 49.65  ? 138 HOH A O   1 
HETATM 832 O  O   . HOH E 4 .  ? -7.635  -9.408  -6.280  1.00 40.38  ? 139 HOH A O   1 
HETATM 833 O  O   . HOH E 4 .  ? 12.783  6.938   -4.445  1.00 50.60  ? 140 HOH A O   1 
HETATM 834 O  O   . HOH E 4 .  ? 2.633   9.896   -12.748 1.00 56.75  ? 141 HOH A O   1 
HETATM 835 O  O   . HOH E 4 .  ? -3.974  11.581  14.363  1.00 58.52  ? 142 HOH A O   1 
HETATM 836 O  O   . HOH E 4 .  ? 3.014   7.706   -15.042 1.00 61.14  ? 143 HOH A O   1 
HETATM 837 O  O   . HOH E 4 .  ? -7.810  -7.735  -8.722  1.00 39.74  ? 144 HOH A O   1 
HETATM 838 O  O   . HOH E 4 .  ? 7.281   5.330   -15.433 1.00 52.70  ? 145 HOH A O   1 
HETATM 839 O  O   . HOH E 4 .  ? 2.101   0.613   -18.409 1.00 46.99  ? 146 HOH A O   1 
HETATM 840 O  O   . HOH E 4 .  ? 7.656   8.076   -3.319  1.00 53.00  ? 147 HOH A O   1 
HETATM 841 O  O   . HOH E 4 .  ? -11.297 0.440   2.412   1.00 41.15  ? 148 HOH A O   1 
HETATM 842 O  O   . HOH E 4 .  ? -0.779  -11.926 -6.688  1.00 52.01  ? 149 HOH A O   1 
HETATM 843 O  O   . HOH E 4 .  ? 9.960   8.318   -7.328  1.00 38.25  ? 150 HOH A O   1 
HETATM 844 O  O   . HOH E 4 .  ? 10.110  15.099  -14.721 1.00 62.73  ? 151 HOH A O   1 
HETATM 845 O  O   . HOH E 4 .  ? -8.872  -10.022 -10.442 1.00 52.46  ? 152 HOH A O   1 
HETATM 846 O  O   . HOH E 4 .  ? -12.229 -7.312  -10.934 1.00 61.64  ? 153 HOH A O   1 
HETATM 847 O  O   . HOH E 4 .  ? -1.834  7.390   -13.792 1.00 52.41  ? 154 HOH A O   1 
HETATM 848 O  O   . HOH E 4 .  ? 5.875   10.967  -10.068 1.00 66.44  ? 155 HOH A O   1 
HETATM 849 O  O   . HOH E 4 .  ? 13.817  4.804   -1.340  1.00 58.93  ? 156 HOH A O   1 
HETATM 850 O  O   . HOH E 4 .  ? -13.008 -8.732  3.546   1.00 59.09  ? 157 HOH A O   1 
HETATM 851 O  O   . HOH E 4 .  ? -5.296  -14.010 -8.384  1.00 74.49  ? 158 HOH A O   1 
HETATM 852 O  O   . HOH E 4 .  ? -8.053  15.245  7.268   1.00 42.51  ? 159 HOH A O   1 
HETATM 853 O  O   . HOH E 4 .  ? 11.064  4.815   7.538   1.00 52.29  ? 160 HOH A O   1 
HETATM 854 O  O   . HOH E 4 .  ? 2.309   -15.438 -9.313  1.00 49.43  ? 161 HOH A O   1 
HETATM 855 O  O   . HOH E 4 .  ? -0.843  9.980   -11.998 1.00 47.21  ? 162 HOH A O   1 
HETATM 856 O  O   . HOH E 4 .  ? -4.542  12.174  -15.839 1.00 66.04  ? 163 HOH A O   1 
HETATM 857 O  O   . HOH E 4 .  ? 6.538   7.215   -0.845  1.00 39.72  ? 164 HOH A O   1 
HETATM 858 O  O   . HOH E 4 .  ? -1.362  -0.559  -16.337 1.00 49.89  ? 165 HOH A O   1 
HETATM 859 O  O   . HOH E 4 .  ? -8.009  11.149  -7.936  1.00 48.81  ? 166 HOH A O   1 
HETATM 860 O  O   . HOH E 4 .  ? 2.694   -3.896  20.351  1.00 39.61  ? 167 HOH A O   1 
HETATM 861 O  O   . HOH E 4 .  ? -5.541  16.424  5.583   1.00 39.69  ? 168 HOH A O   1 
HETATM 862 O  O   . HOH E 4 .  ? -2.727  5.519   -16.242 1.00 54.89  ? 169 HOH A O   1 
HETATM 863 O  O   . HOH E 4 .  ? -10.580 13.775  6.682   1.00 50.57  ? 170 HOH A O   1 
HETATM 864 O  O   . HOH E 4 .  ? 14.982  -3.829  0.493   1.00 58.89  ? 171 HOH A O   1 
HETATM 865 O  O   . HOH E 4 .  ? 13.732  -1.204  1.828   1.00 47.99  ? 172 HOH A O   1 
HETATM 866 O  O   . HOH E 4 .  ? -7.061  -9.439  -2.473  1.00 51.61  ? 173 HOH A O   1 
HETATM 867 O  O   . HOH E 4 .  ? -9.951  -5.925  -9.129  1.00 61.68  ? 174 HOH A O   1 
HETATM 868 O  O   . HOH E 4 .  ? -11.909 9.131   9.971   1.00 59.09  ? 175 HOH A O   1 
HETATM 869 O  O   . HOH E 4 .  ? -13.026 -2.862  -8.783  1.00 60.85  ? 176 HOH A O   1 
HETATM 870 O  O   . HOH E 4 .  ? -6.096  1.162   -13.101 1.00 41.74  ? 177 HOH A O   1 
# 
